data_6U6Z
#
_entry.id   6U6Z
#
_cell.length_a   81.610
_cell.length_b   94.670
_cell.length_c   96.320
_cell.angle_alpha   72.900
_cell.angle_beta   70.950
_cell.angle_gamma   64.960
#
_symmetry.space_group_name_H-M   'P 1'
#
loop_
_entity.id
_entity.type
_entity.pdbx_description
1 polymer 'Deoxynucleoside triphosphate triphosphohydrolase SAMHD1'
2 polymer 'DNA polymer TG(PST)TCA'
3 non-polymer 'ZINC ION'
4 water water
#
loop_
_entity_poly.entity_id
_entity_poly.type
_entity_poly.pdbx_seq_one_letter_code
_entity_poly.pdbx_strand_id
1 'polypeptide(L)'
;MWSHPQFEKGSGSENLYFQGGGGGKVINDPIHGHIELHPLLVRIIDTPQFQRLRYIKQLGGGYYVFPGASHNRFEHSLGV
GYLAGCLVHALGEKQPELQISERDVLCVQIAGLCHDLGHGPFSHMFDGRFIPLARPEVKWTHEQGSVMMFEHLINSNGIK
PVMEQYGLIPEEDICFIKEQIVGPLESPVEDSLWPYKGRPENKSFLYEIVSNKRNGIDVDKWDYFARDCHHLGIQNNFDY
KRFIKFARVCEVDNELRICARDKEVGNLYDMFHTRNSLHRRAYQHKVGNIIDTMITDAFLKADDYIEITGAGGKKYRIST
AIDDMEAYTKLTDNIFLEILYSTDPKLKDAREILKQIEYRNLFKYVGETQPTGQIKIKREDYESLPKEVASAKPKVLLDV
KLKAEDFIVDVINMDYGMQEKNPIDHVSFYCKTAPNRAIRITKNQVSQLLPEKFAEQLIRVYCKKVDRKSLYAARQYFVQ
WCADRNFTKPQDGDVIAPLITPQKKEWNDSTSVQNPTRLREASKSRVQLFKDDPM
;
A,B,C,D
2 'polydeoxyribonucleotide' (DT)(DG)(PST)(DT)(DC)(DA) E,F,H,G
#
# COMPACT_ATOMS: atom_id res chain seq x y z
N GLY A 24 -20.15 -18.58 10.37
CA GLY A 24 -19.26 -17.82 9.48
C GLY A 24 -17.81 -18.02 9.86
N LYS A 25 -16.88 -17.63 8.98
CA LYS A 25 -15.43 -17.79 9.27
C LYS A 25 -14.65 -16.79 8.43
N VAL A 26 -13.41 -16.53 8.80
CA VAL A 26 -12.52 -15.62 8.04
C VAL A 26 -11.16 -16.31 7.90
N ILE A 27 -10.61 -16.31 6.70
CA ILE A 27 -9.29 -16.89 6.44
C ILE A 27 -8.34 -15.81 5.93
N ASN A 28 -7.16 -15.74 6.52
CA ASN A 28 -6.14 -14.79 6.08
C ASN A 28 -5.32 -15.40 4.95
N ASP A 29 -5.20 -14.67 3.85
CA ASP A 29 -4.50 -15.14 2.68
C ASP A 29 -3.52 -14.06 2.25
N PRO A 30 -2.28 -14.41 1.90
CA PRO A 30 -1.31 -13.36 1.55
C PRO A 30 -1.67 -12.57 0.30
N ILE A 31 -2.44 -13.15 -0.62
CA ILE A 31 -2.80 -12.43 -1.84
C ILE A 31 -3.95 -11.47 -1.58
N HIS A 32 -5.01 -11.96 -0.92
CA HIS A 32 -6.26 -11.24 -0.81
C HIS A 32 -6.55 -10.68 0.57
N GLY A 33 -5.72 -11.01 1.56
CA GLY A 33 -5.95 -10.55 2.93
C GLY A 33 -7.06 -11.36 3.61
N HIS A 34 -8.02 -10.69 4.24
CA HIS A 34 -9.12 -11.39 4.94
C HIS A 34 -10.15 -11.91 3.95
N ILE A 35 -10.42 -13.22 3.98
CA ILE A 35 -11.45 -13.84 3.09
C ILE A 35 -12.63 -14.26 3.96
N GLU A 36 -13.74 -13.53 3.88
CA GLU A 36 -14.92 -13.85 4.68
C GLU A 36 -15.69 -14.98 4.01
N LEU A 37 -15.97 -16.04 4.77
CA LEU A 37 -16.61 -17.23 4.23
C LEU A 37 -17.96 -17.47 4.89
N HIS A 38 -19.02 -17.40 4.09
CA HIS A 38 -20.38 -17.71 4.48
C HIS A 38 -20.39 -19.11 5.10
N PRO A 39 -21.22 -19.34 6.13
CA PRO A 39 -21.21 -20.65 6.80
C PRO A 39 -21.45 -21.84 5.88
N LEU A 40 -22.15 -21.63 4.75
CA LEU A 40 -22.35 -22.72 3.80
C LEU A 40 -21.04 -23.03 3.06
N LEU A 41 -20.26 -22.01 2.72
CA LEU A 41 -18.95 -22.25 2.13
C LEU A 41 -18.03 -22.95 3.12
N VAL A 42 -18.04 -22.51 4.39
CA VAL A 42 -17.25 -23.16 5.43
C VAL A 42 -17.57 -24.64 5.50
N ARG A 43 -18.85 -25.01 5.37
CA ARG A 43 -19.19 -26.43 5.47
C ARG A 43 -18.80 -27.21 4.23
N ILE A 44 -18.69 -26.56 3.07
CA ILE A 44 -18.15 -27.25 1.89
C ILE A 44 -16.64 -27.47 2.03
N ILE A 45 -15.96 -26.49 2.62
CA ILE A 45 -14.51 -26.49 2.70
C ILE A 45 -14.01 -27.52 3.70
N ASP A 46 -14.68 -27.64 4.83
CA ASP A 46 -14.27 -28.59 5.87
C ASP A 46 -14.83 -29.99 5.59
N THR A 47 -14.40 -30.55 4.47
CA THR A 47 -14.71 -31.91 4.06
C THR A 47 -13.43 -32.53 3.54
N PRO A 48 -13.32 -33.86 3.55
CA PRO A 48 -12.12 -34.50 3.00
C PRO A 48 -11.97 -34.28 1.50
N GLN A 49 -13.07 -34.15 0.77
CA GLN A 49 -12.99 -33.93 -0.67
C GLN A 49 -12.36 -32.57 -0.98
N PHE A 50 -12.64 -31.55 -0.15
CA PHE A 50 -12.10 -30.21 -0.39
C PHE A 50 -10.70 -30.08 0.17
N GLN A 51 -10.49 -30.53 1.42
CA GLN A 51 -9.17 -30.44 2.04
C GLN A 51 -8.12 -31.22 1.29
N ARG A 52 -8.53 -32.23 0.51
CA ARG A 52 -7.63 -32.97 -0.37
C ARG A 52 -6.77 -32.02 -1.22
N LEU A 53 -7.27 -30.84 -1.54
CA LEU A 53 -6.57 -29.87 -2.39
C LEU A 53 -5.32 -29.28 -1.73
N ARG A 54 -5.15 -29.48 -0.41
CA ARG A 54 -3.90 -29.15 0.26
C ARG A 54 -2.74 -30.01 -0.20
N TYR A 55 -3.01 -31.14 -0.88
CA TYR A 55 -1.95 -32.12 -1.17
C TYR A 55 -1.65 -32.24 -2.66
N ILE A 56 -2.06 -31.24 -3.43
CA ILE A 56 -1.88 -31.17 -4.88
C ILE A 56 -1.23 -29.82 -5.20
N LYS A 57 0.04 -29.84 -5.59
CA LYS A 57 0.76 -28.62 -5.87
C LYS A 57 0.17 -27.91 -7.08
N GLN A 58 -0.04 -26.60 -6.93
CA GLN A 58 -0.55 -25.78 -8.03
C GLN A 58 0.24 -26.01 -9.32
N LEU A 59 1.56 -25.91 -9.27
CA LEU A 59 2.38 -25.95 -10.48
C LEU A 59 2.93 -27.33 -10.82
N GLY A 60 2.46 -28.39 -10.16
CA GLY A 60 2.91 -29.72 -10.58
C GLY A 60 4.37 -29.89 -10.23
N GLY A 61 5.16 -30.30 -11.21
CA GLY A 61 6.58 -30.42 -11.01
C GLY A 61 7.35 -29.10 -10.99
N GLY A 62 6.68 -27.95 -11.17
CA GLY A 62 7.39 -26.67 -11.17
C GLY A 62 8.13 -26.40 -9.85
N TYR A 63 7.59 -26.88 -8.72
CA TYR A 63 8.28 -26.75 -7.45
C TYR A 63 9.72 -27.22 -7.53
N TYR A 64 10.01 -28.21 -8.37
CA TYR A 64 11.38 -28.73 -8.49
C TYR A 64 12.30 -27.80 -9.27
N VAL A 65 11.75 -26.79 -9.94
CA VAL A 65 12.54 -25.74 -10.56
C VAL A 65 12.42 -24.41 -9.80
N PHE A 66 11.25 -24.14 -9.19
CA PHE A 66 11.01 -22.89 -8.45
C PHE A 66 10.75 -23.23 -6.99
N PRO A 67 11.76 -23.14 -6.12
CA PRO A 67 11.54 -23.50 -4.70
C PRO A 67 10.50 -22.66 -4.01
N GLY A 68 10.16 -21.48 -4.53
CA GLY A 68 9.11 -20.70 -3.89
C GLY A 68 7.70 -21.18 -4.21
N ALA A 69 7.57 -22.07 -5.18
CA ALA A 69 6.26 -22.50 -5.65
C ALA A 69 5.86 -23.83 -4.99
N SER A 70 5.75 -23.78 -3.67
CA SER A 70 5.25 -24.84 -2.83
C SER A 70 3.73 -24.83 -2.72
N HIS A 71 3.07 -23.82 -3.30
CA HIS A 71 1.63 -23.66 -3.08
C HIS A 71 0.84 -24.77 -3.77
N ASN A 72 -0.37 -24.96 -3.26
CA ASN A 72 -1.27 -26.09 -3.54
C ASN A 72 -2.60 -25.54 -4.03
N ARG A 73 -3.45 -26.45 -4.53
CA ARG A 73 -4.72 -26.02 -5.12
C ARG A 73 -5.69 -25.50 -4.07
N PHE A 74 -5.53 -25.93 -2.82
CA PHE A 74 -6.42 -25.48 -1.74
C PHE A 74 -6.46 -23.96 -1.64
N GLU A 75 -5.30 -23.34 -1.44
CA GLU A 75 -5.30 -21.90 -1.22
C GLU A 75 -5.72 -21.14 -2.46
N HIS A 76 -5.40 -21.67 -3.64
CA HIS A 76 -5.84 -21.01 -4.86
C HIS A 76 -7.37 -21.07 -4.99
N SER A 77 -7.99 -22.19 -4.57
CA SER A 77 -9.44 -22.32 -4.71
C SER A 77 -10.17 -21.41 -3.74
N LEU A 78 -9.65 -21.23 -2.53
CA LEU A 78 -10.20 -20.20 -1.65
C LEU A 78 -10.18 -18.84 -2.34
N GLY A 79 -9.11 -18.54 -3.09
CA GLY A 79 -9.00 -17.21 -3.68
C GLY A 79 -9.95 -17.00 -4.84
N VAL A 80 -10.19 -18.07 -5.63
CA VAL A 80 -11.18 -17.99 -6.70
C VAL A 80 -12.57 -17.86 -6.12
N GLY A 81 -12.90 -18.64 -5.09
CA GLY A 81 -14.16 -18.42 -4.39
C GLY A 81 -14.32 -16.98 -3.92
N TYR A 82 -13.28 -16.42 -3.31
CA TYR A 82 -13.32 -15.04 -2.84
C TYR A 82 -13.53 -14.07 -3.98
N LEU A 83 -12.75 -14.23 -5.06
CA LEU A 83 -12.81 -13.29 -6.16
C LEU A 83 -14.14 -13.38 -6.91
N ALA A 84 -14.67 -14.60 -7.09
CA ALA A 84 -15.98 -14.75 -7.72
C ALA A 84 -17.05 -14.02 -6.93
N GLY A 85 -16.97 -14.09 -5.60
CA GLY A 85 -17.92 -13.37 -4.77
C GLY A 85 -17.80 -11.86 -4.91
N CYS A 86 -16.56 -11.33 -4.87
CA CYS A 86 -16.38 -9.89 -5.01
C CYS A 86 -16.95 -9.37 -6.32
N LEU A 87 -16.68 -10.07 -7.43
CA LEU A 87 -17.13 -9.57 -8.73
C LEU A 87 -18.66 -9.63 -8.84
N VAL A 88 -19.27 -10.76 -8.48
CA VAL A 88 -20.72 -10.89 -8.63
C VAL A 88 -21.45 -9.95 -7.67
N HIS A 89 -20.91 -9.74 -6.48
CA HIS A 89 -21.51 -8.79 -5.55
C HIS A 89 -21.35 -7.36 -6.06
N ALA A 90 -20.19 -7.03 -6.64
CA ALA A 90 -19.96 -5.67 -7.14
C ALA A 90 -20.91 -5.33 -8.29
N LEU A 91 -21.07 -6.26 -9.24
CA LEU A 91 -22.06 -6.06 -10.29
C LEU A 91 -23.46 -5.92 -9.70
N GLY A 92 -23.78 -6.76 -8.72
CA GLY A 92 -25.11 -6.71 -8.11
C GLY A 92 -25.41 -5.38 -7.46
N GLU A 93 -24.46 -4.85 -6.68
CA GLU A 93 -24.70 -3.61 -5.95
C GLU A 93 -24.77 -2.39 -6.87
N LYS A 94 -24.07 -2.41 -8.00
CA LYS A 94 -24.07 -1.25 -8.89
C LYS A 94 -25.07 -1.36 -10.03
N GLN A 95 -25.61 -2.54 -10.28
CA GLN A 95 -26.59 -2.75 -11.35
C GLN A 95 -27.73 -3.61 -10.82
N PRO A 96 -28.59 -3.05 -9.97
CA PRO A 96 -29.73 -3.83 -9.46
C PRO A 96 -30.67 -4.35 -10.57
N GLU A 97 -30.57 -3.79 -11.78
CA GLU A 97 -31.41 -4.24 -12.89
C GLU A 97 -31.08 -5.65 -13.35
N LEU A 98 -29.93 -6.19 -12.93
CA LEU A 98 -29.58 -7.57 -13.28
C LEU A 98 -30.25 -8.59 -12.38
N GLN A 99 -30.83 -8.17 -11.25
CA GLN A 99 -31.55 -9.05 -10.34
C GLN A 99 -30.66 -10.16 -9.77
N ILE A 100 -29.47 -9.77 -9.33
CA ILE A 100 -28.52 -10.71 -8.74
C ILE A 100 -28.95 -10.97 -7.31
N SER A 101 -29.29 -12.22 -7.01
CA SER A 101 -29.81 -12.56 -5.69
C SER A 101 -28.67 -12.97 -4.78
N GLU A 102 -28.94 -12.95 -3.48
CA GLU A 102 -27.98 -13.53 -2.54
C GLU A 102 -27.81 -15.03 -2.76
N ARG A 103 -28.81 -15.66 -3.38
CA ARG A 103 -28.67 -17.04 -3.82
C ARG A 103 -27.67 -17.16 -4.96
N ASP A 104 -27.70 -16.21 -5.89
CA ASP A 104 -26.77 -16.21 -7.03
C ASP A 104 -25.34 -16.03 -6.54
N VAL A 105 -25.11 -15.07 -5.65
CA VAL A 105 -23.77 -14.80 -5.12
C VAL A 105 -23.17 -16.07 -4.54
N LEU A 106 -23.95 -16.78 -3.70
CA LEU A 106 -23.47 -18.01 -3.09
C LEU A 106 -23.14 -19.07 -4.12
N CYS A 107 -23.97 -19.22 -5.15
CA CYS A 107 -23.69 -20.22 -6.17
C CYS A 107 -22.41 -19.89 -6.94
N VAL A 108 -22.19 -18.62 -7.24
CA VAL A 108 -20.98 -18.23 -7.95
C VAL A 108 -19.75 -18.39 -7.05
N GLN A 109 -19.88 -18.10 -5.75
CA GLN A 109 -18.81 -18.40 -4.80
C GLN A 109 -18.51 -19.90 -4.72
N ILE A 110 -19.55 -20.72 -4.61
CA ILE A 110 -19.34 -22.17 -4.51
C ILE A 110 -18.61 -22.69 -5.73
N ALA A 111 -19.06 -22.27 -6.92
CA ALA A 111 -18.40 -22.68 -8.15
C ALA A 111 -16.94 -22.25 -8.15
N GLY A 112 -16.65 -21.01 -7.76
CA GLY A 112 -15.26 -20.58 -7.67
C GLY A 112 -14.46 -21.43 -6.71
N LEU A 113 -15.05 -21.78 -5.57
CA LEU A 113 -14.35 -22.61 -4.60
C LEU A 113 -14.08 -24.00 -5.16
N CYS A 114 -15.01 -24.55 -5.93
CA CYS A 114 -15.00 -25.97 -6.24
C CYS A 114 -14.56 -26.28 -7.67
N HIS A 115 -14.25 -25.24 -8.46
CA HIS A 115 -13.87 -25.42 -9.86
C HIS A 115 -12.65 -26.31 -10.04
N ASP A 116 -11.74 -26.37 -9.06
CA ASP A 116 -10.54 -27.19 -9.21
C ASP A 116 -10.57 -28.48 -8.40
N LEU A 117 -11.74 -28.87 -7.86
CA LEU A 117 -11.84 -30.10 -7.08
C LEU A 117 -11.36 -31.33 -7.83
N GLY A 118 -11.36 -31.31 -9.15
CA GLY A 118 -11.08 -32.47 -9.97
C GLY A 118 -9.64 -32.69 -10.36
N HIS A 119 -8.74 -31.80 -9.98
CA HIS A 119 -7.33 -32.01 -10.31
C HIS A 119 -6.81 -33.30 -9.66
N GLY A 120 -5.84 -33.91 -10.33
CA GLY A 120 -5.15 -35.07 -9.81
C GLY A 120 -3.76 -34.69 -9.34
N PRO A 121 -2.96 -35.69 -8.99
CA PRO A 121 -1.59 -35.41 -8.54
C PRO A 121 -0.86 -34.50 -9.52
N PHE A 122 -0.21 -33.46 -8.98
CA PHE A 122 0.57 -32.53 -9.79
C PHE A 122 -0.27 -31.80 -10.85
N SER A 123 -1.56 -31.60 -10.56
CA SER A 123 -2.45 -30.76 -11.36
C SER A 123 -2.46 -31.10 -12.85
N HIS A 124 -2.08 -30.14 -13.72
CA HIS A 124 -2.24 -30.31 -15.16
C HIS A 124 -1.41 -31.45 -15.75
N MET A 125 -0.32 -31.86 -15.08
CA MET A 125 0.36 -33.08 -15.49
C MET A 125 -0.59 -34.28 -15.53
N PHE A 126 -1.55 -34.33 -14.62
CA PHE A 126 -2.31 -35.57 -14.45
C PHE A 126 -3.30 -35.77 -15.60
N ASP A 127 -4.18 -34.80 -15.81
CA ASP A 127 -5.12 -34.89 -16.93
C ASP A 127 -4.47 -34.50 -18.26
N GLY A 128 -3.40 -33.70 -18.24
CA GLY A 128 -2.81 -33.25 -19.49
C GLY A 128 -1.97 -34.33 -20.13
N ARG A 129 -1.38 -35.21 -19.32
CA ARG A 129 -0.35 -36.10 -19.82
C ARG A 129 -0.57 -37.54 -19.34
N PHE A 130 -0.68 -37.75 -18.03
CA PHE A 130 -0.66 -39.10 -17.47
C PHE A 130 -1.85 -39.94 -17.95
N ILE A 131 -3.07 -39.41 -17.80
CA ILE A 131 -4.25 -40.15 -18.25
C ILE A 131 -4.27 -40.37 -19.76
N PRO A 132 -3.95 -39.37 -20.60
CA PRO A 132 -3.80 -39.68 -22.04
C PRO A 132 -2.80 -40.78 -22.34
N LEU A 133 -1.71 -40.89 -21.57
CA LEU A 133 -0.73 -41.93 -21.87
C LEU A 133 -1.12 -43.27 -21.27
N ALA A 134 -1.87 -43.29 -20.16
CA ALA A 134 -2.22 -44.53 -19.49
C ALA A 134 -3.50 -45.12 -20.06
N ARG A 135 -4.47 -44.29 -20.41
CA ARG A 135 -5.73 -44.74 -21.00
C ARG A 135 -6.09 -43.87 -22.20
N PRO A 136 -5.42 -44.10 -23.34
CA PRO A 136 -5.62 -43.21 -24.49
C PRO A 136 -7.07 -43.13 -24.96
N GLU A 137 -7.89 -44.13 -24.63
CA GLU A 137 -9.28 -44.23 -25.04
C GLU A 137 -10.22 -43.40 -24.19
N VAL A 138 -9.82 -43.01 -22.99
CA VAL A 138 -10.74 -42.28 -22.12
C VAL A 138 -10.66 -40.80 -22.44
N LYS A 139 -11.75 -40.10 -22.18
CA LYS A 139 -11.83 -38.65 -22.29
C LYS A 139 -12.03 -38.16 -20.87
N TRP A 140 -10.97 -37.62 -20.27
CA TRP A 140 -10.99 -37.12 -18.91
C TRP A 140 -10.47 -35.68 -18.91
N THR A 141 -11.15 -34.80 -18.18
CA THR A 141 -10.63 -33.47 -17.86
C THR A 141 -10.81 -33.20 -16.37
N HIS A 142 -9.90 -32.42 -15.78
CA HIS A 142 -10.08 -32.08 -14.37
C HIS A 142 -11.43 -31.40 -14.14
N GLU A 143 -11.98 -30.75 -15.16
CA GLU A 143 -13.26 -30.08 -14.99
C GLU A 143 -14.41 -31.09 -14.85
N GLN A 144 -14.41 -32.15 -15.64
CA GLN A 144 -15.33 -33.25 -15.36
C GLN A 144 -15.07 -33.82 -13.99
N GLY A 145 -13.78 -34.00 -13.65
CA GLY A 145 -13.44 -34.41 -12.31
C GLY A 145 -14.04 -33.50 -11.24
N SER A 146 -14.02 -32.18 -11.50
CA SER A 146 -14.51 -31.25 -10.49
C SER A 146 -16.01 -31.43 -10.27
N VAL A 147 -16.76 -31.65 -11.34
CA VAL A 147 -18.19 -31.91 -11.20
C VAL A 147 -18.44 -33.20 -10.41
N MET A 148 -17.78 -34.29 -10.81
CA MET A 148 -17.97 -35.56 -10.11
C MET A 148 -17.56 -35.45 -8.65
N MET A 149 -16.45 -34.76 -8.37
CA MET A 149 -16.01 -34.63 -6.99
C MET A 149 -16.91 -33.68 -6.21
N PHE A 150 -17.44 -32.65 -6.87
CA PHE A 150 -18.39 -31.76 -6.19
C PHE A 150 -19.65 -32.52 -5.78
N GLU A 151 -20.21 -33.30 -6.73
CA GLU A 151 -21.34 -34.17 -6.42
C GLU A 151 -21.01 -35.13 -5.29
N HIS A 152 -19.83 -35.75 -5.33
CA HIS A 152 -19.42 -36.65 -4.26
C HIS A 152 -19.30 -35.91 -2.93
N LEU A 153 -18.81 -34.67 -2.96
CA LEU A 153 -18.70 -33.87 -1.75
C LEU A 153 -20.07 -33.55 -1.19
N ILE A 154 -21.02 -33.19 -2.06
CA ILE A 154 -22.37 -32.86 -1.62
C ILE A 154 -23.00 -34.03 -0.89
N ASN A 155 -22.88 -35.23 -1.47
CA ASN A 155 -23.66 -36.36 -0.99
C ASN A 155 -23.00 -37.05 0.19
N SER A 156 -21.67 -36.96 0.31
CA SER A 156 -20.96 -37.56 1.43
C SER A 156 -20.98 -36.70 2.68
N ASN A 157 -21.42 -35.45 2.61
CA ASN A 157 -21.36 -34.58 3.78
C ASN A 157 -22.68 -33.90 4.11
N GLY A 158 -23.80 -34.36 3.54
CA GLY A 158 -25.11 -33.79 3.77
C GLY A 158 -25.16 -32.29 3.53
N ILE A 159 -24.74 -31.86 2.35
CA ILE A 159 -24.67 -30.43 2.06
C ILE A 159 -26.03 -29.90 1.59
N LYS A 160 -26.80 -30.71 0.86
CA LYS A 160 -28.10 -30.28 0.34
C LYS A 160 -29.02 -29.66 1.39
N PRO A 161 -29.20 -30.25 2.59
CA PRO A 161 -29.99 -29.55 3.62
C PRO A 161 -29.41 -28.20 4.04
N VAL A 162 -28.08 -28.13 4.20
CA VAL A 162 -27.47 -26.86 4.55
C VAL A 162 -27.68 -25.80 3.46
N MET A 163 -27.70 -26.24 2.19
CA MET A 163 -28.05 -25.31 1.11
C MET A 163 -29.45 -24.73 1.31
N GLU A 164 -30.45 -25.59 1.49
CA GLU A 164 -31.84 -25.13 1.66
C GLU A 164 -31.97 -24.23 2.86
N GLN A 165 -31.32 -24.60 3.96
CA GLN A 165 -31.29 -23.73 5.13
C GLN A 165 -30.86 -22.30 4.81
N TYR A 166 -30.03 -22.11 3.78
CA TYR A 166 -29.58 -20.77 3.41
C TYR A 166 -30.21 -20.27 2.11
N GLY A 167 -31.31 -20.86 1.68
CA GLY A 167 -32.07 -20.28 0.59
C GLY A 167 -31.72 -20.79 -0.78
N LEU A 168 -30.79 -21.74 -0.90
CA LEU A 168 -30.49 -22.31 -2.20
C LEU A 168 -31.48 -23.41 -2.53
N ILE A 169 -31.85 -23.50 -3.80
CA ILE A 169 -32.73 -24.56 -4.29
C ILE A 169 -31.85 -25.61 -4.93
N PRO A 170 -31.50 -26.69 -4.22
CA PRO A 170 -30.41 -27.58 -4.69
C PRO A 170 -30.51 -28.05 -6.13
N GLU A 171 -31.68 -28.52 -6.57
CA GLU A 171 -31.80 -29.11 -7.90
C GLU A 171 -31.31 -28.14 -8.98
N GLU A 172 -31.81 -26.90 -8.97
CA GLU A 172 -31.36 -25.91 -9.95
C GLU A 172 -29.96 -25.41 -9.64
N ASP A 173 -29.68 -25.13 -8.37
CA ASP A 173 -28.44 -24.46 -7.99
C ASP A 173 -27.24 -25.37 -8.15
N ILE A 174 -27.39 -26.68 -7.87
CA ILE A 174 -26.31 -27.62 -8.11
C ILE A 174 -26.02 -27.72 -9.60
N CYS A 175 -27.06 -27.72 -10.41
CA CYS A 175 -26.87 -27.66 -11.85
C CYS A 175 -26.14 -26.38 -12.25
N PHE A 176 -26.53 -25.25 -11.66
CA PHE A 176 -25.89 -23.98 -11.97
C PHE A 176 -24.40 -24.02 -11.61
N ILE A 177 -24.08 -24.52 -10.42
CA ILE A 177 -22.69 -24.65 -9.98
C ILE A 177 -21.89 -25.51 -10.96
N LYS A 178 -22.41 -26.68 -11.32
CA LYS A 178 -21.69 -27.59 -12.21
C LYS A 178 -21.44 -26.96 -13.58
N GLU A 179 -22.47 -26.34 -14.16
CA GLU A 179 -22.34 -25.68 -15.46
C GLU A 179 -21.30 -24.56 -15.41
N GLN A 180 -21.22 -23.85 -14.28
CA GLN A 180 -20.20 -22.82 -14.14
C GLN A 180 -18.80 -23.42 -14.20
N ILE A 181 -18.65 -24.70 -13.86
CA ILE A 181 -17.36 -25.34 -13.79
C ILE A 181 -17.01 -26.01 -15.11
N VAL A 182 -17.94 -26.76 -15.68
CA VAL A 182 -17.65 -27.61 -16.82
C VAL A 182 -18.17 -27.08 -18.14
N GLY A 183 -19.05 -26.07 -18.14
CA GLY A 183 -19.69 -25.61 -19.35
C GLY A 183 -21.01 -26.33 -19.60
N PRO A 184 -21.57 -26.17 -20.80
CA PRO A 184 -22.89 -26.72 -21.12
C PRO A 184 -22.86 -28.19 -21.54
N LEU A 193 -28.69 -21.30 -29.76
CA LEU A 193 -29.67 -21.07 -28.69
C LEU A 193 -29.11 -21.39 -27.29
N TRP A 194 -29.79 -20.87 -26.27
CA TRP A 194 -29.34 -20.93 -24.88
C TRP A 194 -29.21 -22.37 -24.40
N PRO A 195 -27.99 -22.84 -24.03
CA PRO A 195 -27.80 -24.26 -23.70
C PRO A 195 -27.81 -24.58 -22.21
N TYR A 196 -27.80 -23.56 -21.35
CA TYR A 196 -27.69 -23.79 -19.93
C TYR A 196 -29.07 -23.94 -19.29
N LYS A 197 -29.11 -24.74 -18.21
CA LYS A 197 -30.35 -25.01 -17.48
C LYS A 197 -30.34 -24.56 -16.03
N GLY A 198 -29.20 -24.12 -15.48
CA GLY A 198 -29.19 -23.63 -14.12
C GLY A 198 -29.66 -22.20 -13.93
N ARG A 199 -29.60 -21.39 -14.97
CA ARG A 199 -30.10 -20.02 -14.91
C ARG A 199 -30.56 -19.61 -16.30
N PRO A 200 -31.57 -18.72 -16.39
CA PRO A 200 -32.06 -18.32 -17.72
C PRO A 200 -31.05 -17.44 -18.45
N GLU A 201 -31.37 -17.08 -19.69
CA GLU A 201 -30.43 -16.32 -20.52
C GLU A 201 -30.22 -14.90 -20.02
N ASN A 202 -31.19 -14.31 -19.30
CA ASN A 202 -31.03 -12.96 -18.79
C ASN A 202 -29.98 -12.86 -17.69
N LYS A 203 -29.44 -13.99 -17.23
CA LYS A 203 -28.30 -13.99 -16.33
C LYS A 203 -27.08 -14.64 -17.00
N SER A 204 -27.00 -14.52 -18.33
CA SER A 204 -25.86 -14.93 -19.15
C SER A 204 -24.52 -14.61 -18.51
N PHE A 205 -24.42 -13.41 -17.95
CA PHE A 205 -23.14 -12.89 -17.47
C PHE A 205 -22.60 -13.65 -16.26
N LEU A 206 -23.45 -14.34 -15.50
CA LEU A 206 -22.95 -15.08 -14.36
C LEU A 206 -22.03 -16.22 -14.77
N TYR A 207 -22.15 -16.71 -16.01
CA TYR A 207 -21.37 -17.84 -16.48
C TYR A 207 -19.99 -17.44 -17.00
N GLU A 208 -19.66 -16.16 -16.99
CA GLU A 208 -18.34 -15.70 -17.40
C GLU A 208 -17.46 -15.35 -16.21
N ILE A 209 -17.93 -15.56 -15.00
CA ILE A 209 -17.19 -15.14 -13.82
C ILE A 209 -16.09 -16.15 -13.48
N VAL A 210 -16.46 -17.41 -13.26
CA VAL A 210 -15.50 -18.40 -12.77
C VAL A 210 -14.64 -18.93 -13.92
N SER A 211 -15.25 -19.17 -15.08
CA SER A 211 -14.54 -19.77 -16.22
C SER A 211 -15.09 -19.21 -17.51
N ASN A 212 -14.30 -18.38 -18.19
CA ASN A 212 -14.69 -17.72 -19.45
C ASN A 212 -13.78 -18.25 -20.56
N LYS A 213 -14.24 -19.27 -21.28
CA LYS A 213 -13.46 -19.78 -22.41
C LYS A 213 -13.51 -18.83 -23.60
N ARG A 214 -14.61 -18.09 -23.76
CA ARG A 214 -14.77 -17.18 -24.89
C ARG A 214 -13.75 -16.05 -24.83
N ASN A 215 -13.72 -15.33 -23.71
CA ASN A 215 -12.89 -14.15 -23.51
C ASN A 215 -11.49 -14.49 -23.04
N GLY A 216 -11.36 -15.43 -22.11
CA GLY A 216 -10.08 -15.72 -21.49
C GLY A 216 -9.75 -14.87 -20.29
N ILE A 217 -10.75 -14.20 -19.70
CA ILE A 217 -10.58 -13.30 -18.56
C ILE A 217 -11.61 -13.70 -17.51
N ASP A 218 -11.19 -14.49 -16.52
CA ASP A 218 -12.07 -14.92 -15.46
C ASP A 218 -11.32 -14.75 -14.13
N VAL A 219 -12.07 -14.89 -13.04
CA VAL A 219 -11.47 -14.77 -11.71
C VAL A 219 -10.51 -15.92 -11.40
N ASP A 220 -10.68 -17.09 -12.02
CA ASP A 220 -9.72 -18.17 -11.82
C ASP A 220 -8.30 -17.71 -12.18
N LYS A 221 -8.15 -17.17 -13.40
CA LYS A 221 -6.85 -16.65 -13.84
C LYS A 221 -6.36 -15.50 -12.97
N TRP A 222 -7.26 -14.65 -12.48
CA TRP A 222 -6.82 -13.55 -11.65
C TRP A 222 -6.15 -14.07 -10.38
N ASP A 223 -6.74 -15.09 -9.75
CA ASP A 223 -6.06 -15.62 -8.58
C ASP A 223 -4.74 -16.25 -8.96
N TYR A 224 -4.73 -17.19 -9.92
CA TYR A 224 -3.48 -17.90 -10.14
C TYR A 224 -2.39 -17.03 -10.75
N PHE A 225 -2.76 -15.95 -11.48
CA PHE A 225 -1.75 -14.98 -11.92
C PHE A 225 -1.10 -14.33 -10.71
N ALA A 226 -1.92 -13.77 -9.82
CA ALA A 226 -1.36 -13.09 -8.67
C ALA A 226 -0.62 -14.07 -7.77
N ARG A 227 -1.20 -15.26 -7.58
CA ARG A 227 -0.61 -16.21 -6.64
C ARG A 227 0.69 -16.77 -7.18
N ASP A 228 0.70 -17.18 -8.45
CA ASP A 228 1.93 -17.69 -9.06
C ASP A 228 3.04 -16.66 -9.03
N CYS A 229 2.72 -15.40 -9.44
CA CYS A 229 3.74 -14.35 -9.40
C CYS A 229 4.31 -14.18 -7.99
N HIS A 230 3.44 -14.27 -6.97
CA HIS A 230 3.87 -14.11 -5.57
C HIS A 230 4.89 -15.18 -5.18
N HIS A 231 4.62 -16.43 -5.55
CA HIS A 231 5.51 -17.53 -5.22
C HIS A 231 6.70 -17.64 -6.13
N LEU A 232 6.62 -17.06 -7.34
CA LEU A 232 7.72 -17.10 -8.29
C LEU A 232 8.58 -15.84 -8.28
N GLY A 233 8.22 -14.82 -7.50
CA GLY A 233 9.00 -13.59 -7.52
C GLY A 233 8.91 -12.80 -8.83
N ILE A 234 7.79 -12.91 -9.53
CA ILE A 234 7.54 -12.17 -10.75
C ILE A 234 6.59 -11.03 -10.39
N GLN A 235 6.92 -9.81 -10.82
CA GLN A 235 6.07 -8.66 -10.52
C GLN A 235 4.80 -8.74 -11.35
N ASN A 236 3.67 -8.52 -10.70
CA ASN A 236 2.37 -8.55 -11.38
C ASN A 236 1.73 -7.18 -11.18
N ASN A 237 1.61 -6.40 -12.25
CA ASN A 237 1.05 -5.06 -12.16
C ASN A 237 -0.46 -5.04 -12.40
N PHE A 238 -1.08 -6.17 -12.72
CA PHE A 238 -2.52 -6.19 -12.90
C PHE A 238 -3.18 -5.99 -11.55
N ASP A 239 -4.06 -4.99 -11.47
CA ASP A 239 -4.75 -4.62 -10.23
C ASP A 239 -6.19 -5.10 -10.40
N TYR A 240 -6.50 -6.27 -9.82
CA TYR A 240 -7.81 -6.88 -10.07
C TYR A 240 -8.93 -6.16 -9.34
N LYS A 241 -8.67 -5.66 -8.14
CA LYS A 241 -9.71 -4.97 -7.38
C LYS A 241 -10.23 -3.78 -8.17
N ARG A 242 -9.32 -3.01 -8.75
CA ARG A 242 -9.69 -1.88 -9.57
C ARG A 242 -10.48 -2.35 -10.80
N PHE A 243 -10.08 -3.47 -11.39
CA PHE A 243 -10.83 -3.98 -12.53
C PHE A 243 -12.25 -4.37 -12.13
N ILE A 244 -12.41 -5.01 -10.96
CA ILE A 244 -13.74 -5.36 -10.46
C ILE A 244 -14.57 -4.11 -10.18
N LYS A 245 -13.92 -3.09 -9.60
CA LYS A 245 -14.60 -1.83 -9.32
C LYS A 245 -15.25 -1.24 -10.57
N PHE A 246 -14.58 -1.35 -11.71
CA PHE A 246 -15.05 -0.71 -12.92
C PHE A 246 -15.70 -1.67 -13.90
N ALA A 247 -15.97 -2.91 -13.48
CA ALA A 247 -16.63 -3.84 -14.37
C ALA A 247 -18.13 -3.56 -14.39
N ARG A 248 -18.74 -3.71 -15.57
CA ARG A 248 -20.17 -3.51 -15.74
C ARG A 248 -20.71 -4.54 -16.72
N VAL A 249 -21.98 -4.94 -16.55
CA VAL A 249 -22.67 -5.76 -17.54
C VAL A 249 -23.33 -4.86 -18.57
N CYS A 250 -23.02 -5.09 -19.85
CA CYS A 250 -23.61 -4.36 -20.98
C CYS A 250 -24.02 -5.33 -22.06
N GLU A 251 -25.01 -4.94 -22.86
CA GLU A 251 -25.47 -5.77 -23.97
C GLU A 251 -24.48 -5.64 -25.13
N VAL A 252 -23.92 -6.77 -25.55
CA VAL A 252 -22.97 -6.83 -26.66
C VAL A 252 -23.52 -7.86 -27.63
N ASP A 253 -23.98 -7.39 -28.80
CA ASP A 253 -24.56 -8.25 -29.83
C ASP A 253 -25.60 -9.20 -29.25
N ASN A 254 -26.66 -8.61 -28.71
CA ASN A 254 -27.84 -9.31 -28.21
C ASN A 254 -27.58 -10.19 -27.00
N GLU A 255 -26.39 -10.11 -26.39
CA GLU A 255 -26.13 -10.86 -25.16
C GLU A 255 -25.52 -9.96 -24.09
N LEU A 256 -26.00 -10.14 -22.86
CA LEU A 256 -25.48 -9.41 -21.71
C LEU A 256 -24.13 -9.99 -21.32
N ARG A 257 -23.08 -9.17 -21.37
CA ARG A 257 -21.73 -9.63 -21.10
C ARG A 257 -20.99 -8.62 -20.22
N ILE A 258 -20.05 -9.14 -19.41
CA ILE A 258 -19.28 -8.30 -18.51
C ILE A 258 -18.28 -7.47 -19.31
N CYS A 259 -18.22 -6.17 -19.01
CA CYS A 259 -17.40 -5.24 -19.78
C CYS A 259 -16.53 -4.41 -18.86
N ALA A 260 -15.36 -4.03 -19.36
CA ALA A 260 -14.42 -3.22 -18.60
C ALA A 260 -14.50 -1.76 -19.06
N ARG A 261 -14.36 -0.84 -18.10
CA ARG A 261 -14.26 0.57 -18.44
C ARG A 261 -13.11 0.78 -19.42
N ASP A 262 -13.30 1.71 -20.37
CA ASP A 262 -12.32 1.87 -21.43
C ASP A 262 -10.95 2.31 -20.91
N LYS A 263 -10.91 3.05 -19.81
CA LYS A 263 -9.65 3.51 -19.23
C LYS A 263 -8.91 2.41 -18.47
N GLU A 264 -9.49 1.23 -18.36
CA GLU A 264 -8.78 0.12 -17.77
C GLU A 264 -7.89 -0.60 -18.77
N VAL A 265 -7.78 -0.07 -19.99
CA VAL A 265 -6.97 -0.72 -21.01
C VAL A 265 -5.51 -0.87 -20.58
N GLY A 266 -4.99 0.07 -19.79
CA GLY A 266 -3.63 -0.07 -19.31
C GLY A 266 -3.49 -1.17 -18.27
N ASN A 267 -4.48 -1.31 -17.40
CA ASN A 267 -4.49 -2.42 -16.46
C ASN A 267 -4.63 -3.74 -17.20
N LEU A 268 -5.40 -3.78 -18.29
CA LEU A 268 -5.55 -5.01 -19.07
C LEU A 268 -4.27 -5.39 -19.77
N TYR A 269 -3.56 -4.41 -20.33
CA TYR A 269 -2.20 -4.67 -20.82
C TYR A 269 -1.37 -5.35 -19.74
N ASP A 270 -1.45 -4.87 -18.49
CA ASP A 270 -0.63 -5.43 -17.43
C ASP A 270 -1.02 -6.88 -17.15
N MET A 271 -2.29 -7.22 -17.31
CA MET A 271 -2.72 -8.59 -17.13
C MET A 271 -2.15 -9.48 -18.23
N PHE A 272 -2.23 -9.03 -19.47
CA PHE A 272 -1.70 -9.83 -20.56
C PHE A 272 -0.19 -9.97 -20.48
N HIS A 273 0.51 -8.93 -19.99
CA HIS A 273 1.95 -9.06 -19.80
C HIS A 273 2.29 -10.06 -18.68
N THR A 274 1.46 -10.13 -17.65
CA THR A 274 1.68 -11.10 -16.58
C THR A 274 1.41 -12.51 -17.10
N ARG A 275 0.26 -12.71 -17.75
CA ARG A 275 -0.03 -13.95 -18.43
C ARG A 275 1.14 -14.41 -19.30
N ASN A 276 1.65 -13.50 -20.15
CA ASN A 276 2.74 -13.85 -21.04
C ASN A 276 3.99 -14.24 -20.27
N SER A 277 4.33 -13.45 -19.24
CA SER A 277 5.53 -13.75 -18.46
C SER A 277 5.41 -15.12 -17.79
N LEU A 278 4.24 -15.43 -17.22
CA LEU A 278 4.08 -16.68 -16.48
C LEU A 278 4.22 -17.88 -17.40
N HIS A 279 3.53 -17.85 -18.54
CA HIS A 279 3.67 -18.91 -19.53
C HIS A 279 5.12 -19.08 -19.97
N ARG A 280 5.78 -17.99 -20.32
CA ARG A 280 7.13 -18.11 -20.90
C ARG A 280 8.18 -18.48 -19.84
N ARG A 281 8.07 -17.97 -18.62
CA ARG A 281 9.11 -18.20 -17.62
C ARG A 281 8.85 -19.41 -16.74
N ALA A 282 7.59 -19.80 -16.58
CA ALA A 282 7.21 -20.77 -15.55
C ALA A 282 6.44 -21.94 -16.15
N TYR A 283 5.24 -21.69 -16.67
CA TYR A 283 4.40 -22.77 -17.17
C TYR A 283 5.09 -23.56 -18.27
N GLN A 284 5.90 -22.90 -19.10
CA GLN A 284 6.58 -23.57 -20.20
C GLN A 284 8.06 -23.77 -19.94
N HIS A 285 8.49 -23.69 -18.69
CA HIS A 285 9.91 -23.85 -18.39
C HIS A 285 10.42 -25.22 -18.84
N LYS A 286 11.64 -25.24 -19.38
CA LYS A 286 12.10 -26.46 -20.04
C LYS A 286 12.37 -27.57 -19.03
N VAL A 287 13.06 -27.25 -17.93
CA VAL A 287 13.35 -28.25 -16.92
C VAL A 287 12.08 -28.63 -16.17
N GLY A 288 11.23 -27.64 -15.88
CA GLY A 288 9.95 -27.92 -15.23
C GLY A 288 9.11 -28.93 -15.97
N ASN A 289 9.04 -28.78 -17.30
CA ASN A 289 8.25 -29.69 -18.13
C ASN A 289 8.92 -31.05 -18.26
N ILE A 290 10.25 -31.09 -18.37
CA ILE A 290 10.95 -32.37 -18.31
C ILE A 290 10.61 -33.13 -17.03
N ILE A 291 10.60 -32.42 -15.89
CA ILE A 291 10.33 -33.08 -14.62
C ILE A 291 8.89 -33.62 -14.58
N ASP A 292 7.92 -32.87 -15.08
CA ASP A 292 6.56 -33.40 -15.22
C ASP A 292 6.56 -34.74 -15.98
N THR A 293 7.31 -34.83 -17.10
CA THR A 293 7.32 -36.10 -17.84
C THR A 293 8.01 -37.21 -17.07
N MET A 294 9.03 -36.88 -16.27
CA MET A 294 9.66 -37.90 -15.45
C MET A 294 8.70 -38.45 -14.41
N ILE A 295 7.95 -37.57 -13.75
CA ILE A 295 6.94 -38.01 -12.78
C ILE A 295 5.86 -38.85 -13.45
N THR A 296 5.39 -38.41 -14.62
CA THR A 296 4.43 -39.20 -15.37
C THR A 296 5.01 -40.57 -15.72
N ASP A 297 6.29 -40.61 -16.13
CA ASP A 297 6.93 -41.88 -16.47
C ASP A 297 6.97 -42.81 -15.27
N ALA A 298 7.22 -42.27 -14.07
CA ALA A 298 7.21 -43.06 -12.85
C ALA A 298 5.82 -43.57 -12.51
N PHE A 299 4.80 -42.72 -12.64
CA PHE A 299 3.43 -43.17 -12.41
C PHE A 299 3.06 -44.32 -13.34
N LEU A 300 3.48 -44.25 -14.61
CA LEU A 300 3.16 -45.31 -15.55
C LEU A 300 3.86 -46.61 -15.19
N LYS A 301 5.10 -46.51 -14.70
CA LYS A 301 5.82 -47.70 -14.26
C LYS A 301 5.28 -48.27 -12.95
N ALA A 302 4.62 -47.45 -12.12
CA ALA A 302 4.01 -47.89 -10.88
C ALA A 302 2.56 -48.33 -11.02
N ASP A 303 1.91 -48.03 -12.14
CA ASP A 303 0.45 -48.06 -12.17
C ASP A 303 -0.10 -49.48 -11.98
N ASP A 304 0.67 -50.48 -12.34
CA ASP A 304 0.18 -51.84 -12.13
C ASP A 304 0.26 -52.28 -10.68
N TYR A 305 0.96 -51.53 -9.82
CA TYR A 305 1.27 -52.00 -8.48
C TYR A 305 0.76 -51.15 -7.34
N ILE A 306 0.40 -49.90 -7.57
CA ILE A 306 -0.25 -49.15 -6.51
C ILE A 306 -1.72 -49.53 -6.52
N GLU A 307 -2.31 -49.64 -5.34
CA GLU A 307 -3.75 -49.86 -5.21
C GLU A 307 -4.32 -48.81 -4.28
N ILE A 308 -5.43 -48.21 -4.68
CA ILE A 308 -6.13 -47.22 -3.87
C ILE A 308 -7.50 -47.78 -3.61
N THR A 309 -7.89 -47.83 -2.34
CA THR A 309 -9.16 -48.46 -2.01
C THR A 309 -10.28 -47.46 -2.23
N GLY A 310 -11.19 -47.79 -3.13
CA GLY A 310 -12.36 -47.00 -3.39
C GLY A 310 -13.62 -47.49 -2.67
N ALA A 311 -14.76 -47.13 -3.23
CA ALA A 311 -16.04 -47.41 -2.58
C ALA A 311 -16.31 -48.91 -2.58
N GLY A 312 -16.87 -49.39 -1.47
CA GLY A 312 -17.18 -50.82 -1.37
C GLY A 312 -15.94 -51.68 -1.22
N GLY A 313 -14.79 -51.07 -0.93
CA GLY A 313 -13.56 -51.81 -0.79
C GLY A 313 -12.89 -52.20 -2.08
N LYS A 314 -13.51 -51.94 -3.24
CA LYS A 314 -12.87 -52.28 -4.51
C LYS A 314 -11.56 -51.51 -4.67
N LYS A 315 -10.63 -52.14 -5.39
CA LYS A 315 -9.27 -51.65 -5.55
C LYS A 315 -9.15 -50.91 -6.87
N TYR A 316 -8.56 -49.72 -6.83
CA TYR A 316 -8.30 -48.99 -8.07
C TYR A 316 -6.81 -48.72 -8.22
N ARG A 317 -6.42 -48.31 -9.41
CA ARG A 317 -5.05 -47.94 -9.71
C ARG A 317 -4.98 -46.43 -9.93
N ILE A 318 -3.75 -45.91 -9.97
CA ILE A 318 -3.57 -44.46 -10.23
C ILE A 318 -4.40 -44.05 -11.43
N SER A 319 -4.34 -44.87 -12.51
CA SER A 319 -5.05 -44.52 -13.75
C SER A 319 -6.56 -44.77 -13.68
N THR A 320 -7.06 -45.61 -12.75
CA THR A 320 -8.50 -45.82 -12.68
C THR A 320 -9.15 -45.12 -11.51
N ALA A 321 -8.37 -44.52 -10.61
CA ALA A 321 -8.99 -43.80 -9.49
C ALA A 321 -9.94 -42.71 -9.95
N ILE A 322 -9.82 -42.26 -11.21
CA ILE A 322 -10.75 -41.27 -11.74
C ILE A 322 -12.16 -41.84 -11.91
N ASP A 323 -12.32 -43.16 -11.95
CA ASP A 323 -13.64 -43.75 -12.12
C ASP A 323 -14.40 -43.91 -10.80
N ASP A 324 -13.82 -43.50 -9.67
CA ASP A 324 -14.47 -43.69 -8.38
C ASP A 324 -14.00 -42.59 -7.43
N MET A 325 -14.92 -41.67 -7.11
CA MET A 325 -14.53 -40.48 -6.37
C MET A 325 -14.04 -40.80 -4.96
N GLU A 326 -14.41 -41.96 -4.41
CA GLU A 326 -13.87 -42.34 -3.11
C GLU A 326 -12.39 -42.67 -3.19
N ALA A 327 -11.98 -43.41 -4.22
CA ALA A 327 -10.55 -43.61 -4.43
C ALA A 327 -9.87 -42.28 -4.82
N TYR A 328 -10.51 -41.51 -5.69
CA TYR A 328 -9.90 -40.28 -6.20
C TYR A 328 -9.62 -39.30 -5.06
N THR A 329 -10.50 -39.28 -4.05
CA THR A 329 -10.29 -38.44 -2.87
C THR A 329 -8.93 -38.69 -2.24
N LYS A 330 -8.42 -39.91 -2.32
CA LYS A 330 -7.16 -40.27 -1.67
C LYS A 330 -5.99 -40.31 -2.64
N LEU A 331 -6.15 -39.78 -3.84
CA LEU A 331 -5.08 -39.81 -4.85
C LEU A 331 -4.58 -38.36 -4.98
N THR A 332 -3.43 -38.06 -4.39
CA THR A 332 -2.85 -36.73 -4.39
C THR A 332 -1.36 -36.89 -4.66
N ASP A 333 -0.61 -35.78 -4.52
CA ASP A 333 0.84 -35.82 -4.67
C ASP A 333 1.49 -36.83 -3.74
N ASN A 334 0.81 -37.24 -2.66
CA ASN A 334 1.31 -38.31 -1.80
C ASN A 334 1.80 -39.52 -2.59
N ILE A 335 1.16 -39.81 -3.73
CA ILE A 335 1.55 -40.97 -4.52
C ILE A 335 3.02 -40.89 -4.93
N PHE A 336 3.55 -39.67 -5.15
CA PHE A 336 4.97 -39.50 -5.44
C PHE A 336 5.84 -40.10 -4.31
N LEU A 337 5.54 -39.77 -3.07
CA LEU A 337 6.39 -40.27 -1.99
C LEU A 337 6.11 -41.74 -1.70
N GLU A 338 4.87 -42.19 -1.86
CA GLU A 338 4.59 -43.62 -1.75
C GLU A 338 5.52 -44.40 -2.67
N ILE A 339 5.65 -43.95 -3.92
CA ILE A 339 6.59 -44.60 -4.84
C ILE A 339 8.03 -44.44 -4.37
N LEU A 340 8.43 -43.21 -4.01
CA LEU A 340 9.83 -42.95 -3.71
C LEU A 340 10.31 -43.74 -2.48
N TYR A 341 9.48 -43.82 -1.45
CA TYR A 341 9.82 -44.51 -0.19
C TYR A 341 9.57 -46.02 -0.23
N SER A 342 9.07 -46.54 -1.34
CA SER A 342 8.70 -47.95 -1.41
C SER A 342 9.93 -48.84 -1.35
N THR A 343 9.77 -50.05 -0.82
CA THR A 343 10.82 -51.06 -0.92
C THR A 343 10.46 -52.21 -1.85
N ASP A 344 9.19 -52.33 -2.22
CA ASP A 344 8.71 -53.34 -3.15
C ASP A 344 9.59 -53.47 -4.39
N PRO A 345 10.18 -54.64 -4.62
CA PRO A 345 10.91 -54.84 -5.88
C PRO A 345 10.06 -54.57 -7.10
N LYS A 346 8.72 -54.71 -7.01
CA LYS A 346 7.86 -54.44 -8.15
C LYS A 346 7.75 -52.95 -8.47
N LEU A 347 8.10 -52.07 -7.52
CA LEU A 347 8.10 -50.62 -7.76
C LEU A 347 9.50 -50.05 -7.99
N LYS A 348 10.53 -50.91 -8.12
CA LYS A 348 11.89 -50.41 -8.28
C LYS A 348 12.06 -49.54 -9.52
N ASP A 349 11.46 -49.95 -10.65
CA ASP A 349 11.60 -49.18 -11.89
C ASP A 349 11.01 -47.77 -11.74
N ALA A 350 9.77 -47.69 -11.23
CA ALA A 350 9.16 -46.41 -10.95
C ALA A 350 10.00 -45.60 -9.98
N ARG A 351 10.40 -46.23 -8.88
CA ARG A 351 11.19 -45.61 -7.82
C ARG A 351 12.51 -45.05 -8.35
N GLU A 352 13.16 -45.77 -9.27
CA GLU A 352 14.45 -45.28 -9.77
C GLU A 352 14.30 -44.03 -10.63
N ILE A 353 13.17 -43.87 -11.33
CA ILE A 353 12.91 -42.63 -12.06
C ILE A 353 12.82 -41.47 -11.09
N LEU A 354 12.03 -41.64 -10.02
CA LEU A 354 11.90 -40.57 -9.04
C LEU A 354 13.22 -40.27 -8.37
N LYS A 355 14.08 -41.28 -8.22
CA LYS A 355 15.40 -41.04 -7.64
C LYS A 355 16.29 -40.24 -8.58
N GLN A 356 16.17 -40.45 -9.89
CA GLN A 356 16.85 -39.59 -10.85
C GLN A 356 16.49 -38.12 -10.64
N ILE A 357 15.22 -37.84 -10.30
CA ILE A 357 14.83 -36.46 -10.02
C ILE A 357 15.65 -35.92 -8.85
N GLU A 358 15.72 -36.69 -7.76
CA GLU A 358 16.42 -36.24 -6.57
C GLU A 358 17.91 -36.09 -6.81
N TYR A 359 18.50 -37.01 -7.59
CA TYR A 359 19.92 -36.84 -7.90
C TYR A 359 20.14 -35.80 -8.98
N ARG A 360 19.07 -35.24 -9.55
CA ARG A 360 19.14 -34.28 -10.65
C ARG A 360 19.77 -34.88 -11.91
N ASN A 361 19.47 -36.17 -12.17
CA ASN A 361 19.90 -36.81 -13.41
C ASN A 361 18.65 -36.91 -14.27
N LEU A 362 18.33 -35.81 -14.94
CA LEU A 362 17.03 -35.73 -15.60
C LEU A 362 17.12 -36.25 -17.03
N PHE A 363 15.96 -36.48 -17.64
CA PHE A 363 15.88 -36.68 -19.08
C PHE A 363 16.51 -35.48 -19.78
N LYS A 364 17.11 -35.73 -20.95
CA LYS A 364 17.88 -34.72 -21.68
C LYS A 364 17.04 -34.08 -22.78
N TYR A 365 17.11 -32.75 -22.86
CA TYR A 365 16.38 -31.99 -23.87
C TYR A 365 16.97 -32.24 -25.25
N VAL A 366 16.10 -32.56 -26.21
CA VAL A 366 16.52 -32.83 -27.57
C VAL A 366 16.16 -31.70 -28.53
N GLY A 367 14.98 -31.12 -28.39
CA GLY A 367 14.58 -30.06 -29.28
C GLY A 367 13.10 -29.81 -29.19
N GLU A 368 12.68 -28.80 -29.91
CA GLU A 368 11.29 -28.35 -29.92
C GLU A 368 10.85 -28.12 -31.36
N THR A 369 9.57 -28.32 -31.61
CA THR A 369 8.99 -28.08 -32.91
C THR A 369 7.55 -27.63 -32.68
N GLN A 370 6.89 -27.17 -33.75
CA GLN A 370 5.50 -26.75 -33.69
C GLN A 370 4.80 -27.26 -34.94
N PRO A 371 3.53 -27.64 -34.83
CA PRO A 371 2.78 -28.08 -36.00
C PRO A 371 2.15 -26.92 -36.76
N THR A 372 2.98 -25.93 -37.13
CA THR A 372 2.47 -24.75 -37.83
C THR A 372 1.84 -25.15 -39.16
N GLY A 373 0.60 -24.72 -39.35
CA GLY A 373 -0.10 -24.98 -40.59
C GLY A 373 -0.51 -26.41 -40.83
N GLN A 374 -0.39 -27.27 -39.81
CA GLN A 374 -0.82 -28.66 -39.89
C GLN A 374 -1.84 -28.94 -38.80
N ILE A 375 -2.51 -30.09 -38.95
CA ILE A 375 -3.46 -30.52 -37.91
C ILE A 375 -2.70 -30.78 -36.61
N LYS A 376 -3.28 -30.33 -35.50
CA LYS A 376 -2.64 -30.41 -34.20
C LYS A 376 -2.73 -31.84 -33.65
N ILE A 377 -1.75 -32.19 -32.81
CA ILE A 377 -1.72 -33.51 -32.19
C ILE A 377 -2.78 -33.59 -31.09
N LYS A 378 -3.52 -34.70 -31.06
CA LYS A 378 -4.58 -34.89 -30.11
C LYS A 378 -4.14 -35.83 -28.98
N ARG A 379 -4.84 -35.72 -27.84
CA ARG A 379 -4.50 -36.52 -26.67
C ARG A 379 -4.48 -38.01 -26.97
N GLU A 380 -5.46 -38.50 -27.75
CA GLU A 380 -5.55 -39.93 -28.04
C GLU A 380 -4.32 -40.47 -28.77
N ASP A 381 -3.50 -39.58 -29.34
CA ASP A 381 -2.32 -40.01 -30.08
C ASP A 381 -1.01 -39.83 -29.33
N TYR A 382 -1.03 -39.33 -28.09
CA TYR A 382 0.23 -39.07 -27.39
C TYR A 382 1.05 -40.34 -27.26
N GLU A 383 0.39 -41.46 -26.92
CA GLU A 383 1.09 -42.71 -26.68
C GLU A 383 1.88 -43.14 -27.90
N SER A 384 1.32 -42.93 -29.10
CA SER A 384 1.99 -43.32 -30.33
C SER A 384 3.21 -42.45 -30.67
N LEU A 385 3.38 -41.27 -30.08
CA LEU A 385 4.44 -40.39 -30.58
C LEU A 385 5.85 -40.97 -30.42
N PRO A 386 6.25 -41.54 -29.27
CA PRO A 386 7.63 -42.03 -29.15
C PRO A 386 8.00 -43.08 -30.19
N LYS A 387 7.06 -43.96 -30.54
CA LYS A 387 7.37 -44.96 -31.57
C LYS A 387 7.53 -44.31 -32.93
N GLU A 388 6.79 -43.23 -33.20
CA GLU A 388 6.98 -42.48 -34.43
C GLU A 388 8.37 -41.89 -34.51
N VAL A 389 8.83 -41.25 -33.44
CA VAL A 389 10.16 -40.64 -33.46
C VAL A 389 11.22 -41.70 -33.68
N ALA A 390 11.17 -42.78 -32.89
CA ALA A 390 12.14 -43.86 -33.00
C ALA A 390 12.09 -44.55 -34.36
N SER A 391 10.97 -44.46 -35.08
CA SER A 391 10.88 -45.10 -36.38
C SER A 391 11.30 -44.17 -37.51
N ALA A 392 11.49 -42.88 -37.22
CA ALA A 392 11.98 -41.99 -38.26
C ALA A 392 13.35 -42.48 -38.74
N LYS A 393 13.59 -42.29 -40.02
CA LYS A 393 14.76 -42.84 -40.70
C LYS A 393 15.66 -41.67 -41.05
N PRO A 394 16.56 -41.25 -40.15
CA PRO A 394 17.54 -40.23 -40.53
C PRO A 394 18.38 -40.80 -41.66
N LYS A 395 18.53 -39.99 -42.72
CA LYS A 395 19.09 -40.52 -43.96
C LYS A 395 20.52 -40.99 -43.77
N VAL A 396 21.30 -40.30 -42.94
CA VAL A 396 22.65 -40.75 -42.62
C VAL A 396 22.56 -41.77 -41.48
N LEU A 397 22.83 -43.03 -41.79
CA LEU A 397 22.77 -44.09 -40.80
C LEU A 397 23.77 -43.82 -39.68
N LEU A 398 23.36 -44.10 -38.46
CA LEU A 398 24.19 -43.83 -37.28
C LEU A 398 24.48 -45.13 -36.54
N ASP A 399 25.51 -45.05 -35.71
CA ASP A 399 25.91 -46.21 -34.91
C ASP A 399 24.80 -46.59 -33.93
N VAL A 400 24.43 -45.66 -33.05
CA VAL A 400 23.51 -45.96 -31.97
C VAL A 400 22.08 -46.01 -32.52
N LYS A 401 21.37 -47.09 -32.19
CA LYS A 401 19.95 -47.22 -32.47
C LYS A 401 19.16 -47.00 -31.19
N LEU A 402 18.06 -46.26 -31.31
CA LEU A 402 17.23 -45.91 -30.18
C LEU A 402 15.84 -46.50 -30.38
N LYS A 403 15.19 -46.85 -29.28
CA LYS A 403 13.84 -47.37 -29.35
C LYS A 403 12.84 -46.39 -28.74
N ALA A 404 11.55 -46.71 -28.94
CA ALA A 404 10.47 -45.84 -28.50
C ALA A 404 10.61 -45.45 -27.04
N GLU A 405 10.98 -46.42 -26.20
CA GLU A 405 11.08 -46.21 -24.75
C GLU A 405 12.20 -45.25 -24.36
N ASP A 406 13.16 -44.98 -25.24
CA ASP A 406 14.19 -43.97 -24.94
C ASP A 406 13.73 -42.53 -25.21
N PHE A 407 12.53 -42.34 -25.73
CA PHE A 407 12.08 -41.02 -26.14
C PHE A 407 10.88 -40.59 -25.30
N ILE A 408 10.85 -39.31 -24.94
CA ILE A 408 9.68 -38.66 -24.36
C ILE A 408 9.23 -37.62 -25.37
N VAL A 409 7.94 -37.62 -25.68
CA VAL A 409 7.35 -36.61 -26.56
C VAL A 409 6.34 -35.83 -25.74
N ASP A 410 6.61 -34.54 -25.54
CA ASP A 410 5.87 -33.69 -24.61
C ASP A 410 5.10 -32.67 -25.44
N VAL A 411 3.77 -32.76 -25.40
CA VAL A 411 2.92 -31.88 -26.20
C VAL A 411 2.40 -30.77 -25.29
N ILE A 412 2.70 -29.53 -25.63
CA ILE A 412 2.42 -28.40 -24.75
C ILE A 412 1.37 -27.52 -25.42
N ASN A 413 0.14 -27.59 -24.91
CA ASN A 413 -0.93 -26.73 -25.41
C ASN A 413 -1.03 -25.47 -24.53
N MET A 414 -1.47 -24.36 -25.14
CA MET A 414 -1.64 -23.15 -24.35
C MET A 414 -3.10 -22.86 -23.96
N ASP A 415 -4.07 -23.22 -24.80
CA ASP A 415 -5.47 -23.04 -24.42
C ASP A 415 -6.32 -24.30 -24.61
N ILE A 424 -7.11 -8.94 -26.67
CA ILE A 424 -8.31 -8.14 -26.86
C ILE A 424 -9.29 -8.71 -27.90
N ASP A 425 -9.16 -10.02 -28.18
CA ASP A 425 -9.96 -10.69 -29.22
C ASP A 425 -11.43 -10.31 -29.08
N HIS A 426 -12.00 -10.54 -27.90
CA HIS A 426 -13.40 -10.31 -27.62
C HIS A 426 -13.61 -9.57 -26.30
N VAL A 427 -12.63 -8.77 -25.85
CA VAL A 427 -12.85 -8.03 -24.61
C VAL A 427 -13.51 -6.71 -24.95
N SER A 428 -14.71 -6.51 -24.40
CA SER A 428 -15.55 -5.38 -24.76
C SER A 428 -15.44 -4.31 -23.68
N PHE A 429 -15.43 -3.06 -24.12
CA PHE A 429 -15.29 -1.93 -23.22
C PHE A 429 -16.58 -1.12 -23.18
N TYR A 430 -16.64 -0.21 -22.21
CA TYR A 430 -17.71 0.77 -22.15
C TYR A 430 -17.11 2.12 -21.78
N CYS A 431 -17.81 3.20 -22.14
CA CYS A 431 -17.39 4.54 -21.76
C CYS A 431 -18.28 5.08 -20.65
N LYS A 432 -17.70 5.90 -19.79
CA LYS A 432 -18.43 6.46 -18.65
C LYS A 432 -19.58 7.36 -19.08
N THR A 433 -19.53 7.97 -20.27
CA THR A 433 -20.65 8.81 -20.71
C THR A 433 -21.82 7.98 -21.24
N ALA A 434 -21.52 6.88 -21.95
CA ALA A 434 -22.54 5.99 -22.49
C ALA A 434 -22.40 4.62 -21.84
N PRO A 435 -22.72 4.51 -20.55
CA PRO A 435 -22.35 3.31 -19.78
C PRO A 435 -23.05 2.03 -20.20
N ASN A 436 -23.92 2.06 -21.22
CA ASN A 436 -24.69 0.88 -21.58
C ASN A 436 -24.36 0.30 -22.96
N ARG A 437 -23.56 0.98 -23.78
CA ARG A 437 -23.20 0.48 -25.10
C ARG A 437 -21.72 0.15 -25.18
N ALA A 438 -21.41 -1.02 -25.73
CA ALA A 438 -20.05 -1.53 -25.78
C ALA A 438 -19.24 -0.84 -26.87
N ILE A 439 -17.91 -0.95 -26.75
CA ILE A 439 -16.97 -0.43 -27.74
C ILE A 439 -16.17 -1.57 -28.38
N PRO A 451 -0.35 -8.18 -29.29
CA PRO A 451 0.88 -8.22 -28.51
C PRO A 451 1.94 -9.08 -29.20
N GLU A 452 2.18 -10.30 -28.70
CA GLU A 452 3.02 -11.32 -29.35
C GLU A 452 2.41 -12.68 -29.02
N LYS A 453 1.54 -13.17 -29.92
CA LYS A 453 0.73 -14.35 -29.63
C LYS A 453 1.59 -15.60 -29.51
N PHE A 454 1.45 -16.30 -28.40
CA PHE A 454 2.14 -17.58 -28.20
C PHE A 454 1.57 -18.64 -29.14
N ALA A 455 2.42 -19.58 -29.53
CA ALA A 455 2.00 -20.64 -30.45
C ALA A 455 0.94 -21.53 -29.81
N GLU A 456 0.01 -22.01 -30.65
CA GLU A 456 -1.08 -22.85 -30.16
C GLU A 456 -0.55 -24.15 -29.54
N GLN A 457 0.40 -24.81 -30.21
CA GLN A 457 0.88 -26.09 -29.74
C GLN A 457 2.39 -26.18 -29.95
N LEU A 458 3.11 -26.54 -28.89
CA LEU A 458 4.54 -26.81 -28.95
C LEU A 458 4.79 -28.28 -28.68
N ILE A 459 5.78 -28.83 -29.35
CA ILE A 459 6.13 -30.24 -29.18
C ILE A 459 7.61 -30.30 -28.85
N ARG A 460 7.93 -30.87 -27.69
CA ARG A 460 9.32 -31.06 -27.29
C ARG A 460 9.60 -32.55 -27.16
N VAL A 461 10.85 -32.92 -27.42
CA VAL A 461 11.28 -34.31 -27.33
C VAL A 461 12.45 -34.34 -26.38
N TYR A 462 12.43 -35.32 -25.47
CA TYR A 462 13.50 -35.57 -24.54
C TYR A 462 13.98 -37.00 -24.73
N CYS A 463 15.17 -37.26 -24.23
CA CYS A 463 15.76 -38.57 -24.37
C CYS A 463 16.22 -39.05 -23.01
N LYS A 464 15.95 -40.32 -22.72
CA LYS A 464 16.32 -40.92 -21.45
C LYS A 464 17.76 -41.41 -21.44
N LYS A 465 18.34 -41.68 -22.60
CA LYS A 465 19.75 -42.01 -22.65
C LYS A 465 20.52 -40.72 -22.47
N VAL A 466 21.55 -40.77 -21.66
CA VAL A 466 22.29 -39.57 -21.28
C VAL A 466 23.66 -39.49 -21.93
N ASP A 467 24.21 -40.61 -22.39
CA ASP A 467 25.49 -40.55 -23.08
C ASP A 467 25.34 -39.76 -24.39
N ARG A 468 26.47 -39.35 -24.91
CA ARG A 468 26.39 -38.23 -25.83
C ARG A 468 26.22 -38.67 -27.29
N LYS A 469 26.69 -39.86 -27.64
CA LYS A 469 26.35 -40.45 -28.94
C LYS A 469 24.85 -40.68 -29.07
N SER A 470 24.19 -41.18 -28.01
CA SER A 470 22.74 -41.38 -28.09
C SER A 470 22.00 -40.05 -28.23
N LEU A 471 22.45 -39.02 -27.51
CA LEU A 471 21.79 -37.72 -27.63
C LEU A 471 21.92 -37.17 -29.05
N TYR A 472 23.10 -37.27 -29.64
CA TYR A 472 23.26 -36.89 -31.04
C TYR A 472 22.29 -37.67 -31.92
N ALA A 473 22.21 -38.99 -31.73
CA ALA A 473 21.30 -39.81 -32.53
C ALA A 473 19.85 -39.40 -32.28
N ALA A 474 19.48 -39.17 -31.03
CA ALA A 474 18.11 -38.75 -30.72
C ALA A 474 17.75 -37.50 -31.51
N ARG A 475 18.69 -36.56 -31.59
CA ARG A 475 18.45 -35.34 -32.35
C ARG A 475 18.21 -35.64 -33.84
N GLN A 476 18.96 -36.59 -34.40
CA GLN A 476 18.74 -36.98 -35.80
C GLN A 476 17.36 -37.60 -36.00
N TYR A 477 16.96 -38.52 -35.12
CA TYR A 477 15.60 -39.05 -35.23
C TYR A 477 14.59 -37.91 -35.17
N PHE A 478 14.77 -36.98 -34.22
CA PHE A 478 13.80 -35.92 -34.02
C PHE A 478 13.72 -35.00 -35.24
N VAL A 479 14.88 -34.60 -35.78
CA VAL A 479 14.86 -33.75 -36.99
C VAL A 479 14.10 -34.45 -38.11
N GLN A 480 14.36 -35.74 -38.30
CA GLN A 480 13.67 -36.48 -39.36
C GLN A 480 12.18 -36.58 -39.10
N TRP A 481 11.79 -36.80 -37.83
CA TRP A 481 10.38 -36.90 -37.50
C TRP A 481 9.64 -35.61 -37.80
N CYS A 482 10.25 -34.47 -37.45
CA CYS A 482 9.63 -33.17 -37.76
C CYS A 482 9.46 -33.01 -39.26
N ALA A 483 10.45 -33.44 -40.04
CA ALA A 483 10.34 -33.36 -41.49
C ALA A 483 9.24 -34.27 -42.00
N ASP A 484 9.17 -35.49 -41.45
CA ASP A 484 8.13 -36.42 -41.84
C ASP A 484 6.74 -35.87 -41.59
N ARG A 485 6.55 -35.09 -40.52
CA ARG A 485 5.23 -34.59 -40.18
C ARG A 485 4.98 -33.18 -40.68
N ASN A 486 5.91 -32.63 -41.47
CA ASN A 486 5.81 -31.27 -41.97
C ASN A 486 5.68 -30.28 -40.82
N PHE A 487 6.29 -30.61 -39.69
CA PHE A 487 6.42 -29.70 -38.56
C PHE A 487 7.67 -28.83 -38.76
N THR A 488 7.74 -27.73 -38.04
CA THR A 488 8.83 -26.78 -38.27
C THR A 488 10.19 -27.42 -37.98
N LYS A 489 11.18 -27.00 -38.75
CA LYS A 489 12.53 -27.51 -38.57
C LYS A 489 13.10 -27.02 -37.24
N PRO A 490 13.60 -27.92 -36.39
CA PRO A 490 14.13 -27.48 -35.09
C PRO A 490 15.36 -26.59 -35.24
N GLN A 491 15.48 -25.63 -34.33
CA GLN A 491 16.62 -24.72 -34.29
C GLN A 491 17.74 -25.33 -33.46
N ASP A 492 18.98 -24.97 -33.79
CA ASP A 492 20.14 -25.50 -33.10
C ASP A 492 20.38 -24.79 -31.76
N GLY B 24 -29.09 26.00 -5.70
CA GLY B 24 -28.68 24.60 -5.48
C GLY B 24 -27.36 24.28 -6.17
N LYS B 25 -26.34 23.89 -5.42
CA LYS B 25 -25.06 23.61 -6.09
C LYS B 25 -24.48 22.29 -5.60
N VAL B 26 -23.45 21.83 -6.28
CA VAL B 26 -22.72 20.62 -5.84
C VAL B 26 -21.26 21.05 -5.81
N ILE B 27 -20.62 20.89 -4.68
CA ILE B 27 -19.20 21.20 -4.55
C ILE B 27 -18.43 19.91 -4.34
N ASN B 28 -17.44 19.67 -5.21
CA ASN B 28 -16.62 18.48 -5.14
C ASN B 28 -15.50 18.62 -4.12
N ASP B 29 -15.39 17.64 -3.24
CA ASP B 29 -14.43 17.72 -2.15
C ASP B 29 -13.63 16.43 -2.14
N PRO B 30 -12.33 16.49 -1.90
CA PRO B 30 -11.53 15.25 -1.93
C PRO B 30 -11.87 14.30 -0.79
N ILE B 31 -12.33 14.80 0.35
CA ILE B 31 -12.66 13.89 1.45
C ILE B 31 -14.04 13.29 1.26
N HIS B 32 -15.03 14.12 0.94
CA HIS B 32 -16.42 13.66 0.98
C HIS B 32 -17.02 13.37 -0.40
N GLY B 33 -16.29 13.72 -1.45
CA GLY B 33 -16.85 13.59 -2.81
C GLY B 33 -17.76 14.77 -3.10
N HIS B 34 -18.92 14.53 -3.71
CA HIS B 34 -19.86 15.63 -4.03
C HIS B 34 -20.61 16.09 -2.79
N ILE B 35 -20.62 17.41 -2.54
CA ILE B 35 -21.35 18.00 -1.38
C ILE B 35 -22.53 18.80 -1.96
N GLU B 36 -23.76 18.29 -1.81
CA GLU B 36 -24.92 18.98 -2.36
C GLU B 36 -25.39 20.02 -1.34
N LEU B 37 -25.66 21.22 -1.83
CA LEU B 37 -25.92 22.36 -0.96
C LEU B 37 -27.25 22.97 -1.37
N HIS B 38 -28.22 22.88 -0.47
CA HIS B 38 -29.48 23.59 -0.62
C HIS B 38 -29.22 25.07 -0.96
N PRO B 39 -30.07 25.70 -1.78
CA PRO B 39 -29.83 27.11 -2.18
C PRO B 39 -29.65 28.07 -1.02
N LEU B 40 -30.31 27.85 0.12
CA LEU B 40 -30.10 28.70 1.29
C LEU B 40 -28.65 28.64 1.76
N LEU B 41 -28.08 27.43 1.80
CA LEU B 41 -26.67 27.26 2.18
C LEU B 41 -25.75 27.97 1.20
N VAL B 42 -26.03 27.86 -0.09
CA VAL B 42 -25.23 28.52 -1.13
C VAL B 42 -25.22 30.03 -0.89
N ARG B 43 -26.40 30.60 -0.60
CA ARG B 43 -26.50 32.03 -0.31
C ARG B 43 -25.68 32.40 0.91
N ILE B 44 -25.63 31.51 1.92
CA ILE B 44 -24.83 31.79 3.10
C ILE B 44 -23.34 31.71 2.77
N ILE B 45 -22.96 30.72 1.96
CA ILE B 45 -21.54 30.51 1.66
C ILE B 45 -21.00 31.62 0.76
N ASP B 46 -21.82 32.13 -0.15
CA ASP B 46 -21.35 33.12 -1.14
C ASP B 46 -21.49 34.55 -0.59
N THR B 47 -20.82 34.78 0.54
CA THR B 47 -20.75 36.08 1.19
C THR B 47 -19.30 36.35 1.59
N PRO B 48 -18.93 37.62 1.80
CA PRO B 48 -17.55 37.91 2.27
C PRO B 48 -17.23 37.30 3.61
N GLN B 49 -18.23 37.15 4.47
CA GLN B 49 -17.98 36.65 5.81
C GLN B 49 -17.65 35.16 5.80
N PHE B 50 -18.21 34.42 4.87
CA PHE B 50 -17.91 32.99 4.78
C PHE B 50 -16.67 32.72 3.94
N GLN B 51 -16.58 33.32 2.74
CA GLN B 51 -15.41 33.15 1.89
C GLN B 51 -14.12 33.59 2.58
N ARG B 52 -14.25 34.42 3.63
CA ARG B 52 -13.10 34.81 4.44
C ARG B 52 -12.31 33.59 4.93
N LEU B 53 -13.00 32.47 5.17
CA LEU B 53 -12.32 31.29 5.71
C LEU B 53 -11.31 30.68 4.73
N ARG B 54 -11.33 31.08 3.45
CA ARG B 54 -10.30 30.63 2.52
C ARG B 54 -8.93 31.16 2.87
N TYR B 55 -8.85 32.16 3.75
CA TYR B 55 -7.57 32.81 4.01
C TYR B 55 -7.08 32.55 5.43
N ILE B 56 -7.59 31.50 6.07
CA ILE B 56 -7.18 31.13 7.41
C ILE B 56 -6.81 29.65 7.40
N LYS B 57 -5.52 29.35 7.63
CA LYS B 57 -5.03 27.99 7.54
C LYS B 57 -5.56 27.16 8.70
N GLN B 58 -6.10 26.00 8.37
CA GLN B 58 -6.65 25.09 9.37
C GLN B 58 -5.66 24.85 10.52
N LEU B 59 -4.43 24.46 10.20
CA LEU B 59 -3.43 24.12 11.20
C LEU B 59 -2.56 25.30 11.62
N GLY B 60 -2.99 26.54 11.32
CA GLY B 60 -2.18 27.70 11.65
C GLY B 60 -0.74 27.62 11.19
N GLY B 61 0.19 27.58 12.13
CA GLY B 61 1.59 27.50 11.76
C GLY B 61 2.05 26.13 11.32
N GLY B 62 1.19 25.12 11.39
CA GLY B 62 1.62 23.76 11.07
C GLY B 62 2.08 23.61 9.64
N TYR B 63 1.57 24.46 8.74
CA TYR B 63 2.04 24.47 7.34
C TYR B 63 3.54 24.62 7.27
N TYR B 64 4.16 25.32 8.23
CA TYR B 64 5.60 25.59 8.15
C TYR B 64 6.44 24.38 8.53
N VAL B 65 5.83 23.33 9.07
CA VAL B 65 6.53 22.07 9.24
C VAL B 65 5.94 20.95 8.39
N PHE B 66 4.65 21.02 8.03
CA PHE B 66 4.04 20.01 7.17
C PHE B 66 3.59 20.68 5.88
N PRO B 67 4.36 20.58 4.80
CA PRO B 67 3.98 21.25 3.55
C PRO B 67 2.67 20.75 2.96
N GLY B 68 2.26 19.53 3.26
CA GLY B 68 0.96 19.10 2.77
C GLY B 68 -0.23 19.80 3.44
N ALA B 69 -0.02 20.50 4.55
CA ALA B 69 -1.13 21.11 5.30
C ALA B 69 -1.30 22.60 4.96
N SER B 70 -1.64 22.85 3.69
CA SER B 70 -2.01 24.19 3.23
C SER B 70 -3.51 24.41 3.29
N HIS B 71 -4.29 23.44 3.78
CA HIS B 71 -5.73 23.61 3.74
C HIS B 71 -6.20 24.69 4.71
N ASN B 72 -7.36 25.23 4.40
CA ASN B 72 -7.93 26.37 5.11
C ASN B 72 -9.24 26.00 5.78
N ARG B 73 -9.71 26.87 6.67
CA ARG B 73 -10.96 26.63 7.39
C ARG B 73 -12.16 26.52 6.45
N PHE B 74 -12.07 27.12 5.26
CA PHE B 74 -13.20 27.11 4.34
C PHE B 74 -13.61 25.68 3.99
N GLU B 75 -12.69 24.90 3.43
CA GLU B 75 -13.05 23.57 2.98
C GLU B 75 -13.42 22.67 4.16
N HIS B 76 -12.76 22.86 5.29
CA HIS B 76 -13.18 22.11 6.47
C HIS B 76 -14.63 22.43 6.84
N SER B 77 -15.05 23.70 6.73
CA SER B 77 -16.39 24.09 7.13
C SER B 77 -17.45 23.53 6.20
N LEU B 78 -17.18 23.52 4.89
CA LEU B 78 -18.09 22.83 3.98
C LEU B 78 -18.26 21.37 4.39
N GLY B 79 -17.17 20.72 4.82
CA GLY B 79 -17.22 19.32 5.17
C GLY B 79 -18.04 19.08 6.43
N VAL B 80 -17.92 19.97 7.41
CA VAL B 80 -18.74 19.87 8.61
C VAL B 80 -20.21 20.03 8.26
N GLY B 81 -20.55 21.06 7.48
CA GLY B 81 -21.94 21.24 7.06
C GLY B 81 -22.48 20.02 6.36
N TYR B 82 -21.66 19.43 5.48
CA TYR B 82 -22.09 18.23 4.78
C TYR B 82 -22.31 17.09 5.77
N LEU B 83 -21.37 16.90 6.70
CA LEU B 83 -21.47 15.76 7.61
C LEU B 83 -22.64 15.91 8.56
N ALA B 84 -22.85 17.12 9.10
CA ALA B 84 -23.96 17.37 10.00
C ALA B 84 -25.28 17.06 9.31
N GLY B 85 -25.41 17.44 8.03
CA GLY B 85 -26.61 17.11 7.29
C GLY B 85 -26.80 15.61 7.11
N CYS B 86 -25.71 14.89 6.82
CA CYS B 86 -25.78 13.44 6.66
C CYS B 86 -26.29 12.77 7.94
N LEU B 87 -25.69 13.12 9.09
CA LEU B 87 -26.06 12.49 10.34
C LEU B 87 -27.51 12.80 10.70
N VAL B 88 -27.90 14.07 10.63
CA VAL B 88 -29.25 14.44 11.03
C VAL B 88 -30.28 13.86 10.07
N HIS B 89 -29.96 13.80 8.77
CA HIS B 89 -30.89 13.23 7.81
C HIS B 89 -31.04 11.72 7.99
N ALA B 90 -29.93 11.02 8.24
CA ALA B 90 -29.98 9.58 8.44
C ALA B 90 -30.73 9.22 9.72
N LEU B 91 -30.55 10.00 10.78
CA LEU B 91 -31.35 9.81 12.00
C LEU B 91 -32.83 9.99 11.70
N GLY B 92 -33.16 11.03 10.92
CA GLY B 92 -34.55 11.30 10.60
C GLY B 92 -35.20 10.17 9.81
N GLU B 93 -34.46 9.58 8.88
CA GLU B 93 -35.02 8.53 8.04
C GLU B 93 -35.18 7.22 8.81
N LYS B 94 -34.22 6.87 9.65
CA LYS B 94 -34.28 5.60 10.35
C LYS B 94 -35.22 5.66 11.54
N GLN B 95 -35.37 6.83 12.17
CA GLN B 95 -36.28 7.04 13.28
C GLN B 95 -37.29 8.14 12.93
N PRO B 96 -38.24 7.86 12.04
CA PRO B 96 -39.21 8.90 11.68
C PRO B 96 -39.98 9.39 12.89
N GLU B 97 -40.06 8.55 13.93
CA GLU B 97 -40.67 8.94 15.18
C GLU B 97 -40.09 10.27 15.67
N LEU B 98 -38.76 10.41 15.67
CA LEU B 98 -38.07 11.61 16.18
C LEU B 98 -38.59 12.97 15.73
N GLN B 99 -39.34 13.00 14.62
CA GLN B 99 -39.92 14.24 14.08
C GLN B 99 -38.87 15.30 13.75
N ILE B 100 -37.79 14.86 13.11
CA ILE B 100 -36.77 15.77 12.59
C ILE B 100 -37.29 16.37 11.29
N SER B 101 -37.47 17.69 11.25
CA SER B 101 -38.06 18.31 10.08
C SER B 101 -37.01 18.66 9.02
N GLU B 102 -37.50 18.88 7.79
CA GLU B 102 -36.68 19.49 6.73
C GLU B 102 -36.07 20.80 7.20
N ARG B 103 -36.78 21.53 8.06
CA ARG B 103 -36.25 22.77 8.62
C ARG B 103 -35.16 22.49 9.64
N ASP B 104 -35.32 21.41 10.44
CA ASP B 104 -34.26 21.03 11.38
C ASP B 104 -32.99 20.64 10.65
N VAL B 105 -33.13 19.90 9.56
CA VAL B 105 -31.98 19.48 8.75
C VAL B 105 -31.16 20.70 8.34
N LEU B 106 -31.82 21.68 7.71
CA LEU B 106 -31.13 22.87 7.22
C LEU B 106 -30.42 23.60 8.33
N CYS B 107 -31.09 23.72 9.49
CA CYS B 107 -30.52 24.45 10.62
C CYS B 107 -29.26 23.80 11.16
N VAL B 108 -29.23 22.47 11.20
CA VAL B 108 -28.03 21.75 11.64
C VAL B 108 -26.93 21.88 10.60
N GLN B 109 -27.31 21.83 9.31
CA GLN B 109 -26.34 22.08 8.24
C GLN B 109 -25.73 23.47 8.35
N ILE B 110 -26.57 24.50 8.58
CA ILE B 110 -26.05 25.87 8.70
C ILE B 110 -25.10 25.98 9.90
N ALA B 111 -25.47 25.36 11.02
CA ALA B 111 -24.58 25.36 12.17
C ALA B 111 -23.26 24.70 11.83
N GLY B 112 -23.31 23.61 11.07
CA GLY B 112 -22.08 22.93 10.71
C GLY B 112 -21.21 23.77 9.79
N LEU B 113 -21.84 24.46 8.83
CA LEU B 113 -21.12 25.30 7.89
C LEU B 113 -20.48 26.50 8.60
N CYS B 114 -21.18 27.09 9.58
CA CYS B 114 -20.77 28.36 10.18
C CYS B 114 -20.09 28.21 11.54
N HIS B 115 -19.88 26.97 12.01
CA HIS B 115 -19.33 26.77 13.34
C HIS B 115 -17.93 27.34 13.49
N ASP B 116 -17.18 27.51 12.41
CA ASP B 116 -15.83 28.04 12.50
C ASP B 116 -15.70 29.46 11.99
N LEU B 117 -16.82 30.13 11.69
CA LEU B 117 -16.77 31.52 11.21
C LEU B 117 -15.95 32.44 12.12
N GLY B 118 -15.79 32.09 13.40
CA GLY B 118 -15.11 32.95 14.35
C GLY B 118 -13.61 32.89 14.39
N HIS B 119 -12.99 31.96 13.65
CA HIS B 119 -11.54 31.82 13.73
C HIS B 119 -10.83 33.06 13.19
N GLY B 120 -9.66 33.34 13.75
CA GLY B 120 -8.86 34.46 13.32
C GLY B 120 -7.62 33.94 12.64
N PRO B 121 -6.69 34.84 12.30
CA PRO B 121 -5.44 34.43 11.66
C PRO B 121 -4.81 33.22 12.33
N PHE B 122 -4.51 32.20 11.51
CA PHE B 122 -3.85 30.99 11.96
C PHE B 122 -4.67 30.18 12.98
N SER B 123 -6.00 30.35 12.95
CA SER B 123 -6.95 29.50 13.69
C SER B 123 -6.67 29.54 15.18
N HIS B 124 -6.35 28.41 15.83
CA HIS B 124 -6.27 28.31 17.27
C HIS B 124 -5.16 29.18 17.87
N MET B 125 -4.15 29.54 17.07
CA MET B 125 -3.12 30.47 17.53
C MET B 125 -3.73 31.80 17.96
N PHE B 126 -4.79 32.25 17.29
CA PHE B 126 -5.28 33.60 17.53
C PHE B 126 -6.07 33.67 18.84
N ASP B 127 -7.11 32.84 18.97
CA ASP B 127 -7.87 32.86 20.21
C ASP B 127 -7.15 32.12 21.34
N GLY B 128 -6.21 31.25 21.01
CA GLY B 128 -5.59 30.43 22.03
C GLY B 128 -4.34 31.06 22.61
N ARG B 129 -3.72 31.96 21.85
CA ARG B 129 -2.50 32.57 22.33
C ARG B 129 -2.45 34.08 22.13
N PHE B 130 -2.69 34.56 20.91
CA PHE B 130 -2.48 35.97 20.63
C PHE B 130 -3.40 36.87 21.45
N ILE B 131 -4.71 36.65 21.36
CA ILE B 131 -5.65 37.47 22.13
C ILE B 131 -5.37 37.40 23.63
N PRO B 132 -5.14 36.22 24.25
CA PRO B 132 -4.77 36.21 25.67
C PRO B 132 -3.54 37.04 26.00
N LEU B 133 -2.51 37.00 25.15
CA LEU B 133 -1.31 37.80 25.42
C LEU B 133 -1.53 39.28 25.13
N ALA B 134 -2.37 39.61 24.15
CA ALA B 134 -2.55 41.01 23.77
C ALA B 134 -3.56 41.71 24.68
N ARG B 135 -4.59 41.00 25.13
CA ARG B 135 -5.65 41.56 25.96
C ARG B 135 -6.02 40.53 26.99
N PRO B 136 -5.21 40.40 28.06
CA PRO B 136 -5.46 39.33 29.05
C PRO B 136 -6.79 39.45 29.77
N GLU B 137 -7.36 40.64 29.86
CA GLU B 137 -8.61 40.85 30.57
C GLU B 137 -9.84 40.48 29.75
N VAL B 138 -9.71 40.37 28.43
CA VAL B 138 -10.84 40.06 27.55
C VAL B 138 -10.97 38.55 27.42
N LYS B 139 -12.21 38.08 27.46
CA LYS B 139 -12.49 36.65 27.36
C LYS B 139 -13.08 36.42 25.98
N TRP B 140 -12.28 35.86 25.09
CA TRP B 140 -12.64 35.67 23.68
C TRP B 140 -12.46 34.20 23.32
N THR B 141 -13.43 33.65 22.59
CA THR B 141 -13.26 32.35 21.96
C THR B 141 -13.72 32.47 20.53
N HIS B 142 -13.15 31.63 19.66
CA HIS B 142 -13.60 31.63 18.27
C HIS B 142 -15.08 31.33 18.19
N GLU B 143 -15.59 30.52 19.11
CA GLU B 143 -17.02 30.16 19.09
C GLU B 143 -17.90 31.38 19.31
N GLN B 144 -17.53 32.29 20.21
CA GLN B 144 -18.28 33.55 20.26
C GLN B 144 -18.13 34.33 18.96
N GLY B 145 -16.91 34.37 18.41
CA GLY B 145 -16.73 35.02 17.11
C GLY B 145 -17.63 34.46 16.02
N SER B 146 -17.83 33.13 16.02
CA SER B 146 -18.70 32.50 15.01
C SER B 146 -20.13 32.98 15.15
N VAL B 147 -20.61 33.05 16.39
CA VAL B 147 -21.95 33.60 16.65
C VAL B 147 -22.04 35.04 16.15
N MET B 148 -21.04 35.88 16.49
CA MET B 148 -21.07 37.29 16.04
C MET B 148 -20.91 37.40 14.54
N MET B 149 -20.04 36.57 13.94
CA MET B 149 -19.86 36.64 12.49
C MET B 149 -21.09 36.10 11.76
N PHE B 150 -21.70 35.04 12.29
CA PHE B 150 -22.96 34.56 11.73
C PHE B 150 -24.02 35.66 11.73
N GLU B 151 -24.19 36.34 12.88
CA GLU B 151 -25.09 37.48 12.96
C GLU B 151 -24.72 38.57 11.96
N HIS B 152 -23.43 38.91 11.87
CA HIS B 152 -22.99 39.89 10.89
C HIS B 152 -23.28 39.42 9.46
N LEU B 153 -23.07 38.13 9.18
CA LEU B 153 -23.32 37.59 7.85
C LEU B 153 -24.80 37.66 7.48
N ILE B 154 -25.68 37.27 8.41
CA ILE B 154 -27.12 37.33 8.17
C ILE B 154 -27.56 38.76 7.85
N ASN B 155 -27.15 39.71 8.68
CA ASN B 155 -27.68 41.06 8.55
C ASN B 155 -27.12 41.75 7.32
N SER B 156 -25.82 41.62 7.07
CA SER B 156 -25.20 42.25 5.91
C SER B 156 -25.56 41.59 4.59
N ASN B 157 -26.35 40.52 4.56
CA ASN B 157 -26.60 39.84 3.30
C ASN B 157 -28.07 39.51 3.05
N GLY B 158 -28.99 40.01 3.87
CA GLY B 158 -30.40 39.75 3.63
C GLY B 158 -30.77 38.29 3.71
N ILE B 159 -30.07 37.51 4.55
CA ILE B 159 -30.35 36.08 4.65
C ILE B 159 -31.73 35.82 5.24
N LYS B 160 -32.22 36.70 6.12
CA LYS B 160 -33.50 36.46 6.80
C LYS B 160 -34.66 36.21 5.83
N PRO B 161 -34.93 37.06 4.83
CA PRO B 161 -36.00 36.72 3.88
C PRO B 161 -35.76 35.42 3.12
N VAL B 162 -34.51 35.05 2.87
CA VAL B 162 -34.27 33.79 2.16
C VAL B 162 -34.56 32.61 3.07
N MET B 163 -34.22 32.72 4.36
CA MET B 163 -34.61 31.70 5.33
C MET B 163 -36.12 31.51 5.33
N GLU B 164 -36.87 32.62 5.45
CA GLU B 164 -38.33 32.52 5.43
C GLU B 164 -38.82 31.87 4.14
N GLN B 165 -38.15 32.20 3.03
CA GLN B 165 -38.48 31.63 1.73
C GLN B 165 -38.46 30.11 1.75
N TYR B 166 -37.57 29.50 2.52
CA TYR B 166 -37.40 28.05 2.52
C TYR B 166 -37.95 27.40 3.78
N GLY B 167 -38.88 28.04 4.47
CA GLY B 167 -39.58 27.40 5.58
C GLY B 167 -39.00 27.67 6.94
N LEU B 168 -37.86 28.34 7.03
CA LEU B 168 -37.27 28.61 8.32
C LEU B 168 -37.98 29.78 8.99
N ILE B 169 -38.00 29.76 10.32
CA ILE B 169 -38.56 30.86 11.10
C ILE B 169 -37.41 31.57 11.78
N PRO B 170 -36.99 32.73 11.26
CA PRO B 170 -35.67 33.28 11.65
C PRO B 170 -35.41 33.42 13.14
N GLU B 171 -36.32 34.05 13.88
CA GLU B 171 -36.06 34.29 15.31
C GLU B 171 -35.83 33.00 16.07
N GLU B 172 -36.64 31.97 15.82
CA GLU B 172 -36.40 30.68 16.47
C GLU B 172 -35.15 30.01 15.93
N ASP B 173 -34.98 30.00 14.61
CA ASP B 173 -33.96 29.16 13.99
C ASP B 173 -32.57 29.75 14.08
N ILE B 174 -32.44 31.08 13.96
CA ILE B 174 -31.14 31.73 14.17
C ILE B 174 -30.62 31.41 15.57
N CYS B 175 -31.48 31.51 16.58
CA CYS B 175 -31.07 31.16 17.94
C CYS B 175 -30.65 29.69 18.05
N PHE B 176 -31.38 28.80 17.38
CA PHE B 176 -30.99 27.40 17.32
C PHE B 176 -29.58 27.25 16.75
N ILE B 177 -29.29 27.94 15.65
CA ILE B 177 -27.99 27.81 14.99
C ILE B 177 -26.87 28.27 15.91
N LYS B 178 -27.05 29.43 16.55
CA LYS B 178 -26.00 29.94 17.44
C LYS B 178 -25.78 29.04 18.65
N GLU B 179 -26.85 28.46 19.20
CA GLU B 179 -26.72 27.58 20.36
C GLU B 179 -25.95 26.31 19.98
N GLN B 180 -26.21 25.76 18.79
CA GLN B 180 -25.41 24.65 18.31
C GLN B 180 -23.93 24.99 18.26
N ILE B 181 -23.61 26.26 18.02
CA ILE B 181 -22.23 26.69 17.88
C ILE B 181 -21.59 27.02 19.22
N VAL B 182 -22.25 27.82 20.05
CA VAL B 182 -21.59 28.34 21.25
C VAL B 182 -22.07 27.64 22.51
N GLY B 183 -23.31 27.14 22.50
CA GLY B 183 -23.93 26.59 23.68
C GLY B 183 -25.05 27.48 24.20
N PRO B 184 -25.47 27.26 25.44
CA PRO B 184 -26.52 28.10 26.03
C PRO B 184 -25.93 29.40 26.59
N LEU B 185 -26.81 30.38 26.77
CA LEU B 185 -26.44 31.65 27.40
C LEU B 185 -26.30 31.51 28.93
N TRP B 194 -33.79 22.93 31.34
CA TRP B 194 -33.41 22.87 29.93
C TRP B 194 -32.93 24.26 29.47
N PRO B 195 -31.62 24.45 29.28
CA PRO B 195 -31.08 25.80 29.08
C PRO B 195 -31.14 26.31 27.66
N TYR B 196 -31.80 25.63 26.73
CA TYR B 196 -31.80 26.03 25.33
C TYR B 196 -33.15 26.65 24.96
N LYS B 197 -33.08 27.71 24.16
CA LYS B 197 -34.27 28.40 23.67
C LYS B 197 -34.65 28.00 22.25
N GLY B 198 -33.73 27.40 21.50
CA GLY B 198 -33.92 27.22 20.07
C GLY B 198 -34.79 26.04 19.67
N ARG B 199 -34.68 24.93 20.40
CA ARG B 199 -35.44 23.72 20.16
C ARG B 199 -35.82 23.15 21.52
N PRO B 200 -36.97 22.47 21.63
CA PRO B 200 -37.39 21.91 22.93
C PRO B 200 -36.51 20.75 23.36
N GLU B 201 -36.80 20.17 24.52
CA GLU B 201 -35.97 19.09 25.04
C GLU B 201 -36.17 17.76 24.33
N ASN B 202 -37.31 17.55 23.67
CA ASN B 202 -37.46 16.31 22.94
C ASN B 202 -36.63 16.27 21.66
N LYS B 203 -35.91 17.35 21.35
CA LYS B 203 -34.95 17.38 20.26
C LYS B 203 -33.54 17.67 20.77
N SER B 204 -33.26 17.22 22.00
CA SER B 204 -31.97 17.49 22.64
C SER B 204 -30.81 16.90 21.84
N PHE B 205 -31.06 15.79 21.14
CA PHE B 205 -29.99 15.13 20.40
C PHE B 205 -29.42 16.03 19.29
N LEU B 206 -30.23 16.95 18.76
CA LEU B 206 -29.73 17.83 17.70
C LEU B 206 -28.55 18.68 18.17
N TYR B 207 -28.46 18.94 19.47
CA TYR B 207 -27.37 19.75 20.00
C TYR B 207 -26.07 18.97 20.17
N GLU B 208 -26.06 17.67 19.91
CA GLU B 208 -24.81 16.90 20.01
C GLU B 208 -24.17 16.63 18.66
N ILE B 209 -24.73 17.17 17.57
CA ILE B 209 -24.26 16.86 16.23
C ILE B 209 -23.02 17.69 15.87
N VAL B 210 -23.13 19.02 15.90
CA VAL B 210 -22.08 19.87 15.36
C VAL B 210 -20.91 19.98 16.32
N SER B 211 -21.21 20.20 17.60
CA SER B 211 -20.18 20.29 18.64
C SER B 211 -20.70 19.59 19.88
N ASN B 212 -20.02 18.53 20.29
CA ASN B 212 -20.46 17.72 21.42
C ASN B 212 -19.68 18.11 22.66
N ASN B 215 -18.92 15.39 25.87
CA ASN B 215 -18.70 14.04 25.33
C ASN B 215 -17.53 13.99 24.33
N GLY B 216 -17.54 14.91 23.36
CA GLY B 216 -16.38 15.11 22.49
C GLY B 216 -16.38 14.36 21.17
N ILE B 217 -17.52 13.81 20.74
CA ILE B 217 -17.61 13.07 19.47
C ILE B 217 -18.70 13.73 18.63
N ASP B 218 -18.28 14.49 17.62
CA ASP B 218 -19.18 15.27 16.80
C ASP B 218 -18.68 15.26 15.36
N VAL B 219 -19.48 15.81 14.45
CA VAL B 219 -19.10 15.76 13.04
C VAL B 219 -17.98 16.75 12.71
N ASP B 220 -17.76 17.76 13.57
CA ASP B 220 -16.62 18.64 13.40
C ASP B 220 -15.31 17.85 13.44
N LYS B 221 -15.13 17.05 14.49
CA LYS B 221 -13.95 16.18 14.62
C LYS B 221 -13.83 15.23 13.45
N TRP B 222 -14.96 14.68 13.01
CA TRP B 222 -14.91 13.73 11.91
C TRP B 222 -14.30 14.37 10.67
N ASP B 223 -14.65 15.62 10.40
CA ASP B 223 -14.09 16.24 9.21
C ASP B 223 -12.61 16.52 9.40
N TYR B 224 -12.26 17.18 10.49
CA TYR B 224 -10.86 17.58 10.59
C TYR B 224 -9.94 16.41 10.87
N PHE B 225 -10.42 15.35 11.54
CA PHE B 225 -9.61 14.13 11.60
C PHE B 225 -9.32 13.61 10.19
N ALA B 226 -10.37 13.38 9.39
CA ALA B 226 -10.15 12.85 8.04
C ALA B 226 -9.35 13.83 7.18
N ARG B 227 -9.73 15.09 7.23
CA ARG B 227 -9.07 16.07 6.37
C ARG B 227 -7.61 16.27 6.77
N ASP B 228 -7.33 16.42 8.08
CA ASP B 228 -5.94 16.59 8.51
C ASP B 228 -5.08 15.39 8.14
N CYS B 229 -5.60 14.15 8.34
CA CYS B 229 -4.88 12.94 7.95
C CYS B 229 -4.52 12.98 6.47
N HIS B 230 -5.50 13.30 5.62
CA HIS B 230 -5.28 13.35 4.17
C HIS B 230 -4.14 14.31 3.81
N HIS B 231 -4.08 15.45 4.48
CA HIS B 231 -3.07 16.45 4.16
C HIS B 231 -1.73 16.16 4.81
N LEU B 232 -1.70 15.34 5.86
CA LEU B 232 -0.47 15.07 6.57
C LEU B 232 0.14 13.73 6.22
N GLY B 233 -0.53 12.90 5.42
CA GLY B 233 -0.01 11.58 5.11
C GLY B 233 -0.23 10.55 6.20
N ILE B 234 -1.17 10.78 7.12
CA ILE B 234 -1.38 9.94 8.29
C ILE B 234 -2.58 9.03 8.04
N GLN B 235 -2.40 7.75 8.38
CA GLN B 235 -3.47 6.76 8.24
C GLN B 235 -4.64 7.08 9.15
N ASN B 236 -5.85 7.00 8.60
CA ASN B 236 -7.08 7.20 9.37
C ASN B 236 -7.95 5.98 9.11
N ASN B 237 -8.20 5.18 10.15
CA ASN B 237 -9.04 4.01 9.97
C ASN B 237 -10.45 4.19 10.51
N PHE B 238 -10.73 5.31 11.17
CA PHE B 238 -12.11 5.60 11.55
C PHE B 238 -12.93 5.78 10.29
N ASP B 239 -14.14 5.21 10.29
CA ASP B 239 -15.01 5.23 9.12
C ASP B 239 -16.31 5.94 9.52
N TYR B 240 -16.40 7.23 9.16
CA TYR B 240 -17.57 7.99 9.57
C TYR B 240 -18.83 7.50 8.86
N LYS B 241 -18.70 7.06 7.61
CA LYS B 241 -19.86 6.59 6.86
C LYS B 241 -20.49 5.38 7.52
N ARG B 242 -19.70 4.57 8.23
CA ARG B 242 -20.23 3.42 8.95
C ARG B 242 -20.89 3.83 10.26
N PHE B 243 -20.29 4.79 10.98
CA PHE B 243 -20.87 5.24 12.23
C PHE B 243 -22.22 5.92 12.01
N ILE B 244 -22.35 6.64 10.90
CA ILE B 244 -23.62 7.29 10.56
C ILE B 244 -24.71 6.25 10.36
N LYS B 245 -24.38 5.16 9.67
CA LYS B 245 -25.38 4.12 9.42
C LYS B 245 -25.82 3.42 10.70
N PHE B 246 -24.97 3.41 11.73
CA PHE B 246 -25.24 2.71 12.97
C PHE B 246 -25.63 3.64 14.12
N ALA B 247 -25.79 4.93 13.86
CA ALA B 247 -26.16 5.87 14.90
C ALA B 247 -27.67 5.82 15.17
N ARG B 248 -28.02 6.05 16.43
CA ARG B 248 -29.40 5.98 16.84
C ARG B 248 -29.60 6.94 17.99
N VAL B 249 -30.81 7.48 18.11
CA VAL B 249 -31.17 8.25 19.29
C VAL B 249 -31.83 7.31 20.29
N CYS B 250 -31.31 7.30 21.51
CA CYS B 250 -31.80 6.43 22.58
C CYS B 250 -32.14 7.27 23.80
N GLU B 251 -32.70 6.59 24.80
CA GLU B 251 -33.04 7.19 26.08
C GLU B 251 -31.97 6.80 27.09
N VAL B 252 -31.16 7.77 27.51
CA VAL B 252 -30.16 7.55 28.54
C VAL B 252 -30.34 8.66 29.56
N ASP B 253 -30.51 8.29 30.83
CA ASP B 253 -30.71 9.26 31.93
C ASP B 253 -31.87 10.21 31.67
N ASN B 254 -32.98 9.68 31.14
CA ASN B 254 -34.17 10.45 30.80
C ASN B 254 -33.92 11.61 29.83
N GLU B 255 -33.03 11.39 28.89
CA GLU B 255 -32.70 12.38 27.86
C GLU B 255 -32.34 11.62 26.61
N LEU B 256 -32.48 12.25 25.46
CA LEU B 256 -32.15 11.56 24.22
C LEU B 256 -30.71 11.83 23.82
N ARG B 257 -29.96 10.75 23.69
CA ARG B 257 -28.57 10.82 23.27
C ARG B 257 -28.38 10.04 21.97
N ILE B 258 -27.51 10.56 21.10
CA ILE B 258 -27.05 9.79 19.96
C ILE B 258 -26.09 8.73 20.46
N CYS B 259 -26.29 7.49 20.04
CA CYS B 259 -25.48 6.37 20.51
C CYS B 259 -25.06 5.50 19.32
N ALA B 260 -23.88 4.89 19.45
CA ALA B 260 -23.36 3.96 18.46
C ALA B 260 -23.72 2.53 18.84
N ARG B 261 -23.46 1.61 17.90
CA ARG B 261 -23.87 0.24 18.09
C ARG B 261 -22.91 -0.51 19.02
N ASP B 262 -23.44 -1.59 19.60
CA ASP B 262 -22.66 -2.48 20.45
C ASP B 262 -21.48 -3.09 19.70
N LYS B 263 -21.74 -3.61 18.49
CA LYS B 263 -20.83 -4.49 17.79
C LYS B 263 -19.81 -3.74 16.92
N GLU B 264 -19.81 -2.42 17.00
CA GLU B 264 -18.90 -1.57 16.24
C GLU B 264 -18.08 -0.67 17.16
N VAL B 265 -17.84 -1.13 18.39
CA VAL B 265 -16.97 -0.41 19.31
C VAL B 265 -15.56 -0.29 18.73
N GLY B 266 -15.19 -1.20 17.82
CA GLY B 266 -13.86 -1.17 17.24
C GLY B 266 -13.65 0.00 16.30
N ASN B 267 -14.70 0.43 15.60
CA ASN B 267 -14.57 1.61 14.75
C ASN B 267 -14.31 2.86 15.59
N LEU B 268 -14.93 2.97 16.77
CA LEU B 268 -14.74 4.19 17.54
C LEU B 268 -13.37 4.25 18.22
N TYR B 269 -12.81 3.11 18.63
CA TYR B 269 -11.42 3.14 19.09
C TYR B 269 -10.47 3.51 17.97
N ASP B 270 -10.87 3.31 16.71
CA ASP B 270 -10.08 3.79 15.59
C ASP B 270 -10.11 5.32 15.54
N MET B 271 -11.26 5.92 15.87
CA MET B 271 -11.36 7.37 15.90
C MET B 271 -10.48 7.96 16.99
N PHE B 272 -10.41 7.30 18.15
CA PHE B 272 -9.59 7.82 19.23
C PHE B 272 -8.11 7.52 19.02
N HIS B 273 -7.80 6.44 18.30
CA HIS B 273 -6.45 6.21 17.80
C HIS B 273 -6.05 7.33 16.84
N THR B 274 -6.94 7.65 15.89
CA THR B 274 -6.68 8.77 14.99
C THR B 274 -6.50 10.08 15.77
N ARG B 275 -7.41 10.35 16.70
CA ARG B 275 -7.31 11.54 17.54
C ARG B 275 -5.91 11.68 18.17
N ASN B 276 -5.39 10.59 18.72
CA ASN B 276 -4.11 10.66 19.44
C ASN B 276 -2.90 10.66 18.51
N SER B 277 -3.01 10.04 17.34
CA SER B 277 -1.97 10.20 16.32
C SER B 277 -1.86 11.65 15.89
N LEU B 278 -3.00 12.26 15.55
CA LEU B 278 -3.00 13.65 15.12
C LEU B 278 -2.44 14.56 16.19
N HIS B 279 -2.82 14.33 17.45
CA HIS B 279 -2.38 15.21 18.53
C HIS B 279 -0.87 15.07 18.77
N ARG B 280 -0.37 13.84 18.83
CA ARG B 280 1.06 13.62 19.09
C ARG B 280 1.93 14.03 17.90
N ARG B 281 1.52 13.70 16.68
CA ARG B 281 2.41 13.91 15.53
C ARG B 281 2.31 15.30 14.93
N ALA B 282 1.16 15.98 15.06
CA ALA B 282 0.99 17.25 14.38
C ALA B 282 0.58 18.38 15.31
N TYR B 283 -0.57 18.23 15.99
CA TYR B 283 -1.11 19.33 16.79
C TYR B 283 -0.14 19.74 17.90
N GLN B 284 0.60 18.79 18.45
CA GLN B 284 1.54 19.09 19.53
C GLN B 284 2.99 19.13 19.05
N HIS B 285 3.23 19.02 17.73
CA HIS B 285 4.58 19.06 17.18
C HIS B 285 5.39 20.20 17.78
N LYS B 286 6.64 19.90 18.12
CA LYS B 286 7.46 20.84 18.88
C LYS B 286 7.83 22.03 18.04
N VAL B 287 8.34 21.80 16.83
CA VAL B 287 8.68 22.93 15.96
C VAL B 287 7.42 23.67 15.54
N GLY B 288 6.32 22.95 15.34
CA GLY B 288 5.09 23.61 14.94
C GLY B 288 4.61 24.62 15.96
N ASN B 289 4.62 24.23 17.24
CA ASN B 289 4.18 25.15 18.29
C ASN B 289 5.17 26.29 18.49
N ILE B 290 6.47 26.05 18.31
CA ILE B 290 7.43 27.15 18.40
C ILE B 290 7.13 28.20 17.34
N ILE B 291 6.86 27.74 16.11
CA ILE B 291 6.58 28.67 15.00
C ILE B 291 5.32 29.48 15.30
N ASP B 292 4.31 28.85 15.92
CA ASP B 292 3.11 29.58 16.31
C ASP B 292 3.43 30.73 17.28
N THR B 293 4.29 30.48 18.27
CA THR B 293 4.64 31.54 19.21
C THR B 293 5.47 32.63 18.55
N MET B 294 6.29 32.25 17.56
CA MET B 294 7.01 33.26 16.79
C MET B 294 6.05 34.20 16.07
N ILE B 295 5.07 33.62 15.35
CA ILE B 295 4.09 34.45 14.65
C ILE B 295 3.33 35.34 15.61
N THR B 296 2.89 34.77 16.75
CA THR B 296 2.19 35.57 17.76
C THR B 296 3.09 36.67 18.29
N ASP B 297 4.35 36.35 18.58
CA ASP B 297 5.33 37.37 18.92
C ASP B 297 5.40 38.47 17.86
N ALA B 298 5.38 38.11 16.58
CA ALA B 298 5.44 39.15 15.54
C ALA B 298 4.16 39.99 15.51
N PHE B 299 3.01 39.36 15.70
CA PHE B 299 1.75 40.13 15.76
C PHE B 299 1.74 41.09 16.94
N LEU B 300 2.29 40.66 18.09
CA LEU B 300 2.29 41.53 19.26
C LEU B 300 3.16 42.74 18.98
N LYS B 301 4.33 42.53 18.36
CA LYS B 301 5.19 43.65 18.03
C LYS B 301 4.63 44.54 16.92
N ALA B 302 3.65 44.03 16.15
CA ALA B 302 2.99 44.80 15.10
C ALA B 302 1.66 45.39 15.54
N ASP B 303 1.15 44.98 16.70
CA ASP B 303 -0.23 45.28 17.05
C ASP B 303 -0.49 46.78 17.19
N ASP B 304 0.52 47.56 17.54
CA ASP B 304 0.32 48.99 17.69
C ASP B 304 0.24 49.72 16.35
N TYR B 305 0.74 49.13 15.26
CA TYR B 305 0.94 49.85 14.00
C TYR B 305 0.07 49.37 12.85
N ILE B 306 -0.30 48.09 12.79
CA ILE B 306 -1.20 47.62 11.76
C ILE B 306 -2.57 48.23 11.99
N GLU B 307 -3.23 48.62 10.91
CA GLU B 307 -4.55 49.22 10.97
C GLU B 307 -5.50 48.41 10.09
N ILE B 308 -6.71 48.20 10.60
CA ILE B 308 -7.75 47.50 9.88
C ILE B 308 -9.00 48.33 10.05
N THR B 309 -9.55 48.79 8.94
CA THR B 309 -10.62 49.76 8.98
C THR B 309 -11.95 49.02 9.07
N GLY B 310 -12.71 49.32 10.12
CA GLY B 310 -13.95 48.64 10.38
C GLY B 310 -15.19 49.48 10.11
N ALA B 311 -16.20 49.32 10.95
CA ALA B 311 -17.48 49.97 10.73
C ALA B 311 -17.34 51.48 10.87
N GLY B 312 -18.03 52.21 9.99
CA GLY B 312 -17.91 53.66 9.95
C GLY B 312 -16.52 54.17 9.60
N GLY B 313 -15.63 53.32 9.09
CA GLY B 313 -14.26 53.73 8.85
C GLY B 313 -13.39 53.75 10.07
N LYS B 314 -13.94 53.46 11.24
CA LYS B 314 -13.16 53.41 12.46
C LYS B 314 -12.01 52.43 12.28
N LYS B 315 -10.86 52.77 12.88
CA LYS B 315 -9.64 52.00 12.67
C LYS B 315 -9.43 51.09 13.86
N TYR B 316 -9.09 49.84 13.58
CA TYR B 316 -8.87 48.85 14.62
C TYR B 316 -7.49 48.25 14.44
N ARG B 317 -7.02 47.57 15.48
CA ARG B 317 -5.79 46.82 15.40
C ARG B 317 -6.10 45.33 15.43
N ILE B 318 -5.06 44.53 15.24
CA ILE B 318 -5.20 43.08 15.22
C ILE B 318 -5.93 42.59 16.47
N SER B 319 -5.53 43.10 17.64
CA SER B 319 -6.14 42.67 18.89
C SER B 319 -7.54 43.25 19.10
N THR B 320 -7.92 44.30 18.38
CA THR B 320 -9.23 44.90 18.57
C THR B 320 -10.18 44.67 17.42
N ALA B 321 -9.70 44.16 16.27
CA ALA B 321 -10.60 43.81 15.19
C ALA B 321 -11.70 42.85 15.64
N ILE B 322 -11.46 42.06 16.70
CA ILE B 322 -12.49 41.19 17.26
C ILE B 322 -13.69 41.94 17.81
N ASP B 323 -13.55 43.25 18.08
CA ASP B 323 -14.66 44.03 18.60
C ASP B 323 -15.57 44.56 17.50
N ASP B 324 -15.20 44.39 16.23
CA ASP B 324 -16.01 44.88 15.14
C ASP B 324 -16.01 43.85 14.01
N MET B 325 -17.18 43.31 13.70
CA MET B 325 -17.23 42.25 12.70
C MET B 325 -16.88 42.76 11.31
N GLU B 326 -17.08 44.05 11.02
CA GLU B 326 -16.66 44.54 9.72
C GLU B 326 -15.15 44.48 9.57
N ALA B 327 -14.40 44.89 10.59
CA ALA B 327 -12.94 44.81 10.52
C ALA B 327 -12.47 43.36 10.62
N TYR B 328 -13.08 42.59 11.51
CA TYR B 328 -12.71 41.19 11.66
C TYR B 328 -12.90 40.43 10.35
N THR B 329 -13.90 40.80 9.55
CA THR B 329 -14.09 40.21 8.24
C THR B 329 -12.82 40.30 7.41
N LYS B 330 -12.01 41.34 7.61
CA LYS B 330 -10.79 41.55 6.83
C LYS B 330 -9.53 41.16 7.59
N LEU B 331 -9.64 40.37 8.66
CA LEU B 331 -8.49 39.96 9.48
C LEU B 331 -8.25 38.47 9.24
N THR B 332 -7.25 38.15 8.41
CA THR B 332 -6.98 36.77 8.00
C THR B 332 -5.47 36.56 8.05
N ASP B 333 -5.02 35.41 7.53
CA ASP B 333 -3.57 35.15 7.48
C ASP B 333 -2.83 36.16 6.62
N ASN B 334 -3.56 37.03 5.93
CA ASN B 334 -2.92 38.04 5.09
C ASN B 334 -2.09 38.98 5.95
N ILE B 335 -2.45 39.06 7.22
CA ILE B 335 -1.76 39.93 8.15
C ILE B 335 -0.28 39.53 8.21
N PHE B 336 -0.02 38.24 8.16
CA PHE B 336 1.36 37.74 8.14
C PHE B 336 2.17 38.39 7.02
N LEU B 337 1.60 38.47 5.82
CA LEU B 337 2.38 39.00 4.70
C LEU B 337 2.36 40.52 4.68
N GLU B 338 1.31 41.13 5.22
CA GLU B 338 1.34 42.57 5.45
C GLU B 338 2.56 42.94 6.30
N ILE B 339 2.83 42.17 7.35
CA ILE B 339 4.01 42.44 8.16
C ILE B 339 5.29 42.13 7.39
N LEU B 340 5.32 40.99 6.72
CA LEU B 340 6.56 40.52 6.09
C LEU B 340 7.01 41.45 4.96
N TYR B 341 6.06 42.03 4.22
CA TYR B 341 6.37 42.89 3.07
C TYR B 341 6.41 44.36 3.43
N SER B 342 6.08 44.72 4.67
CA SER B 342 6.01 46.13 5.04
C SER B 342 7.39 46.77 4.96
N THR B 343 7.40 48.11 4.79
CA THR B 343 8.64 48.89 4.88
C THR B 343 8.63 49.94 6.00
N ASP B 344 7.47 50.20 6.61
CA ASP B 344 7.41 51.05 7.77
C ASP B 344 8.47 50.65 8.80
N PRO B 345 9.35 51.57 9.23
CA PRO B 345 10.36 51.21 10.24
C PRO B 345 9.76 50.87 11.59
N LYS B 346 8.54 51.35 11.89
CA LYS B 346 7.86 50.93 13.11
C LYS B 346 7.53 49.44 13.10
N LEU B 347 7.50 48.79 11.94
CA LEU B 347 7.24 47.35 11.89
C LEU B 347 8.51 46.52 11.76
N LYS B 348 9.69 47.15 11.89
CA LYS B 348 10.95 46.43 11.69
C LYS B 348 11.09 45.24 12.62
N ASP B 349 10.75 45.40 13.90
CA ASP B 349 10.97 44.31 14.85
C ASP B 349 10.07 43.12 14.55
N ALA B 350 8.79 43.38 14.28
CA ALA B 350 7.87 42.31 13.88
C ALA B 350 8.37 41.63 12.60
N ARG B 351 8.70 42.44 11.59
CA ARG B 351 9.24 41.94 10.33
C ARG B 351 10.40 40.98 10.56
N GLU B 352 11.31 41.32 11.48
CA GLU B 352 12.51 40.50 11.63
C GLU B 352 12.24 39.19 12.35
N ILE B 353 11.18 39.14 13.18
CA ILE B 353 10.73 37.85 13.69
C ILE B 353 10.23 36.97 12.55
N LEU B 354 9.38 37.54 11.69
CA LEU B 354 8.89 36.78 10.53
C LEU B 354 10.04 36.32 9.64
N LYS B 355 11.04 37.20 9.40
CA LYS B 355 12.18 36.77 8.60
C LYS B 355 13.01 35.69 9.31
N GLN B 356 13.01 35.67 10.65
CA GLN B 356 13.64 34.55 11.36
C GLN B 356 12.99 33.23 10.98
N ILE B 357 11.66 33.23 10.79
CA ILE B 357 10.97 32.02 10.34
C ILE B 357 11.47 31.58 8.97
N GLU B 358 11.53 32.51 8.01
CA GLU B 358 11.95 32.17 6.65
C GLU B 358 13.37 31.62 6.63
N TYR B 359 14.29 32.28 7.35
CA TYR B 359 15.66 31.81 7.39
C TYR B 359 15.82 30.55 8.25
N ARG B 360 14.77 30.17 9.00
CA ARG B 360 14.79 28.97 9.85
C ARG B 360 15.68 29.13 11.07
N ASN B 361 15.79 30.34 11.61
CA ASN B 361 16.49 30.58 12.86
C ASN B 361 15.41 30.77 13.93
N LEU B 362 14.96 29.66 14.51
CA LEU B 362 13.78 29.66 15.35
C LEU B 362 14.14 29.75 16.82
N PHE B 363 13.18 30.22 17.63
CA PHE B 363 13.34 30.16 19.08
C PHE B 363 13.78 28.76 19.47
N LYS B 364 14.61 28.66 20.51
CA LYS B 364 15.18 27.38 20.88
C LYS B 364 14.39 26.74 22.02
N TYR B 365 14.19 25.43 21.92
CA TYR B 365 13.37 24.69 22.88
C TYR B 365 14.13 24.48 24.18
N VAL B 366 13.52 24.87 25.29
CA VAL B 366 14.14 24.75 26.61
C VAL B 366 13.69 23.50 27.36
N GLY B 367 12.39 23.25 27.43
CA GLY B 367 11.91 22.02 28.03
C GLY B 367 10.40 22.05 28.21
N GLU B 368 9.90 21.00 28.86
CA GLU B 368 8.47 20.78 29.00
C GLU B 368 8.16 20.32 30.43
N THR B 369 7.04 20.80 30.96
CA THR B 369 6.53 20.31 32.24
C THR B 369 5.01 20.27 32.18
N GLN B 370 4.40 19.82 33.27
CA GLN B 370 2.97 19.73 33.46
C GLN B 370 2.64 20.25 34.86
N PRO B 371 1.50 20.92 35.02
CA PRO B 371 1.05 21.25 36.37
C PRO B 371 0.46 19.99 37.01
N THR B 372 1.02 19.58 38.13
CA THR B 372 0.49 18.39 38.79
C THR B 372 -0.88 18.68 39.40
N GLY B 373 -1.55 17.61 39.84
CA GLY B 373 -2.94 17.76 40.22
C GLY B 373 -3.81 18.05 39.00
N GLN B 374 -4.92 18.74 39.25
CA GLN B 374 -5.86 19.12 38.20
C GLN B 374 -5.91 20.63 38.06
N ILE B 375 -4.74 21.28 38.15
CA ILE B 375 -4.62 22.72 38.01
C ILE B 375 -4.33 23.07 36.56
N LYS B 376 -5.01 24.11 36.06
CA LYS B 376 -4.82 24.60 34.71
C LYS B 376 -4.35 26.05 34.77
N ILE B 377 -3.28 26.37 34.06
CA ILE B 377 -2.96 27.76 33.82
C ILE B 377 -4.07 28.35 32.95
N LYS B 378 -4.54 29.53 33.33
CA LYS B 378 -5.65 30.17 32.65
C LYS B 378 -5.16 31.29 31.74
N ARG B 379 -5.93 31.53 30.67
CA ARG B 379 -5.50 32.44 29.61
C ARG B 379 -5.17 33.84 30.15
N GLU B 380 -5.99 34.34 31.09
CA GLU B 380 -5.67 35.59 31.79
C GLU B 380 -4.24 35.61 32.31
N ASP B 381 -3.64 34.46 32.62
CA ASP B 381 -2.36 34.38 33.30
C ASP B 381 -1.19 34.11 32.35
N TYR B 382 -1.45 34.00 31.05
CA TYR B 382 -0.38 33.69 30.10
C TYR B 382 0.70 34.76 30.11
N GLU B 383 0.30 36.04 30.07
CA GLU B 383 1.27 37.13 30.04
C GLU B 383 2.20 37.13 31.25
N SER B 384 1.72 36.63 32.40
CA SER B 384 2.54 36.62 33.61
C SER B 384 3.62 35.54 33.55
N LEU B 385 3.44 34.49 32.75
CA LEU B 385 4.34 33.35 32.82
C LEU B 385 5.80 33.67 32.53
N PRO B 386 6.15 34.42 31.47
CA PRO B 386 7.57 34.73 31.26
C PRO B 386 8.19 35.47 32.43
N LYS B 387 7.43 36.38 33.06
CA LYS B 387 7.95 37.14 34.20
C LYS B 387 8.30 36.20 35.35
N GLU B 388 7.44 35.21 35.63
CA GLU B 388 7.72 34.26 36.71
C GLU B 388 9.00 33.48 36.44
N VAL B 389 9.23 33.09 35.18
CA VAL B 389 10.40 32.29 34.86
C VAL B 389 11.67 33.12 34.97
N ALA B 390 11.64 34.35 34.48
CA ALA B 390 12.78 35.23 34.67
C ALA B 390 13.03 35.54 36.14
N SER B 391 12.01 35.41 36.99
CA SER B 391 12.11 35.67 38.41
C SER B 391 12.61 34.48 39.22
N ALA B 392 12.64 33.28 38.63
CA ALA B 392 13.16 32.13 39.33
C ALA B 392 14.61 32.38 39.73
N LYS B 393 15.04 31.74 40.82
CA LYS B 393 16.39 31.85 41.33
C LYS B 393 17.04 30.49 41.15
N PRO B 394 17.76 30.30 40.05
CA PRO B 394 18.41 28.99 39.92
C PRO B 394 19.38 28.89 41.09
N LYS B 395 19.54 27.69 41.64
CA LYS B 395 20.40 27.51 42.79
C LYS B 395 21.85 27.88 42.52
N VAL B 396 22.34 27.56 41.33
CA VAL B 396 23.72 27.89 41.01
C VAL B 396 23.79 29.18 40.19
N LEU B 397 24.60 30.12 40.68
CA LEU B 397 24.77 31.39 40.00
C LEU B 397 25.35 31.12 38.63
N LEU B 398 24.93 31.91 37.65
CA LEU B 398 25.39 31.75 36.28
C LEU B 398 25.91 33.06 35.71
N ASP B 399 26.76 32.93 34.70
CA ASP B 399 27.39 34.06 34.04
C ASP B 399 26.40 35.00 33.38
N VAL B 400 25.37 34.44 32.75
CA VAL B 400 24.38 35.25 32.06
C VAL B 400 22.99 35.23 32.70
N LYS B 401 22.40 36.41 32.85
CA LYS B 401 21.07 36.54 33.41
C LYS B 401 20.13 37.02 32.32
N LEU B 402 18.91 36.51 32.32
CA LEU B 402 17.94 36.80 31.27
C LEU B 402 16.75 37.54 31.85
N LYS B 403 16.01 38.21 30.97
CA LYS B 403 14.78 38.91 31.32
C LYS B 403 13.58 38.16 30.76
N ALA B 404 12.40 38.59 31.20
CA ALA B 404 11.16 37.96 30.77
C ALA B 404 11.04 37.95 29.26
N GLU B 405 11.58 38.99 28.60
CA GLU B 405 11.49 39.11 27.15
C GLU B 405 12.21 37.98 26.43
N ASP B 406 13.21 37.37 27.06
CA ASP B 406 13.94 36.27 26.43
C ASP B 406 13.21 34.94 26.52
N PHE B 407 12.06 34.90 27.19
CA PHE B 407 11.36 33.67 27.48
C PHE B 407 10.02 33.65 26.75
N ILE B 408 9.73 32.54 26.08
CA ILE B 408 8.38 32.21 25.63
C ILE B 408 7.89 31.04 26.45
N VAL B 409 6.72 31.18 27.04
CA VAL B 409 6.06 30.08 27.74
C VAL B 409 4.81 29.72 26.95
N ASP B 410 4.73 28.45 26.55
CA ASP B 410 3.72 27.96 25.63
C ASP B 410 2.87 26.94 26.39
N VAL B 411 1.61 27.28 26.60
CA VAL B 411 0.67 26.43 27.31
C VAL B 411 -0.13 25.68 26.25
N ILE B 412 -0.05 24.36 26.29
CA ILE B 412 -0.63 23.49 25.26
C ILE B 412 -1.75 22.70 25.92
N ASN B 413 -2.98 22.98 25.52
CA ASN B 413 -4.16 22.28 26.02
C ASN B 413 -4.63 21.25 25.01
N MET B 414 -5.14 20.13 25.53
CA MET B 414 -5.61 19.06 24.63
C MET B 414 -7.09 19.18 24.28
N ASP B 415 -7.93 19.64 25.20
CA ASP B 415 -9.37 19.78 24.91
C ASP B 415 -9.91 21.15 25.35
N VAL B 427 -19.64 7.74 26.41
CA VAL B 427 -19.98 7.04 25.18
C VAL B 427 -21.06 5.97 25.44
N SER B 428 -22.27 6.23 24.96
CA SER B 428 -23.42 5.36 25.17
C SER B 428 -23.57 4.38 24.00
N PHE B 429 -24.05 3.18 24.29
CA PHE B 429 -24.17 2.13 23.30
C PHE B 429 -25.54 1.47 23.37
N TYR B 430 -25.90 0.82 22.26
CA TYR B 430 -27.13 0.04 22.16
C TYR B 430 -26.83 -1.19 21.32
N CYS B 431 -27.69 -2.21 21.43
CA CYS B 431 -27.61 -3.38 20.57
C CYS B 431 -28.95 -3.67 19.91
N LYS B 432 -28.90 -4.49 18.85
CA LYS B 432 -29.89 -4.42 17.77
C LYS B 432 -31.33 -4.62 18.26
N THR B 433 -31.56 -5.64 19.10
CA THR B 433 -32.91 -5.93 19.56
C THR B 433 -33.25 -5.32 20.91
N ALA B 434 -32.31 -4.60 21.54
CA ALA B 434 -32.62 -3.69 22.63
C ALA B 434 -32.29 -2.28 22.15
N PRO B 435 -32.89 -1.81 21.05
CA PRO B 435 -32.37 -0.61 20.39
C PRO B 435 -32.67 0.66 21.15
N ALA B 455 -1.70 13.56 28.93
CA ALA B 455 -1.52 14.81 29.67
C ALA B 455 -2.43 15.90 29.14
N GLU B 456 -3.29 16.44 30.01
CA GLU B 456 -4.30 17.37 29.55
C GLU B 456 -3.74 18.78 29.29
N GLN B 457 -2.80 19.24 30.11
CA GLN B 457 -2.13 20.52 29.86
C GLN B 457 -0.63 20.30 29.91
N LEU B 458 0.06 20.67 28.84
CA LEU B 458 1.51 20.68 28.81
C LEU B 458 1.97 22.13 28.81
N ILE B 459 3.15 22.34 29.39
CA ILE B 459 3.74 23.68 29.44
C ILE B 459 5.16 23.57 28.90
N ARG B 460 5.44 24.29 27.82
CA ARG B 460 6.77 24.30 27.24
C ARG B 460 7.34 25.71 27.29
N VAL B 461 8.65 25.79 27.43
CA VAL B 461 9.36 27.07 27.49
C VAL B 461 10.42 27.08 26.39
N TYR B 462 10.50 28.20 25.67
CA TYR B 462 11.50 28.43 24.65
C TYR B 462 12.21 29.74 24.96
N CYS B 463 13.42 29.89 24.42
CA CYS B 463 14.24 31.07 24.65
C CYS B 463 14.62 31.71 23.32
N LYS B 464 14.58 33.04 23.29
CA LYS B 464 14.86 33.78 22.06
C LYS B 464 16.36 33.91 21.80
N LYS B 465 17.17 34.02 22.84
CA LYS B 465 18.63 34.07 22.67
C LYS B 465 19.16 32.68 22.41
N VAL B 466 20.12 32.58 21.49
CA VAL B 466 20.54 31.30 20.93
C VAL B 466 21.93 30.85 21.38
N ASP B 467 22.76 31.75 21.90
CA ASP B 467 24.09 31.36 22.34
C ASP B 467 24.01 30.26 23.39
N ARG B 468 24.97 29.32 23.33
CA ARG B 468 24.85 28.03 23.98
C ARG B 468 24.65 28.13 25.48
N LYS B 469 24.99 29.27 26.09
CA LYS B 469 24.96 29.40 27.54
C LYS B 469 23.91 30.38 28.06
N SER B 470 23.39 31.27 27.22
CA SER B 470 22.07 31.82 27.53
C SER B 470 21.02 30.72 27.54
N LEU B 471 21.19 29.71 26.70
CA LEU B 471 20.30 28.56 26.71
C LEU B 471 20.51 27.71 27.95
N TYR B 472 21.77 27.47 28.32
CA TYR B 472 22.05 26.74 29.55
C TYR B 472 21.43 27.45 30.75
N ALA B 473 21.57 28.78 30.80
CA ALA B 473 20.95 29.57 31.85
C ALA B 473 19.44 29.47 31.79
N ALA B 474 18.88 29.59 30.57
CA ALA B 474 17.43 29.53 30.42
C ALA B 474 16.87 28.22 30.97
N ARG B 475 17.60 27.11 30.76
CA ARG B 475 17.16 25.83 31.29
C ARG B 475 17.10 25.81 32.81
N GLN B 476 18.00 26.53 33.48
CA GLN B 476 17.99 26.49 34.94
C GLN B 476 16.91 27.40 35.53
N TYR B 477 16.65 28.54 34.90
CA TYR B 477 15.45 29.32 35.23
C TYR B 477 14.20 28.47 35.09
N PHE B 478 14.13 27.66 34.04
CA PHE B 478 12.97 26.80 33.83
C PHE B 478 12.86 25.73 34.91
N VAL B 479 13.96 25.02 35.18
CA VAL B 479 13.91 23.95 36.17
C VAL B 479 13.50 24.50 37.54
N GLN B 480 14.05 25.66 37.91
CA GLN B 480 13.72 26.28 39.18
C GLN B 480 12.25 26.70 39.21
N TRP B 481 11.79 27.34 38.13
CA TRP B 481 10.40 27.79 38.04
C TRP B 481 9.41 26.63 38.21
N CYS B 482 9.73 25.45 37.69
CA CYS B 482 8.87 24.29 37.95
C CYS B 482 8.85 23.95 39.44
N ALA B 483 10.02 23.94 40.07
CA ALA B 483 10.07 23.69 41.51
C ALA B 483 9.21 24.69 42.27
N ASP B 484 9.35 25.97 41.95
CA ASP B 484 8.61 27.03 42.64
C ASP B 484 7.09 26.81 42.58
N ARG B 485 6.60 26.20 41.50
CA ARG B 485 5.16 26.00 41.31
C ARG B 485 4.74 24.55 41.51
N ASN B 486 5.64 23.70 41.96
CA ASN B 486 5.39 22.26 42.13
C ASN B 486 4.89 21.63 40.83
N PHE B 487 5.44 22.11 39.72
CA PHE B 487 5.24 21.46 38.44
C PHE B 487 6.19 20.27 38.33
N THR B 488 5.82 19.30 37.50
CA THR B 488 6.68 18.14 37.24
C THR B 488 8.11 18.58 36.95
N LYS B 489 9.06 17.82 37.48
CA LYS B 489 10.46 18.15 37.23
C LYS B 489 10.81 17.81 35.78
N PRO B 490 11.31 18.77 35.02
CA PRO B 490 11.58 18.53 33.60
C PRO B 490 12.51 17.34 33.37
N GLN B 491 12.26 16.62 32.28
CA GLN B 491 13.10 15.52 31.86
C GLN B 491 14.35 16.07 31.16
N ASP B 492 15.12 15.20 30.52
CA ASP B 492 16.29 15.62 29.73
C ASP B 492 16.03 15.37 28.25
N GLY C 24 21.72 18.02 7.26
CA GLY C 24 20.64 17.64 6.32
C GLY C 24 19.28 17.66 7.00
N LYS C 25 18.20 17.50 6.25
CA LYS C 25 16.87 17.54 6.90
C LYS C 25 15.91 16.59 6.19
N VAL C 26 14.83 16.25 6.87
CA VAL C 26 13.78 15.38 6.25
C VAL C 26 12.44 16.09 6.35
N ILE C 27 11.74 16.21 5.24
CA ILE C 27 10.44 16.84 5.21
C ILE C 27 9.39 15.80 4.83
N ASN C 28 8.31 15.74 5.60
CA ASN C 28 7.25 14.77 5.34
C ASN C 28 6.19 15.37 4.43
N ASP C 29 5.99 14.76 3.29
CA ASP C 29 5.01 15.18 2.33
C ASP C 29 3.97 14.08 2.13
N PRO C 30 2.69 14.41 2.03
CA PRO C 30 1.69 13.36 1.83
C PRO C 30 1.83 12.62 0.51
N ILE C 31 2.36 13.25 -0.54
CA ILE C 31 2.49 12.54 -1.80
C ILE C 31 3.63 11.52 -1.77
N HIS C 32 4.82 11.97 -1.36
CA HIS C 32 6.03 11.18 -1.50
C HIS C 32 6.54 10.59 -0.18
N GLY C 33 5.97 11.03 0.95
CA GLY C 33 6.45 10.56 2.26
C GLY C 33 7.65 11.36 2.72
N HIS C 34 8.66 10.69 3.27
CA HIS C 34 9.88 11.37 3.80
C HIS C 34 10.78 11.85 2.67
N ILE C 35 11.03 13.16 2.58
CA ILE C 35 11.93 13.74 1.54
C ILE C 35 13.25 14.12 2.22
N GLU C 36 14.36 13.49 1.84
CA GLU C 36 15.64 13.81 2.46
C GLU C 36 16.35 14.90 1.66
N LEU C 37 16.71 15.97 2.34
CA LEU C 37 17.31 17.13 1.71
C LEU C 37 18.75 17.25 2.19
N HIS C 38 19.69 17.15 1.24
CA HIS C 38 21.10 17.47 1.42
C HIS C 38 21.18 18.87 2.03
N PRO C 39 22.15 19.12 2.91
CA PRO C 39 22.21 20.43 3.57
C PRO C 39 22.30 21.61 2.61
N LEU C 40 22.93 21.42 1.44
CA LEU C 40 22.93 22.47 0.42
C LEU C 40 21.52 22.80 -0.02
N LEU C 41 20.70 21.78 -0.27
CA LEU C 41 19.31 22.01 -0.66
C LEU C 41 18.56 22.77 0.42
N VAL C 42 18.78 22.40 1.69
CA VAL C 42 18.17 23.11 2.82
C VAL C 42 18.54 24.59 2.80
N ARG C 43 19.81 24.91 2.50
CA ARG C 43 20.22 26.32 2.50
C ARG C 43 19.48 27.08 1.40
N ILE C 44 19.20 26.42 0.27
CA ILE C 44 18.46 27.04 -0.82
C ILE C 44 17.00 27.24 -0.45
N ILE C 45 16.39 26.24 0.20
CA ILE C 45 14.96 26.26 0.53
C ILE C 45 14.65 27.30 1.59
N ASP C 46 15.56 27.51 2.54
CA ASP C 46 15.32 28.40 3.67
C ASP C 46 15.78 29.83 3.34
N THR C 47 15.19 30.40 2.30
CA THR C 47 15.45 31.78 1.91
C THR C 47 14.11 32.42 1.61
N PRO C 48 14.05 33.77 1.61
CA PRO C 48 12.79 34.43 1.24
C PRO C 48 12.40 34.16 -0.21
N GLN C 49 13.38 33.95 -1.08
CA GLN C 49 13.08 33.71 -2.49
C GLN C 49 12.40 32.35 -2.69
N PHE C 50 12.80 31.34 -1.92
CA PHE C 50 12.18 30.02 -2.06
C PHE C 50 10.90 29.92 -1.26
N GLN C 51 10.91 30.38 0.01
CA GLN C 51 9.71 30.34 0.84
C GLN C 51 8.56 31.11 0.22
N ARG C 52 8.85 32.08 -0.65
CA ARG C 52 7.81 32.83 -1.36
C ARG C 52 6.81 31.89 -2.04
N LEU C 53 7.27 30.72 -2.49
CA LEU C 53 6.39 29.78 -3.18
C LEU C 53 5.25 29.26 -2.29
N ARG C 54 5.34 29.43 -0.96
CA ARG C 54 4.23 29.13 -0.07
C ARG C 54 3.00 29.99 -0.30
N TYR C 55 3.14 31.11 -1.05
CA TYR C 55 2.06 32.08 -1.17
C TYR C 55 1.57 32.22 -2.59
N ILE C 56 1.86 31.24 -3.44
CA ILE C 56 1.37 31.18 -4.81
C ILE C 56 0.63 29.85 -4.99
N LYS C 57 -0.70 29.91 -5.17
CA LYS C 57 -1.50 28.70 -5.32
C LYS C 57 -1.12 27.96 -6.60
N GLN C 58 -0.93 26.65 -6.48
CA GLN C 58 -0.58 25.81 -7.61
C GLN C 58 -1.55 25.99 -8.76
N LEU C 59 -2.85 25.94 -8.47
CA LEU C 59 -3.88 25.93 -9.51
C LEU C 59 -4.50 27.29 -9.75
N GLY C 60 -3.88 28.35 -9.24
CA GLY C 60 -4.36 29.69 -9.52
C GLY C 60 -5.72 29.90 -8.91
N GLY C 61 -6.67 30.31 -9.73
CA GLY C 61 -8.01 30.41 -9.24
C GLY C 61 -8.78 29.11 -9.16
N GLY C 62 -8.16 27.95 -9.48
CA GLY C 62 -8.88 26.69 -9.36
C GLY C 62 -9.39 26.44 -7.95
N TYR C 63 -8.70 26.96 -6.95
CA TYR C 63 -9.15 26.86 -5.55
C TYR C 63 -10.60 27.35 -5.37
N TYR C 64 -11.03 28.36 -6.15
CA TYR C 64 -12.40 28.89 -6.05
C TYR C 64 -13.44 27.94 -6.66
N VAL C 65 -13.01 26.94 -7.41
CA VAL C 65 -13.90 25.87 -7.88
C VAL C 65 -13.66 24.56 -7.13
N PHE C 66 -12.43 24.28 -6.73
CA PHE C 66 -12.06 23.02 -6.09
C PHE C 66 -11.52 23.31 -4.70
N PRO C 67 -12.36 23.23 -3.67
CA PRO C 67 -11.90 23.57 -2.31
C PRO C 67 -10.76 22.71 -1.80
N GLY C 68 -10.54 21.52 -2.37
CA GLY C 68 -9.41 20.72 -1.92
C GLY C 68 -8.08 21.22 -2.45
N ALA C 69 -8.12 22.10 -3.46
CA ALA C 69 -6.91 22.53 -4.16
C ALA C 69 -6.36 23.85 -3.59
N SER C 70 -6.09 23.83 -2.28
CA SER C 70 -5.44 24.91 -1.54
C SER C 70 -3.92 24.87 -1.65
N HIS C 71 -3.37 23.88 -2.36
CA HIS C 71 -1.92 23.68 -2.36
C HIS C 71 -1.20 24.75 -3.14
N ASN C 72 0.08 24.93 -2.80
CA ASN C 72 0.89 26.04 -3.29
C ASN C 72 2.10 25.50 -4.03
N ARG C 73 2.83 26.40 -4.70
CA ARG C 73 3.97 25.95 -5.48
C ARG C 73 5.10 25.38 -4.61
N PHE C 74 5.17 25.82 -3.35
CA PHE C 74 6.25 25.43 -2.46
C PHE C 74 6.33 23.91 -2.30
N GLU C 75 5.22 23.28 -1.89
CA GLU C 75 5.26 21.83 -1.66
C GLU C 75 5.46 21.08 -2.97
N HIS C 76 4.92 21.61 -4.06
CA HIS C 76 5.13 20.96 -5.35
C HIS C 76 6.59 20.99 -5.74
N SER C 77 7.29 22.12 -5.46
CA SER C 77 8.69 22.23 -5.84
C SER C 77 9.56 21.27 -5.05
N LEU C 78 9.31 21.15 -3.74
CA LEU C 78 10.01 20.16 -2.94
C LEU C 78 9.86 18.77 -3.54
N GLY C 79 8.67 18.46 -4.05
CA GLY C 79 8.44 17.14 -4.60
C GLY C 79 9.14 16.93 -5.92
N VAL C 80 9.21 17.98 -6.75
CA VAL C 80 9.99 17.88 -7.99
C VAL C 80 11.46 17.67 -7.67
N GLY C 81 12.01 18.46 -6.75
CA GLY C 81 13.37 18.22 -6.29
C GLY C 81 13.58 16.80 -5.82
N TYR C 82 12.62 16.24 -5.08
CA TYR C 82 12.76 14.87 -4.58
C TYR C 82 12.73 13.87 -5.72
N LEU C 83 11.82 14.06 -6.68
CA LEU C 83 11.68 13.07 -7.75
C LEU C 83 12.88 13.12 -8.68
N ALA C 84 13.35 14.33 -8.97
CA ALA C 84 14.51 14.48 -9.85
C ALA C 84 15.73 13.76 -9.28
N GLY C 85 15.95 13.89 -7.98
CA GLY C 85 17.04 13.15 -7.36
C GLY C 85 16.84 11.64 -7.41
N CYS C 86 15.60 11.17 -7.18
CA CYS C 86 15.31 9.73 -7.28
C CYS C 86 15.67 9.19 -8.65
N LEU C 87 15.23 9.85 -9.72
CA LEU C 87 15.48 9.33 -11.06
C LEU C 87 16.98 9.34 -11.36
N VAL C 88 17.65 10.47 -11.16
CA VAL C 88 19.06 10.55 -11.53
C VAL C 88 19.91 9.59 -10.71
N HIS C 89 19.59 9.42 -9.43
CA HIS C 89 20.35 8.48 -8.61
C HIS C 89 20.08 7.04 -9.01
N ALA C 90 18.84 6.72 -9.38
CA ALA C 90 18.53 5.37 -9.87
C ALA C 90 19.28 5.09 -11.18
N LEU C 91 19.31 6.06 -12.09
CA LEU C 91 20.01 5.85 -13.36
C LEU C 91 21.49 5.56 -13.12
N GLY C 92 22.14 6.35 -12.27
CA GLY C 92 23.57 6.20 -12.07
C GLY C 92 23.95 4.90 -11.41
N GLU C 93 23.11 4.38 -10.52
CA GLU C 93 23.41 3.13 -9.84
C GLU C 93 23.13 1.90 -10.70
N LYS C 94 22.22 2.02 -11.68
CA LYS C 94 21.96 0.93 -12.61
C LYS C 94 22.90 0.93 -13.80
N GLN C 95 23.42 2.10 -14.18
CA GLN C 95 24.31 2.24 -15.34
C GLN C 95 25.51 3.09 -14.96
N PRO C 96 26.52 2.50 -14.31
CA PRO C 96 27.72 3.27 -13.95
C PRO C 96 28.47 3.84 -15.14
N GLU C 97 28.28 3.27 -16.33
CA GLU C 97 28.94 3.82 -17.51
C GLU C 97 28.55 5.27 -17.77
N LEU C 98 27.39 5.70 -17.27
CA LEU C 98 26.95 7.07 -17.54
C LEU C 98 27.81 8.10 -16.84
N GLN C 99 28.52 7.72 -15.78
CA GLN C 99 29.42 8.61 -15.04
C GLN C 99 28.65 9.73 -14.34
N ILE C 100 27.58 9.36 -13.65
CA ILE C 100 26.76 10.31 -12.91
C ILE C 100 27.44 10.55 -11.56
N SER C 101 28.02 11.73 -11.39
CA SER C 101 28.62 12.08 -10.12
C SER C 101 27.55 12.54 -9.15
N GLU C 102 27.87 12.45 -7.85
CA GLU C 102 27.00 13.04 -6.84
C GLU C 102 26.91 14.57 -7.01
N ARG C 103 27.86 15.17 -7.74
CA ARG C 103 27.70 16.56 -8.13
C ARG C 103 26.55 16.74 -9.11
N ASP C 104 26.41 15.82 -10.07
CA ASP C 104 25.29 15.87 -11.01
C ASP C 104 23.97 15.70 -10.28
N VAL C 105 23.91 14.78 -9.33
CA VAL C 105 22.68 14.53 -8.61
C VAL C 105 22.22 15.79 -7.87
N LEU C 106 23.16 16.48 -7.22
CA LEU C 106 22.81 17.70 -6.50
C LEU C 106 22.30 18.77 -7.45
N CYS C 107 22.88 18.87 -8.65
CA CYS C 107 22.48 19.91 -9.59
C CYS C 107 21.10 19.63 -10.16
N VAL C 108 20.80 18.36 -10.44
CA VAL C 108 19.47 17.97 -10.89
C VAL C 108 18.44 18.20 -9.79
N GLN C 109 18.78 17.88 -8.54
CA GLN C 109 17.91 18.18 -7.42
C GLN C 109 17.63 19.68 -7.30
N ILE C 110 18.69 20.50 -7.41
CA ILE C 110 18.50 21.94 -7.32
C ILE C 110 17.59 22.44 -8.44
N ALA C 111 17.85 21.98 -9.67
CA ALA C 111 17.00 22.41 -10.77
C ALA C 111 15.54 22.02 -10.52
N GLY C 112 15.31 20.79 -10.03
CA GLY C 112 13.95 20.39 -9.70
C GLY C 112 13.35 21.24 -8.60
N LEU C 113 14.14 21.55 -7.57
CA LEU C 113 13.65 22.41 -6.50
C LEU C 113 13.30 23.80 -7.00
N CYS C 114 14.08 24.35 -7.94
CA CYS C 114 14.02 25.76 -8.30
C CYS C 114 13.29 26.05 -9.60
N HIS C 115 12.84 25.02 -10.33
CA HIS C 115 12.27 25.21 -11.66
C HIS C 115 11.05 26.14 -11.66
N ASP C 116 10.35 26.24 -10.54
CA ASP C 116 9.15 27.06 -10.47
C ASP C 116 9.36 28.36 -9.69
N LEU C 117 10.60 28.75 -9.39
CA LEU C 117 10.83 29.98 -8.65
C LEU C 117 10.22 31.20 -9.33
N GLY C 118 10.09 31.18 -10.64
CA GLY C 118 9.66 32.35 -11.38
C GLY C 118 8.16 32.54 -11.54
N HIS C 119 7.36 31.66 -10.94
CA HIS C 119 5.92 31.82 -11.04
C HIS C 119 5.46 33.07 -10.30
N GLY C 120 4.42 33.69 -10.83
CA GLY C 120 3.83 34.85 -10.23
C GLY C 120 2.52 34.52 -9.56
N PRO C 121 1.85 35.55 -9.04
CA PRO C 121 0.52 35.37 -8.47
C PRO C 121 -0.38 34.45 -9.29
N PHE C 122 -0.88 33.39 -8.65
CA PHE C 122 -1.85 32.48 -9.29
C PHE C 122 -1.24 31.72 -10.48
N SER C 123 0.08 31.55 -10.45
CA SER C 123 0.82 30.63 -11.35
C SER C 123 0.57 31.04 -12.79
N HIS C 124 0.02 30.13 -13.62
CA HIS C 124 -0.08 30.30 -15.05
C HIS C 124 -1.01 31.42 -15.47
N MET C 125 -1.89 31.88 -14.58
CA MET C 125 -2.65 33.08 -14.84
C MET C 125 -1.71 34.28 -15.11
N PHE C 126 -0.58 34.33 -14.40
CA PHE C 126 0.25 35.53 -14.39
C PHE C 126 1.06 35.68 -15.68
N ASP C 127 1.86 34.69 -16.02
CA ASP C 127 2.57 34.74 -17.30
C ASP C 127 1.70 34.35 -18.49
N GLY C 128 0.60 33.64 -18.26
CA GLY C 128 -0.21 33.10 -19.34
C GLY C 128 -1.19 34.13 -19.84
N ARG C 129 -1.59 35.06 -18.96
CA ARG C 129 -2.62 36.02 -19.31
C ARG C 129 -2.36 37.46 -18.84
N PHE C 130 -2.03 37.66 -17.57
CA PHE C 130 -1.93 39.01 -17.03
C PHE C 130 -0.83 39.82 -17.73
N ILE C 131 0.40 39.29 -17.75
CA ILE C 131 1.49 40.03 -18.39
C ILE C 131 1.24 40.27 -19.87
N PRO C 132 0.83 39.28 -20.68
CA PRO C 132 0.42 39.58 -22.05
C PRO C 132 -0.63 40.68 -22.13
N LEU C 133 -1.59 40.72 -21.20
CA LEU C 133 -2.56 41.81 -21.32
C LEU C 133 -2.03 43.14 -20.81
N ALA C 134 -1.15 43.13 -19.80
CA ALA C 134 -0.69 44.40 -19.23
C ALA C 134 0.44 45.02 -20.06
N ARG C 135 1.30 44.17 -20.64
CA ARG C 135 2.49 44.60 -21.37
C ARG C 135 2.64 43.74 -22.61
N PRO C 136 1.79 43.98 -23.63
CA PRO C 136 1.78 43.07 -24.78
C PRO C 136 3.10 42.98 -25.49
N GLU C 137 3.97 43.99 -25.32
CA GLU C 137 5.27 44.07 -25.98
C GLU C 137 6.33 43.18 -25.33
N VAL C 138 6.14 42.77 -24.10
CA VAL C 138 7.17 42.08 -23.33
C VAL C 138 7.05 40.59 -23.58
N LYS C 139 8.18 39.89 -23.59
CA LYS C 139 8.20 38.44 -23.73
C LYS C 139 8.65 37.88 -22.39
N TRP C 140 7.69 37.42 -21.59
CA TRP C 140 7.97 36.91 -20.26
C TRP C 140 7.41 35.50 -20.10
N THR C 141 8.18 34.64 -19.45
CA THR C 141 7.71 33.31 -19.07
C THR C 141 8.13 33.04 -17.63
N HIS C 142 7.36 32.20 -16.92
CA HIS C 142 7.76 31.87 -15.56
C HIS C 142 9.14 31.22 -15.52
N GLU C 143 9.51 30.52 -16.59
CA GLU C 143 10.81 29.84 -16.63
C GLU C 143 11.96 30.85 -16.63
N GLN C 144 11.88 31.87 -17.48
CA GLN C 144 12.88 32.93 -17.41
C GLN C 144 12.87 33.58 -16.04
N GLY C 145 11.68 33.79 -15.47
CA GLY C 145 11.62 34.22 -14.09
C GLY C 145 12.30 33.27 -13.12
N SER C 146 12.28 31.97 -13.42
CA SER C 146 12.91 31.04 -12.51
C SER C 146 14.42 31.22 -12.50
N VAL C 147 15.01 31.39 -13.68
CA VAL C 147 16.44 31.62 -13.77
C VAL C 147 16.81 32.89 -13.02
N MET C 148 16.02 33.96 -13.22
CA MET C 148 16.31 35.24 -12.57
C MET C 148 16.12 35.15 -11.07
N MET C 149 15.06 34.48 -10.62
CA MET C 149 14.90 34.34 -9.18
C MET C 149 15.98 33.45 -8.58
N PHE C 150 16.41 32.43 -9.31
CA PHE C 150 17.47 31.56 -8.82
C PHE C 150 18.78 32.33 -8.66
N GLU C 151 19.12 33.14 -9.66
CA GLU C 151 20.30 34.00 -9.56
C GLU C 151 20.17 34.95 -8.37
N HIS C 152 19.01 35.58 -8.21
CA HIS C 152 18.80 36.46 -7.06
C HIS C 152 18.89 35.68 -5.74
N LEU C 153 18.36 34.46 -5.71
CA LEU C 153 18.46 33.66 -4.49
C LEU C 153 19.91 33.39 -4.16
N ILE C 154 20.68 32.89 -5.15
CA ILE C 154 22.09 32.60 -4.98
C ILE C 154 22.85 33.82 -4.43
N ASN C 155 22.63 35.00 -5.03
CA ASN C 155 23.45 36.14 -4.68
C ASN C 155 22.99 36.80 -3.38
N SER C 156 21.70 36.76 -3.08
CA SER C 156 21.22 37.37 -1.85
C SER C 156 21.46 36.54 -0.61
N ASN C 157 21.98 35.32 -0.74
CA ASN C 157 22.07 34.42 0.40
C ASN C 157 23.42 33.74 0.50
N GLY C 158 24.42 34.20 -0.26
CA GLY C 158 25.74 33.59 -0.24
C GLY C 158 25.78 32.10 -0.49
N ILE C 159 25.03 31.62 -1.49
CA ILE C 159 24.95 30.18 -1.74
C ILE C 159 26.22 29.64 -2.42
N LYS C 160 26.91 30.48 -3.20
CA LYS C 160 28.08 29.99 -3.93
C LYS C 160 29.14 29.35 -3.04
N PRO C 161 29.57 29.96 -1.92
CA PRO C 161 30.49 29.25 -1.01
C PRO C 161 29.95 27.93 -0.53
N VAL C 162 28.66 27.86 -0.21
CA VAL C 162 28.07 26.61 0.26
C VAL C 162 28.14 25.55 -0.84
N MET C 163 27.92 25.96 -2.10
CA MET C 163 28.06 25.02 -3.21
C MET C 163 29.49 24.48 -3.31
N GLU C 164 30.48 25.37 -3.19
CA GLU C 164 31.87 24.93 -3.22
C GLU C 164 32.17 23.95 -2.10
N GLN C 165 31.69 24.25 -0.90
CA GLN C 165 31.89 23.38 0.25
C GLN C 165 31.39 21.96 -0.01
N TYR C 166 30.41 21.78 -0.90
CA TYR C 166 29.88 20.46 -1.19
C TYR C 166 30.26 19.95 -2.58
N GLY C 167 31.32 20.50 -3.17
CA GLY C 167 31.91 19.89 -4.36
C GLY C 167 31.37 20.40 -5.67
N LEU C 168 30.46 21.36 -5.65
CA LEU C 168 29.98 21.95 -6.88
C LEU C 168 30.96 23.03 -7.34
N ILE C 169 31.08 23.18 -8.66
CA ILE C 169 31.85 24.25 -9.28
C ILE C 169 30.88 25.35 -9.72
N PRO C 170 30.74 26.43 -8.95
CA PRO C 170 29.60 27.34 -9.16
C PRO C 170 29.38 27.80 -10.58
N GLU C 171 30.42 28.12 -11.35
CA GLU C 171 30.16 28.78 -12.63
C GLU C 171 29.53 27.84 -13.66
N GLU C 172 30.09 26.64 -13.83
CA GLU C 172 29.48 25.74 -14.81
C GLU C 172 28.24 25.05 -14.27
N ASP C 173 28.15 24.85 -12.95
CA ASP C 173 27.02 24.17 -12.35
C ASP C 173 25.78 25.07 -12.23
N ILE C 174 25.98 26.34 -11.88
CA ILE C 174 24.88 27.29 -11.95
C ILE C 174 24.34 27.38 -13.37
N CYS C 175 25.24 27.47 -14.36
CA CYS C 175 24.80 27.35 -15.76
C CYS C 175 23.99 26.08 -15.98
N PHE C 176 24.50 24.94 -15.51
CA PHE C 176 23.80 23.67 -15.72
C PHE C 176 22.39 23.74 -15.14
N ILE C 177 22.26 24.24 -13.91
CA ILE C 177 20.96 24.32 -13.25
C ILE C 177 20.01 25.23 -14.02
N LYS C 178 20.50 26.39 -14.47
CA LYS C 178 19.65 27.31 -15.21
C LYS C 178 19.21 26.70 -16.54
N GLU C 179 20.10 26.00 -17.22
CA GLU C 179 19.74 25.38 -18.49
C GLU C 179 18.69 24.29 -18.32
N GLN C 180 18.75 23.54 -17.21
CA GLN C 180 17.73 22.53 -16.97
C GLN C 180 16.35 23.16 -16.82
N ILE C 181 16.29 24.41 -16.38
CA ILE C 181 15.03 25.09 -16.11
C ILE C 181 14.48 25.76 -17.36
N VAL C 182 15.30 26.53 -18.06
CA VAL C 182 14.82 27.34 -19.17
C VAL C 182 15.17 26.77 -20.54
N GLY C 183 16.10 25.81 -20.61
CA GLY C 183 16.56 25.31 -21.88
C GLY C 183 17.87 25.95 -22.30
N PRO C 184 18.30 25.68 -23.54
CA PRO C 184 19.59 26.20 -24.02
C PRO C 184 19.48 27.68 -24.39
N LEU C 185 20.49 28.45 -23.99
CA LEU C 185 20.55 29.87 -24.27
C LEU C 185 21.15 30.19 -25.64
N LEU C 193 23.96 20.66 -33.67
CA LEU C 193 25.07 20.94 -32.76
C LEU C 193 24.59 21.01 -31.32
N TRP C 194 25.43 20.55 -30.40
CA TRP C 194 25.08 20.53 -28.98
C TRP C 194 25.00 21.95 -28.43
N PRO C 195 23.84 22.41 -27.98
CA PRO C 195 23.68 23.81 -27.59
C PRO C 195 23.92 24.10 -26.12
N TYR C 196 24.08 23.09 -25.26
CA TYR C 196 24.26 23.34 -23.85
C TYR C 196 25.73 23.51 -23.51
N LYS C 197 25.99 24.30 -22.47
CA LYS C 197 27.34 24.47 -21.96
C LYS C 197 27.54 23.98 -20.53
N GLY C 198 26.49 23.56 -19.83
CA GLY C 198 26.64 23.14 -18.46
C GLY C 198 27.14 21.72 -18.31
N ARG C 199 26.83 20.86 -19.27
CA ARG C 199 27.32 19.50 -19.31
C ARG C 199 27.56 19.13 -20.77
N PRO C 200 28.49 18.22 -21.03
CA PRO C 200 28.75 17.80 -22.41
C PRO C 200 27.61 16.96 -22.96
N GLU C 201 27.70 16.67 -24.26
CA GLU C 201 26.67 15.90 -24.94
C GLU C 201 26.54 14.49 -24.40
N ASN C 202 27.60 13.93 -23.82
CA ASN C 202 27.46 12.57 -23.28
C ASN C 202 26.65 12.52 -22.00
N LYS C 203 26.19 13.67 -21.50
CA LYS C 203 25.25 13.72 -20.40
C LYS C 203 23.94 14.37 -20.83
N SER C 204 23.60 14.18 -22.11
CA SER C 204 22.36 14.72 -22.67
C SER C 204 21.13 14.35 -21.84
N PHE C 205 21.11 13.12 -21.33
CA PHE C 205 19.93 12.59 -20.64
C PHE C 205 19.65 13.31 -19.32
N LEU C 206 20.63 14.01 -18.77
CA LEU C 206 20.38 14.79 -17.57
C LEU C 206 19.39 15.91 -17.83
N TYR C 207 19.35 16.41 -19.06
CA TYR C 207 18.49 17.54 -19.41
C TYR C 207 17.03 17.14 -19.64
N GLU C 208 16.74 15.84 -19.68
CA GLU C 208 15.37 15.36 -19.82
C GLU C 208 14.68 15.10 -18.49
N ILE C 209 15.34 15.33 -17.36
CA ILE C 209 14.80 14.92 -16.07
C ILE C 209 13.78 15.93 -15.55
N VAL C 210 14.16 17.22 -15.46
CA VAL C 210 13.29 18.20 -14.81
C VAL C 210 12.21 18.70 -15.77
N SER C 211 12.62 19.13 -16.97
CA SER C 211 11.68 19.63 -17.98
C SER C 211 12.06 19.01 -19.33
N ASN C 212 11.18 18.16 -19.85
CA ASN C 212 11.38 17.49 -21.15
C ASN C 212 10.35 18.05 -22.11
N LYS C 213 10.79 18.98 -22.96
CA LYS C 213 9.87 19.62 -23.92
C LYS C 213 9.58 18.76 -25.15
N ARG C 214 10.33 17.69 -25.37
CA ARG C 214 10.11 16.78 -26.50
C ARG C 214 9.27 15.55 -26.13
N ASN C 215 9.52 14.97 -24.95
CA ASN C 215 8.75 13.82 -24.48
C ASN C 215 7.38 14.24 -23.98
N GLY C 216 7.32 15.30 -23.19
CA GLY C 216 6.18 15.51 -22.33
C GLY C 216 6.20 14.64 -21.09
N ILE C 217 7.34 14.03 -20.77
CA ILE C 217 7.48 13.12 -19.64
C ILE C 217 8.68 13.56 -18.82
N ASP C 218 8.43 14.05 -17.60
CA ASP C 218 9.47 14.58 -16.74
C ASP C 218 8.95 14.53 -15.30
N VAL C 219 9.88 14.65 -14.35
CA VAL C 219 9.49 14.57 -12.95
C VAL C 219 8.60 15.74 -12.52
N ASP C 220 8.64 16.88 -13.23
CA ASP C 220 7.75 17.98 -12.87
C ASP C 220 6.30 17.58 -13.01
N LYS C 221 5.92 17.07 -14.18
CA LYS C 221 4.59 16.55 -14.43
C LYS C 221 4.22 15.41 -13.49
N TRP C 222 5.18 14.55 -13.14
CA TRP C 222 4.85 13.45 -12.23
C TRP C 222 4.41 13.98 -10.87
N ASP C 223 5.09 15.01 -10.35
CA ASP C 223 4.66 15.54 -9.05
C ASP C 223 3.29 16.20 -9.17
N TYR C 224 3.11 17.12 -10.14
CA TYR C 224 1.82 17.82 -10.15
C TYR C 224 0.65 16.95 -10.60
N PHE C 225 0.88 15.88 -11.39
CA PHE C 225 -0.20 14.93 -11.63
C PHE C 225 -0.66 14.28 -10.33
N ALA C 226 0.27 13.78 -9.57
CA ALA C 226 -0.04 13.13 -8.33
C ALA C 226 -0.64 14.06 -7.31
N ARG C 227 -0.03 15.20 -7.10
CA ARG C 227 -0.46 16.18 -6.13
C ARG C 227 -1.82 16.77 -6.45
N ASP C 228 -2.01 17.14 -7.71
CA ASP C 228 -3.27 17.69 -8.16
C ASP C 228 -4.40 16.68 -7.96
N CYS C 229 -4.12 15.41 -8.27
CA CYS C 229 -5.11 14.38 -8.12
C CYS C 229 -5.46 14.20 -6.66
N HIS C 230 -4.47 14.23 -5.81
CA HIS C 230 -4.65 14.11 -4.40
C HIS C 230 -5.53 15.22 -3.88
N HIS C 231 -5.29 16.44 -4.29
CA HIS C 231 -6.08 17.57 -3.81
C HIS C 231 -7.42 17.70 -4.49
N LEU C 232 -7.58 17.11 -5.68
CA LEU C 232 -8.85 17.17 -6.40
C LEU C 232 -9.72 15.93 -6.23
N GLY C 233 -9.22 14.89 -5.57
CA GLY C 233 -10.02 13.68 -5.45
C GLY C 233 -10.15 12.89 -6.74
N ILE C 234 -9.21 13.03 -7.66
CA ILE C 234 -9.14 12.22 -8.88
C ILE C 234 -8.13 11.10 -8.63
N GLN C 235 -8.47 9.88 -9.05
CA GLN C 235 -7.55 8.76 -8.84
C GLN C 235 -6.44 8.77 -9.88
N ASN C 236 -5.21 8.72 -9.40
CA ASN C 236 -4.04 8.67 -10.26
C ASN C 236 -3.50 7.25 -10.14
N ASN C 237 -3.48 6.52 -11.26
CA ASN C 237 -2.97 5.17 -11.23
C ASN C 237 -1.53 5.07 -11.72
N PHE C 238 -0.94 6.19 -12.15
CA PHE C 238 0.46 6.17 -12.55
C PHE C 238 1.33 5.89 -11.33
N ASP C 239 2.15 4.85 -11.42
CA ASP C 239 3.06 4.44 -10.35
C ASP C 239 4.43 4.95 -10.77
N TYR C 240 4.80 6.14 -10.26
CA TYR C 240 6.02 6.77 -10.73
C TYR C 240 7.26 6.06 -10.19
N LYS C 241 7.18 5.50 -8.98
CA LYS C 241 8.34 4.80 -8.40
C LYS C 241 8.71 3.57 -9.22
N ARG C 242 7.71 2.76 -9.57
CA ARG C 242 8.01 1.62 -10.44
C ARG C 242 8.49 2.08 -11.81
N PHE C 243 8.01 3.23 -12.30
CA PHE C 243 8.52 3.71 -13.58
C PHE C 243 9.98 4.12 -13.49
N ILE C 244 10.36 4.80 -12.41
CA ILE C 244 11.75 5.17 -12.20
C ILE C 244 12.63 3.93 -12.07
N LYS C 245 12.16 2.93 -11.33
CA LYS C 245 12.91 1.69 -11.16
C LYS C 245 13.26 1.04 -12.49
N PHE C 246 12.36 1.12 -13.47
CA PHE C 246 12.55 0.45 -14.76
C PHE C 246 13.04 1.39 -15.85
N ALA C 247 13.51 2.58 -15.49
CA ALA C 247 14.02 3.51 -16.49
C ALA C 247 15.50 3.22 -16.74
N ARG C 248 15.89 3.30 -18.01
CA ARG C 248 17.28 3.13 -18.42
C ARG C 248 17.59 4.16 -19.48
N VAL C 249 18.85 4.58 -19.51
CA VAL C 249 19.33 5.45 -20.58
C VAL C 249 19.85 4.59 -21.73
N CYS C 250 19.24 4.74 -22.90
CA CYS C 250 19.64 4.04 -24.11
C CYS C 250 19.91 5.03 -25.20
N GLU C 251 20.55 4.56 -26.27
CA GLU C 251 20.84 5.40 -27.42
C GLU C 251 19.75 5.24 -28.47
N VAL C 252 19.19 6.38 -28.90
CA VAL C 252 18.18 6.43 -29.94
C VAL C 252 18.60 7.53 -30.90
N ASP C 253 19.01 7.15 -32.10
CA ASP C 253 19.44 8.09 -33.15
C ASP C 253 20.52 9.04 -32.65
N ASN C 254 21.73 8.50 -32.49
CA ASN C 254 22.92 9.30 -32.17
C ASN C 254 22.83 9.97 -30.79
N GLU C 255 21.92 9.52 -29.92
CA GLU C 255 21.59 10.34 -28.76
C GLU C 255 21.26 9.49 -27.55
N LEU C 256 21.83 9.86 -26.40
CA LEU C 256 21.56 9.20 -25.14
C LEU C 256 20.25 9.73 -24.57
N ARG C 257 19.23 8.87 -24.52
CA ARG C 257 17.90 9.24 -24.08
C ARG C 257 17.45 8.34 -22.94
N ILE C 258 16.48 8.82 -22.17
CA ILE C 258 15.87 8.03 -21.10
C ILE C 258 14.69 7.27 -21.68
N CYS C 259 14.66 5.96 -21.47
CA CYS C 259 13.68 5.09 -22.10
C CYS C 259 13.03 4.20 -21.04
N ALA C 260 11.78 3.84 -21.29
CA ALA C 260 11.02 2.98 -20.39
C ALA C 260 11.06 1.54 -20.85
N ARG C 261 10.92 0.62 -19.91
CA ARG C 261 10.80 -0.78 -20.27
C ARG C 261 9.42 -1.07 -20.86
N ASP C 262 9.36 -2.05 -21.77
CA ASP C 262 8.12 -2.33 -22.49
C ASP C 262 7.00 -2.78 -21.58
N LYS C 263 7.32 -3.42 -20.46
CA LYS C 263 6.30 -3.82 -19.52
C LYS C 263 5.63 -2.64 -18.81
N GLU C 264 6.08 -1.41 -19.07
CA GLU C 264 5.55 -0.21 -18.45
C GLU C 264 4.56 0.53 -19.32
N VAL C 265 4.29 0.07 -20.55
CA VAL C 265 3.35 0.77 -21.40
C VAL C 265 1.98 0.89 -20.71
N GLY C 266 1.59 -0.12 -19.94
CA GLY C 266 0.35 -0.01 -19.20
C GLY C 266 0.38 1.12 -18.17
N ASN C 267 1.51 1.25 -17.46
CA ASN C 267 1.67 2.34 -16.53
C ASN C 267 1.64 3.68 -17.26
N LEU C 268 2.30 3.78 -18.43
CA LEU C 268 2.33 5.03 -19.17
C LEU C 268 0.96 5.41 -19.70
N TYR C 269 0.17 4.41 -20.13
CA TYR C 269 -1.22 4.70 -20.48
C TYR C 269 -1.96 5.34 -19.29
N ASP C 270 -1.73 4.84 -18.09
CA ASP C 270 -2.43 5.42 -16.95
C ASP C 270 -1.98 6.85 -16.69
N MET C 271 -0.71 7.16 -16.94
CA MET C 271 -0.24 8.52 -16.82
C MET C 271 -0.95 9.42 -17.82
N PHE C 272 -1.03 8.97 -19.06
CA PHE C 272 -1.63 9.80 -20.10
C PHE C 272 -3.12 9.99 -19.85
N HIS C 273 -3.78 8.98 -19.28
CA HIS C 273 -5.17 9.11 -18.91
C HIS C 273 -5.34 10.10 -17.76
N THR C 274 -4.42 10.07 -16.78
CA THR C 274 -4.45 11.03 -15.69
C THR C 274 -4.25 12.44 -16.23
N ARG C 275 -3.28 12.59 -17.13
CA ARG C 275 -3.06 13.89 -17.76
C ARG C 275 -4.31 14.38 -18.47
N ASN C 276 -4.99 13.49 -19.21
CA ASN C 276 -6.20 13.88 -19.92
C ASN C 276 -7.32 14.25 -18.94
N SER C 277 -7.45 13.50 -17.85
CA SER C 277 -8.47 13.77 -16.85
C SER C 277 -8.23 15.12 -16.17
N LEU C 278 -6.98 15.45 -15.87
CA LEU C 278 -6.70 16.69 -15.15
C LEU C 278 -6.98 17.90 -16.03
N HIS C 279 -6.59 17.82 -17.31
CA HIS C 279 -6.83 18.91 -18.23
C HIS C 279 -8.34 19.14 -18.44
N ARG C 280 -9.09 18.06 -18.66
CA ARG C 280 -10.52 18.18 -18.97
C ARG C 280 -11.32 18.67 -17.76
N ARG C 281 -11.06 18.12 -16.57
CA ARG C 281 -11.90 18.35 -15.42
C ARG C 281 -11.43 19.50 -14.52
N ALA C 282 -10.14 19.83 -14.54
CA ALA C 282 -9.57 20.82 -13.65
C ALA C 282 -8.90 21.96 -14.42
N TYR C 283 -7.84 21.70 -15.17
CA TYR C 283 -7.08 22.78 -15.78
C TYR C 283 -7.89 23.58 -16.79
N GLN C 284 -8.85 22.95 -17.47
CA GLN C 284 -9.69 23.66 -18.42
C GLN C 284 -11.14 23.80 -17.95
N HIS C 285 -11.37 23.65 -16.64
CA HIS C 285 -12.70 23.85 -16.10
C HIS C 285 -13.21 25.24 -16.45
N LYS C 286 -14.49 25.31 -16.84
CA LYS C 286 -15.01 26.55 -17.42
C LYS C 286 -15.11 27.66 -16.39
N VAL C 287 -15.57 27.32 -15.19
CA VAL C 287 -15.71 28.30 -14.14
C VAL C 287 -14.34 28.70 -13.60
N GLY C 288 -13.47 27.72 -13.38
CA GLY C 288 -12.10 28.03 -12.96
C GLY C 288 -11.43 29.05 -13.87
N ASN C 289 -11.62 28.89 -15.18
CA ASN C 289 -10.98 29.79 -16.14
C ASN C 289 -11.66 31.15 -16.15
N ILE C 290 -12.99 31.18 -16.02
CA ILE C 290 -13.65 32.47 -15.85
C ILE C 290 -13.08 33.19 -14.64
N ILE C 291 -12.86 32.47 -13.55
CA ILE C 291 -12.36 33.12 -12.33
C ILE C 291 -10.93 33.63 -12.53
N ASP C 292 -10.08 32.86 -13.24
CA ASP C 292 -8.76 33.38 -13.60
C ASP C 292 -8.86 34.71 -14.37
N THR C 293 -9.86 34.85 -15.25
CA THR C 293 -9.93 36.10 -16.01
C THR C 293 -10.46 37.25 -15.17
N MET C 294 -11.28 36.97 -14.16
CA MET C 294 -11.72 38.03 -13.26
C MET C 294 -10.58 38.52 -12.36
N ILE C 295 -9.78 37.60 -11.83
CA ILE C 295 -8.62 38.01 -11.04
C ILE C 295 -7.69 38.87 -11.88
N THR C 296 -7.41 38.41 -13.11
CA THR C 296 -6.58 39.19 -14.02
C THR C 296 -7.19 40.56 -14.32
N ASP C 297 -8.51 40.60 -14.55
CA ASP C 297 -9.19 41.89 -14.76
C ASP C 297 -9.01 42.80 -13.56
N ALA C 298 -9.11 42.27 -12.35
CA ALA C 298 -8.86 43.08 -11.17
C ALA C 298 -7.42 43.56 -11.12
N PHE C 299 -6.46 42.69 -11.42
CA PHE C 299 -5.06 43.10 -11.42
C PHE C 299 -4.84 44.27 -12.38
N LEU C 300 -5.42 44.19 -13.60
CA LEU C 300 -5.27 45.25 -14.57
C LEU C 300 -5.86 46.56 -14.05
N LYS C 301 -7.03 46.51 -13.42
CA LYS C 301 -7.68 47.71 -12.87
C LYS C 301 -6.92 48.27 -11.68
N ALA C 302 -6.16 47.43 -10.97
CA ALA C 302 -5.35 47.83 -9.82
C ALA C 302 -3.96 48.27 -10.20
N ASP C 303 -3.50 47.95 -11.42
CA ASP C 303 -2.08 48.00 -11.73
C ASP C 303 -1.48 49.40 -11.60
N ASP C 304 -2.25 50.45 -11.89
CA ASP C 304 -1.72 51.82 -11.78
C ASP C 304 -1.57 52.26 -10.34
N TYR C 305 -2.08 51.48 -9.38
CA TYR C 305 -2.25 51.98 -8.03
C TYR C 305 -1.60 51.15 -6.94
N ILE C 306 -1.21 49.91 -7.21
CA ILE C 306 -0.47 49.09 -6.24
C ILE C 306 1.01 49.33 -6.50
N GLU C 307 1.78 49.50 -5.43
CA GLU C 307 3.22 49.66 -5.55
C GLU C 307 3.93 48.59 -4.75
N ILE C 308 5.02 48.08 -5.31
CA ILE C 308 5.83 47.08 -4.65
C ILE C 308 7.24 47.63 -4.58
N THR C 309 7.79 47.71 -3.38
CA THR C 309 9.09 48.31 -3.20
C THR C 309 10.17 47.32 -3.62
N GLY C 310 11.00 47.72 -4.58
CA GLY C 310 12.05 46.89 -5.11
C GLY C 310 13.44 47.34 -4.65
N ALA C 311 14.44 46.96 -5.43
CA ALA C 311 15.83 47.20 -5.05
C ALA C 311 16.10 48.70 -5.05
N GLY C 312 16.90 49.15 -4.09
CA GLY C 312 17.16 50.58 -3.95
C GLY C 312 15.96 51.40 -3.54
N GLY C 313 14.88 50.76 -3.06
CA GLY C 313 13.67 51.46 -2.71
C GLY C 313 12.82 51.92 -3.87
N LYS C 314 13.27 51.70 -5.11
CA LYS C 314 12.44 51.99 -6.27
C LYS C 314 11.13 51.21 -6.22
N LYS C 315 10.06 51.86 -6.65
CA LYS C 315 8.72 51.28 -6.59
C LYS C 315 8.31 50.68 -7.93
N TYR C 316 7.68 49.50 -7.86
CA TYR C 316 7.23 48.82 -9.07
C TYR C 316 5.73 48.58 -8.99
N ARG C 317 5.17 48.15 -10.10
CA ARG C 317 3.76 47.82 -10.17
C ARG C 317 3.62 46.33 -10.40
N ILE C 318 2.44 45.79 -10.19
CA ILE C 318 2.24 44.34 -10.43
C ILE C 318 2.84 43.95 -11.76
N SER C 319 2.62 44.77 -12.81
CA SER C 319 3.11 44.42 -14.14
C SER C 319 4.61 44.65 -14.33
N THR C 320 5.26 45.46 -13.47
CA THR C 320 6.68 45.71 -13.63
C THR C 320 7.55 45.04 -12.57
N ALA C 321 6.95 44.48 -11.52
CA ALA C 321 7.74 43.71 -10.56
C ALA C 321 8.56 42.61 -11.24
N ILE C 322 8.15 42.15 -12.43
CA ILE C 322 8.95 41.15 -13.14
C ILE C 322 10.33 41.68 -13.52
N ASP C 323 10.50 43.00 -13.52
CA ASP C 323 11.77 43.61 -13.90
C ASP C 323 12.73 43.80 -12.73
N ASP C 324 12.31 43.48 -11.51
CA ASP C 324 13.20 43.61 -10.36
C ASP C 324 12.92 42.48 -9.37
N MET C 325 13.89 41.58 -9.19
CA MET C 325 13.66 40.39 -8.40
C MET C 325 13.43 40.67 -6.90
N GLU C 326 13.92 41.81 -6.38
CA GLU C 326 13.58 42.18 -5.01
C GLU C 326 12.10 42.52 -4.88
N ALA C 327 11.52 43.19 -5.86
CA ALA C 327 10.08 43.43 -5.86
C ALA C 327 9.31 42.14 -6.15
N TYR C 328 9.76 41.37 -7.12
CA TYR C 328 9.08 40.13 -7.49
C TYR C 328 9.03 39.16 -6.32
N THR C 329 10.11 39.09 -5.52
CA THR C 329 10.12 38.30 -4.29
C THR C 329 8.89 38.58 -3.42
N LYS C 330 8.35 39.80 -3.48
CA LYS C 330 7.20 40.19 -2.66
C LYS C 330 5.90 40.27 -3.45
N LEU C 331 5.87 39.72 -4.66
CA LEU C 331 4.65 39.70 -5.46
C LEU C 331 4.10 38.28 -5.40
N THR C 332 3.03 38.07 -4.64
CA THR C 332 2.45 36.74 -4.46
C THR C 332 0.93 36.87 -4.48
N ASP C 333 0.22 35.77 -4.20
CA ASP C 333 -1.24 35.84 -4.12
C ASP C 333 -1.75 36.85 -3.11
N ASN C 334 -0.90 37.32 -2.19
CA ASN C 334 -1.32 38.39 -1.29
C ASN C 334 -1.83 39.62 -2.04
N ILE C 335 -1.38 39.82 -3.28
CA ILE C 335 -1.90 40.97 -4.04
C ILE C 335 -3.42 40.93 -4.13
N PHE C 336 -3.99 39.73 -4.28
CA PHE C 336 -5.45 39.59 -4.30
C PHE C 336 -6.09 40.17 -3.05
N LEU C 337 -5.56 39.84 -1.88
CA LEU C 337 -6.16 40.33 -0.64
C LEU C 337 -5.81 41.81 -0.40
N GLU C 338 -4.62 42.25 -0.78
CA GLU C 338 -4.35 43.68 -0.73
C GLU C 338 -5.40 44.48 -1.48
N ILE C 339 -5.79 44.01 -2.67
CA ILE C 339 -6.85 44.69 -3.41
C ILE C 339 -8.18 44.56 -2.68
N LEU C 340 -8.47 43.37 -2.16
CA LEU C 340 -9.80 43.11 -1.61
C LEU C 340 -10.06 43.94 -0.37
N TYR C 341 -9.03 44.10 0.47
CA TYR C 341 -9.13 44.78 1.75
C TYR C 341 -8.87 46.28 1.67
N SER C 342 -8.47 46.79 0.50
CA SER C 342 -8.10 48.18 0.35
C SER C 342 -9.30 49.11 0.53
N THR C 343 -9.02 50.38 0.80
CA THR C 343 -10.09 51.39 0.87
C THR C 343 -9.84 52.60 -0.01
N ASP C 344 -8.66 52.72 -0.61
CA ASP C 344 -8.38 53.80 -1.54
C ASP C 344 -9.46 53.82 -2.62
N PRO C 345 -10.08 54.98 -2.88
CA PRO C 345 -11.13 55.03 -3.91
C PRO C 345 -10.62 54.69 -5.30
N LYS C 346 -9.32 54.82 -5.54
CA LYS C 346 -8.77 54.45 -6.84
C LYS C 346 -8.73 52.94 -7.03
N LEU C 347 -8.77 52.16 -5.95
CA LEU C 347 -8.83 50.70 -6.09
C LEU C 347 -10.26 50.18 -6.09
N LYS C 348 -11.23 51.09 -6.19
CA LYS C 348 -12.62 50.68 -6.12
C LYS C 348 -12.99 49.78 -7.29
N ASP C 349 -12.54 50.12 -8.50
CA ASP C 349 -12.89 49.29 -9.66
C ASP C 349 -12.31 47.88 -9.52
N ALA C 350 -11.05 47.77 -9.08
CA ALA C 350 -10.42 46.48 -8.90
C ALA C 350 -11.10 45.70 -7.78
N ARG C 351 -11.28 46.36 -6.63
CA ARG C 351 -12.00 45.81 -5.49
C ARG C 351 -13.37 45.25 -5.91
N GLU C 352 -14.07 45.95 -6.80
CA GLU C 352 -15.41 45.49 -7.12
C GLU C 352 -15.41 44.23 -7.98
N ILE C 353 -14.34 44.00 -8.77
CA ILE C 353 -14.25 42.74 -9.50
C ILE C 353 -14.06 41.59 -8.52
N LEU C 354 -13.16 41.77 -7.55
CA LEU C 354 -12.89 40.75 -6.57
C LEU C 354 -14.12 40.48 -5.71
N LYS C 355 -14.91 41.51 -5.41
CA LYS C 355 -16.11 41.27 -4.64
C LYS C 355 -17.18 40.51 -5.44
N GLN C 356 -17.19 40.65 -6.77
CA GLN C 356 -18.02 39.79 -7.61
C GLN C 356 -17.66 38.31 -7.45
N ILE C 357 -16.37 37.97 -7.31
CA ILE C 357 -15.99 36.57 -7.05
C ILE C 357 -16.62 36.08 -5.77
N GLU C 358 -16.46 36.85 -4.68
CA GLU C 358 -16.97 36.44 -3.37
C GLU C 358 -18.49 36.26 -3.38
N TYR C 359 -19.22 37.16 -4.03
CA TYR C 359 -20.66 37.05 -4.12
C TYR C 359 -21.09 36.04 -5.17
N ARG C 360 -20.13 35.50 -5.92
CA ARG C 360 -20.37 34.51 -6.94
C ARG C 360 -21.20 35.07 -8.10
N ASN C 361 -20.97 36.35 -8.44
CA ASN C 361 -21.62 36.96 -9.59
C ASN C 361 -20.52 37.07 -10.64
N LEU C 362 -20.29 35.99 -11.35
CA LEU C 362 -19.10 35.92 -12.19
C LEU C 362 -19.43 36.36 -13.62
N PHE C 363 -18.37 36.66 -14.39
CA PHE C 363 -18.52 36.82 -15.84
C PHE C 363 -19.31 35.63 -16.39
N LYS C 364 -20.07 35.86 -17.45
CA LYS C 364 -20.97 34.83 -17.94
C LYS C 364 -20.40 34.20 -19.21
N TYR C 365 -20.46 32.88 -19.28
CA TYR C 365 -19.90 32.15 -20.41
C TYR C 365 -20.72 32.44 -21.66
N VAL C 366 -20.03 32.72 -22.76
CA VAL C 366 -20.67 32.97 -24.04
C VAL C 366 -20.46 31.83 -25.02
N GLY C 367 -19.25 31.30 -25.10
CA GLY C 367 -19.02 30.22 -26.04
C GLY C 367 -17.55 29.93 -26.21
N GLU C 368 -17.29 28.87 -26.96
CA GLU C 368 -15.96 28.36 -27.20
C GLU C 368 -15.79 28.18 -28.70
N THR C 369 -14.55 28.38 -29.16
CA THR C 369 -14.24 28.12 -30.54
C THR C 369 -12.80 27.64 -30.60
N GLN C 370 -12.38 27.17 -31.77
CA GLN C 370 -11.01 26.73 -31.99
C GLN C 370 -10.53 27.27 -33.33
N PRO C 371 -9.23 27.59 -33.44
CA PRO C 371 -8.66 28.06 -34.70
C PRO C 371 -8.16 26.91 -35.57
N THR C 372 -9.02 25.94 -35.83
CA THR C 372 -8.61 24.75 -36.57
C THR C 372 -8.24 25.12 -37.99
N GLY C 373 -7.04 24.72 -38.40
CA GLY C 373 -6.55 25.03 -39.73
C GLY C 373 -6.21 26.47 -39.95
N GLN C 374 -6.11 27.26 -38.90
CA GLN C 374 -5.77 28.66 -39.01
C GLN C 374 -4.52 28.94 -38.19
N ILE C 375 -3.89 30.09 -38.45
CA ILE C 375 -2.78 30.53 -37.61
C ILE C 375 -3.28 30.71 -36.18
N LYS C 376 -2.53 30.18 -35.21
CA LYS C 376 -2.94 30.26 -33.81
C LYS C 376 -2.74 31.68 -33.27
N ILE C 377 -3.58 32.04 -32.29
CA ILE C 377 -3.49 33.34 -31.64
C ILE C 377 -2.24 33.40 -30.76
N LYS C 378 -1.55 34.53 -30.79
CA LYS C 378 -0.32 34.70 -30.04
C LYS C 378 -0.52 35.69 -28.89
N ARG C 379 0.33 35.53 -27.87
CA ARG C 379 0.21 36.34 -26.66
C ARG C 379 0.18 37.83 -26.97
N GLU C 380 0.97 38.29 -27.94
CA GLU C 380 1.08 39.72 -28.21
C GLU C 380 -0.24 40.29 -28.71
N ASP C 381 -1.13 39.43 -29.17
CA ASP C 381 -2.41 39.87 -29.72
C ASP C 381 -3.57 39.71 -28.76
N TYR C 382 -3.35 39.15 -27.56
CA TYR C 382 -4.45 38.95 -26.63
C TYR C 382 -5.20 40.25 -26.36
N GLU C 383 -4.46 41.36 -26.16
CA GLU C 383 -5.13 42.61 -25.79
C GLU C 383 -6.11 43.09 -26.85
N SER C 384 -5.85 42.79 -28.13
CA SER C 384 -6.68 43.31 -29.21
C SER C 384 -7.97 42.52 -29.39
N LEU C 385 -8.04 41.33 -28.81
CA LEU C 385 -9.15 40.43 -29.09
C LEU C 385 -10.50 40.98 -28.67
N PRO C 386 -10.68 41.54 -27.47
CA PRO C 386 -12.01 42.07 -27.13
C PRO C 386 -12.50 43.11 -28.11
N LYS C 387 -11.61 43.96 -28.64
CA LYS C 387 -12.05 44.97 -29.60
C LYS C 387 -12.56 44.32 -30.89
N GLU C 388 -11.80 43.35 -31.43
CA GLU C 388 -12.29 42.60 -32.58
C GLU C 388 -13.68 42.06 -32.34
N VAL C 389 -13.91 41.39 -31.21
CA VAL C 389 -15.21 40.76 -30.98
C VAL C 389 -16.30 41.81 -30.99
N ALA C 390 -16.09 42.90 -30.23
CA ALA C 390 -17.06 43.98 -30.19
C ALA C 390 -17.23 44.67 -31.55
N SER C 391 -16.29 44.47 -32.48
CA SER C 391 -16.39 45.07 -33.79
C SER C 391 -17.07 44.16 -34.79
N ALA C 392 -17.18 42.87 -34.48
CA ALA C 392 -17.93 41.96 -35.34
C ALA C 392 -19.38 42.43 -35.40
N LYS C 393 -19.84 42.87 -36.55
CA LYS C 393 -21.21 43.33 -36.69
C LYS C 393 -22.07 42.13 -37.03
N PRO C 394 -22.95 41.67 -36.14
CA PRO C 394 -23.82 40.55 -36.48
C PRO C 394 -24.77 40.97 -37.59
N LYS C 395 -25.19 39.99 -38.37
CA LYS C 395 -25.97 40.30 -39.56
C LYS C 395 -27.38 40.79 -39.22
N VAL C 396 -27.98 40.29 -38.15
CA VAL C 396 -29.22 40.87 -37.63
C VAL C 396 -28.85 41.89 -36.56
N LEU C 397 -29.21 43.15 -36.79
CA LEU C 397 -28.86 44.22 -35.88
C LEU C 397 -29.70 44.11 -34.61
N LEU C 398 -29.08 44.40 -33.47
CA LEU C 398 -29.65 44.09 -32.17
C LEU C 398 -29.96 45.35 -31.37
N ASP C 399 -30.89 45.19 -30.45
CA ASP C 399 -31.26 46.25 -29.53
C ASP C 399 -30.03 46.79 -28.80
N VAL C 400 -29.37 45.92 -28.05
CA VAL C 400 -28.26 46.30 -27.17
C VAL C 400 -26.96 46.29 -27.96
N LYS C 401 -26.10 47.26 -27.65
CA LYS C 401 -24.78 47.37 -28.25
C LYS C 401 -23.75 47.24 -27.15
N LEU C 402 -22.71 46.43 -27.40
CA LEU C 402 -21.71 46.12 -26.39
C LEU C 402 -20.36 46.67 -26.83
N LYS C 403 -19.51 47.01 -25.86
CA LYS C 403 -18.19 47.53 -26.14
C LYS C 403 -17.13 46.49 -25.86
N ALA C 404 -15.90 46.79 -26.30
CA ALA C 404 -14.76 45.90 -26.06
C ALA C 404 -14.60 45.57 -24.58
N GLU C 405 -14.85 46.57 -23.72
CA GLU C 405 -14.70 46.39 -22.28
C GLU C 405 -15.69 45.38 -21.69
N ASP C 406 -16.76 45.06 -22.40
CA ASP C 406 -17.74 44.09 -21.92
C ASP C 406 -17.36 42.64 -22.24
N PHE C 407 -16.28 42.41 -22.97
CA PHE C 407 -15.94 41.10 -23.48
C PHE C 407 -14.61 40.67 -22.88
N ILE C 408 -14.53 39.39 -22.53
CA ILE C 408 -13.28 38.74 -22.15
C ILE C 408 -13.01 37.65 -23.17
N VAL C 409 -11.77 37.59 -23.66
CA VAL C 409 -11.36 36.57 -24.61
C VAL C 409 -10.24 35.79 -23.95
N ASP C 410 -10.52 34.51 -23.66
CA ASP C 410 -9.65 33.65 -22.88
C ASP C 410 -9.06 32.63 -23.84
N VAL C 411 -7.75 32.68 -24.05
CA VAL C 411 -7.08 31.78 -24.98
C VAL C 411 -6.42 30.67 -24.16
N ILE C 412 -6.83 29.43 -24.40
CA ILE C 412 -6.41 28.29 -23.61
C ILE C 412 -5.49 27.43 -24.47
N ASN C 413 -4.21 27.39 -24.12
CA ASN C 413 -3.25 26.60 -24.87
C ASN C 413 -2.96 25.29 -24.14
N MET C 414 -2.68 24.25 -24.92
CA MET C 414 -2.45 22.96 -24.31
C MET C 414 -0.99 22.72 -23.96
N ASP C 415 -0.08 22.99 -24.90
CA ASP C 415 1.35 22.70 -24.68
C ASP C 415 2.24 23.94 -24.88
N ASP C 425 3.34 9.81 -28.17
CA ASP C 425 4.30 10.58 -28.95
C ASP C 425 5.68 9.92 -28.93
N HIS C 426 6.72 10.73 -29.17
CA HIS C 426 8.12 10.32 -29.15
C HIS C 426 8.51 9.64 -27.84
N VAL C 427 8.07 8.41 -27.60
CA VAL C 427 8.40 7.68 -26.37
C VAL C 427 9.18 6.42 -26.73
N SER C 428 10.36 6.26 -26.13
CA SER C 428 11.28 5.19 -26.48
C SER C 428 11.19 4.07 -25.46
N PHE C 429 11.04 2.85 -25.95
CA PHE C 429 10.99 1.68 -25.10
C PHE C 429 12.21 0.81 -25.35
N TYR C 430 12.66 0.13 -24.30
CA TYR C 430 13.71 -0.87 -24.42
C TYR C 430 13.17 -2.20 -23.92
N CYS C 431 13.68 -3.29 -24.49
CA CYS C 431 13.34 -4.63 -24.05
C CYS C 431 14.52 -5.18 -23.26
N LYS C 432 14.22 -5.90 -22.18
CA LYS C 432 15.27 -6.29 -21.24
C LYS C 432 16.26 -7.31 -21.80
N THR C 433 15.90 -8.02 -22.87
CA THR C 433 16.90 -8.89 -23.52
C THR C 433 17.93 -8.08 -24.30
N ALA C 434 17.52 -6.95 -24.89
CA ALA C 434 18.42 -6.04 -25.60
C ALA C 434 18.42 -4.69 -24.88
N PRO C 435 19.03 -4.63 -23.66
CA PRO C 435 18.80 -3.47 -22.78
C PRO C 435 19.49 -2.18 -23.22
N ASN C 436 19.84 -2.06 -24.50
CA ASN C 436 20.50 -0.86 -24.99
C ASN C 436 20.00 -0.36 -26.34
N ARG C 437 19.17 -1.12 -27.04
CA ARG C 437 18.54 -0.67 -28.28
C ARG C 437 17.05 -0.49 -28.06
N ALA C 438 16.49 0.56 -28.64
CA ALA C 438 15.12 0.94 -28.39
C ALA C 438 14.17 0.26 -29.37
N ILE C 439 12.88 0.29 -29.02
CA ILE C 439 11.84 -0.30 -29.86
C ILE C 439 10.96 0.80 -30.47
N ALA C 455 -6.77 18.98 -28.32
CA ALA C 455 -7.08 20.28 -28.90
C ALA C 455 -6.02 21.33 -28.57
N GLU C 456 -5.29 21.83 -29.59
CA GLU C 456 -4.07 22.60 -29.34
C GLU C 456 -4.37 24.00 -28.78
N GLN C 457 -5.38 24.68 -29.31
CA GLN C 457 -5.76 25.97 -28.78
C GLN C 457 -7.28 26.05 -28.70
N LEU C 458 -7.80 26.43 -27.53
CA LEU C 458 -9.21 26.69 -27.32
C LEU C 458 -9.38 28.18 -27.06
N ILE C 459 -10.49 28.74 -27.52
CA ILE C 459 -10.72 30.17 -27.36
C ILE C 459 -12.12 30.34 -26.81
N ARG C 460 -12.22 30.95 -25.64
CA ARG C 460 -13.52 31.12 -25.02
C ARG C 460 -13.80 32.60 -24.86
N VAL C 461 -15.08 32.95 -24.86
CA VAL C 461 -15.49 34.33 -24.67
C VAL C 461 -16.50 34.36 -23.55
N TYR C 462 -16.31 35.31 -22.63
CA TYR C 462 -17.20 35.61 -21.53
C TYR C 462 -17.68 37.05 -21.69
N CYS C 463 -18.77 37.37 -21.01
CA CYS C 463 -19.31 38.71 -21.08
C CYS C 463 -19.49 39.23 -19.66
N LYS C 464 -19.14 40.51 -19.44
CA LYS C 464 -19.28 41.10 -18.10
C LYS C 464 -20.69 41.58 -17.82
N LYS C 465 -21.49 41.78 -18.86
CA LYS C 465 -22.87 42.22 -18.68
C LYS C 465 -23.72 40.99 -18.39
N VAL C 466 -24.54 41.08 -17.34
CA VAL C 466 -25.17 39.90 -16.78
C VAL C 466 -26.56 39.64 -17.34
N ASP C 467 -27.22 40.68 -17.83
CA ASP C 467 -28.59 40.55 -18.34
C ASP C 467 -28.72 39.68 -19.58
N ARG C 468 -29.91 39.09 -19.72
CA ARG C 468 -30.22 38.19 -20.82
C ARG C 468 -30.09 38.86 -22.18
N LYS C 469 -30.54 40.10 -22.29
CA LYS C 469 -30.47 40.82 -23.55
C LYS C 469 -29.03 41.03 -23.99
N SER C 470 -28.16 41.38 -23.05
CA SER C 470 -26.74 41.61 -23.36
C SER C 470 -26.05 40.30 -23.68
N LEU C 471 -26.41 39.25 -22.95
CA LEU C 471 -25.82 37.95 -23.18
C LEU C 471 -26.23 37.39 -24.52
N TYR C 472 -27.51 37.55 -24.89
CA TYR C 472 -27.92 37.22 -26.25
C TYR C 472 -27.09 37.97 -27.28
N ALA C 473 -26.92 39.29 -27.10
CA ALA C 473 -26.13 40.06 -28.05
C ALA C 473 -24.69 39.55 -28.09
N ALA C 474 -24.08 39.35 -26.92
CA ALA C 474 -22.68 38.92 -26.89
C ALA C 474 -22.50 37.63 -27.67
N ARG C 475 -23.50 36.74 -27.59
CA ARG C 475 -23.42 35.51 -28.36
C ARG C 475 -23.47 35.79 -29.86
N GLN C 476 -24.26 36.78 -30.29
CA GLN C 476 -24.27 37.13 -31.70
C GLN C 476 -22.94 37.74 -32.15
N TYR C 477 -22.39 38.68 -31.36
CA TYR C 477 -21.06 39.18 -31.70
C TYR C 477 -20.06 38.04 -31.80
N PHE C 478 -20.06 37.13 -30.81
CA PHE C 478 -19.08 36.04 -30.80
C PHE C 478 -19.21 35.17 -32.05
N VAL C 479 -20.44 34.79 -32.41
CA VAL C 479 -20.62 33.92 -33.57
C VAL C 479 -20.06 34.60 -34.81
N GLN C 480 -20.38 35.89 -34.99
CA GLN C 480 -19.85 36.62 -36.13
C GLN C 480 -18.33 36.65 -36.11
N TRP C 481 -17.73 36.90 -34.95
CA TRP C 481 -16.29 36.97 -34.86
C TRP C 481 -15.63 35.65 -35.28
N CYS C 482 -16.20 34.52 -34.85
CA CYS C 482 -15.66 33.22 -35.27
C CYS C 482 -15.69 33.09 -36.79
N ALA C 483 -16.78 33.53 -37.41
CA ALA C 483 -16.88 33.47 -38.86
C ALA C 483 -15.84 34.36 -39.51
N ASP C 484 -15.71 35.62 -39.03
CA ASP C 484 -14.74 36.54 -39.61
C ASP C 484 -13.32 36.02 -39.55
N ARG C 485 -13.01 35.17 -38.58
CA ARG C 485 -11.66 34.65 -38.43
C ARG C 485 -11.50 33.23 -38.93
N ASN C 486 -12.58 32.64 -39.45
CA ASN C 486 -12.60 31.26 -39.94
C ASN C 486 -12.30 30.28 -38.83
N PHE C 487 -12.70 30.63 -37.61
CA PHE C 487 -12.63 29.71 -36.48
C PHE C 487 -13.87 28.84 -36.48
N THR C 488 -13.82 27.74 -35.72
CA THR C 488 -14.93 26.80 -35.72
C THR C 488 -16.22 27.50 -35.30
N LYS C 489 -17.33 27.04 -35.87
CA LYS C 489 -18.63 27.57 -35.48
C LYS C 489 -18.94 27.13 -34.06
N PRO C 490 -19.34 28.06 -33.18
CA PRO C 490 -19.68 27.68 -31.80
C PRO C 490 -20.88 26.74 -31.72
N GLN C 491 -20.82 25.78 -30.79
CA GLN C 491 -21.91 24.84 -30.57
C GLN C 491 -23.07 25.52 -29.84
N ASP C 492 -24.25 24.93 -29.98
CA ASP C 492 -25.43 25.38 -29.26
C ASP C 492 -25.34 25.00 -27.78
N GLY D 24 27.78 -25.85 -10.64
CA GLY D 24 27.45 -24.45 -10.39
C GLY D 24 26.07 -24.11 -10.97
N LYS D 25 25.19 -23.57 -10.13
CA LYS D 25 23.85 -23.24 -10.60
C LYS D 25 23.36 -21.94 -10.00
N VAL D 26 22.28 -21.42 -10.57
CA VAL D 26 21.51 -20.35 -9.97
C VAL D 26 20.10 -20.88 -9.73
N ILE D 27 19.60 -20.67 -8.51
CA ILE D 27 18.22 -21.01 -8.18
C ILE D 27 17.50 -19.71 -7.85
N ASN D 28 16.38 -19.46 -8.53
CA ASN D 28 15.60 -18.27 -8.30
C ASN D 28 14.64 -18.44 -7.14
N ASP D 29 14.72 -17.54 -6.16
CA ASP D 29 13.92 -17.61 -4.95
C ASP D 29 13.14 -16.31 -4.77
N PRO D 30 11.86 -16.38 -4.41
CA PRO D 30 11.05 -15.14 -4.31
C PRO D 30 11.53 -14.19 -3.23
N ILE D 31 12.27 -14.67 -2.24
CA ILE D 31 12.72 -13.81 -1.16
C ILE D 31 14.01 -13.12 -1.52
N HIS D 32 14.99 -13.88 -2.00
CA HIS D 32 16.35 -13.38 -2.18
C HIS D 32 16.71 -13.15 -3.64
N GLY D 33 15.84 -13.55 -4.56
CA GLY D 33 16.16 -13.43 -5.99
C GLY D 33 17.10 -14.54 -6.44
N HIS D 34 18.03 -14.23 -7.34
CA HIS D 34 18.97 -15.24 -7.88
C HIS D 34 19.96 -15.72 -6.81
N ILE D 35 19.92 -17.01 -6.49
CA ILE D 35 20.85 -17.61 -5.49
C ILE D 35 21.91 -18.40 -6.25
N GLU D 36 23.15 -17.92 -6.24
CA GLU D 36 24.25 -18.59 -6.94
C GLU D 36 24.88 -19.64 -6.04
N LEU D 37 25.03 -20.86 -6.56
CA LEU D 37 25.50 -21.98 -5.77
C LEU D 37 26.75 -22.56 -6.41
N HIS D 38 27.83 -22.61 -5.64
CA HIS D 38 29.07 -23.24 -6.02
C HIS D 38 28.82 -24.73 -6.32
N PRO D 39 29.58 -25.33 -7.25
CA PRO D 39 29.34 -26.76 -7.59
C PRO D 39 29.32 -27.70 -6.40
N LEU D 40 30.15 -27.44 -5.38
CA LEU D 40 30.11 -28.28 -4.18
C LEU D 40 28.76 -28.20 -3.46
N LEU D 41 28.18 -27.00 -3.36
CA LEU D 41 26.87 -26.86 -2.73
C LEU D 41 25.78 -27.58 -3.53
N VAL D 42 25.86 -27.51 -4.87
CA VAL D 42 24.91 -28.22 -5.72
C VAL D 42 25.00 -29.73 -5.50
N ARG D 43 26.21 -30.26 -5.33
CA ARG D 43 26.36 -31.70 -5.09
C ARG D 43 25.73 -32.10 -3.78
N ILE D 44 25.86 -31.24 -2.75
CA ILE D 44 25.25 -31.52 -1.46
C ILE D 44 23.72 -31.45 -1.56
N ILE D 45 23.20 -30.47 -2.31
CA ILE D 45 21.75 -30.25 -2.40
C ILE D 45 21.04 -31.36 -3.18
N ASP D 46 21.67 -31.88 -4.23
CA ASP D 46 21.02 -32.86 -5.10
C ASP D 46 21.28 -34.26 -4.58
N THR D 47 20.85 -34.49 -3.34
CA THR D 47 20.91 -35.78 -2.68
C THR D 47 19.57 -36.03 -2.02
N PRO D 48 19.22 -37.30 -1.76
CA PRO D 48 17.97 -37.58 -1.05
C PRO D 48 17.94 -36.97 0.34
N GLN D 49 19.10 -36.84 0.99
CA GLN D 49 19.09 -36.32 2.36
C GLN D 49 18.70 -34.85 2.40
N PHE D 50 19.06 -34.09 1.36
CA PHE D 50 18.73 -32.67 1.31
C PHE D 50 17.34 -32.45 0.71
N GLN D 51 17.06 -33.11 -0.42
CA GLN D 51 15.77 -32.93 -1.08
C GLN D 51 14.61 -33.36 -0.20
N ARG D 52 14.89 -34.24 0.79
CA ARG D 52 13.91 -34.62 1.79
C ARG D 52 13.20 -33.39 2.39
N LEU D 53 13.94 -32.28 2.56
CA LEU D 53 13.36 -31.10 3.22
C LEU D 53 12.22 -30.49 2.42
N ARG D 54 12.05 -30.87 1.15
CA ARG D 54 10.91 -30.44 0.37
C ARG D 54 9.59 -30.98 0.94
N TYR D 55 9.63 -31.95 1.83
CA TYR D 55 8.43 -32.62 2.29
C TYR D 55 8.18 -32.40 3.78
N ILE D 56 8.80 -31.36 4.36
CA ILE D 56 8.56 -30.97 5.75
C ILE D 56 8.17 -29.50 5.77
N LYS D 57 6.93 -29.22 6.12
CA LYS D 57 6.46 -27.84 6.14
C LYS D 57 7.17 -27.03 7.22
N GLN D 58 7.56 -25.81 6.83
CA GLN D 58 8.27 -24.91 7.74
C GLN D 58 7.49 -24.66 9.04
N LEU D 59 6.20 -24.33 8.92
CA LEU D 59 5.40 -23.97 10.08
C LEU D 59 4.60 -25.16 10.61
N GLY D 60 4.97 -26.38 10.19
CA GLY D 60 4.30 -27.55 10.72
C GLY D 60 2.81 -27.47 10.49
N GLY D 61 2.04 -27.47 11.57
CA GLY D 61 0.60 -27.45 11.39
C GLY D 61 0.02 -26.09 11.09
N GLY D 62 0.85 -25.05 10.98
CA GLY D 62 0.32 -23.70 10.78
C GLY D 62 -0.38 -23.54 9.45
N TYR D 63 0.04 -24.32 8.45
CA TYR D 63 -0.65 -24.35 7.16
C TYR D 63 -2.14 -24.57 7.31
N TYR D 64 -2.57 -25.36 8.31
CA TYR D 64 -3.99 -25.61 8.54
C TYR D 64 -4.72 -24.38 9.07
N VAL D 65 -3.97 -23.34 9.44
CA VAL D 65 -4.55 -22.07 9.82
C VAL D 65 -4.22 -20.98 8.81
N PHE D 66 -3.02 -21.02 8.24
CA PHE D 66 -2.55 -20.00 7.32
C PHE D 66 -2.34 -20.63 5.96
N PRO D 67 -3.30 -20.54 5.06
CA PRO D 67 -3.16 -21.21 3.75
C PRO D 67 -2.00 -20.66 2.93
N GLY D 68 -1.57 -19.42 3.16
CA GLY D 68 -0.36 -19.01 2.47
C GLY D 68 0.91 -19.71 2.93
N ALA D 69 0.86 -20.48 4.02
CA ALA D 69 2.07 -21.04 4.62
C ALA D 69 2.28 -22.50 4.23
N SER D 70 2.34 -22.72 2.92
CA SER D 70 2.66 -24.03 2.35
C SER D 70 4.16 -24.27 2.20
N HIS D 71 5.02 -23.31 2.57
CA HIS D 71 6.45 -23.46 2.33
C HIS D 71 7.09 -24.56 3.20
N ASN D 72 8.19 -25.12 2.70
CA ASN D 72 8.89 -26.22 3.33
C ASN D 72 10.29 -25.80 3.75
N ARG D 73 10.93 -26.66 4.56
CA ARG D 73 12.26 -26.39 5.07
C ARG D 73 13.31 -26.28 3.97
N PHE D 74 13.05 -26.87 2.81
CA PHE D 74 14.04 -26.90 1.73
C PHE D 74 14.39 -25.48 1.25
N GLU D 75 13.38 -24.72 0.82
CA GLU D 75 13.66 -23.39 0.27
C GLU D 75 14.18 -22.45 1.35
N HIS D 76 13.68 -22.61 2.58
CA HIS D 76 14.26 -21.89 3.70
C HIS D 76 15.76 -22.21 3.84
N SER D 77 16.13 -23.50 3.73
CA SER D 77 17.54 -23.88 3.84
C SER D 77 18.39 -23.25 2.74
N LEU D 78 17.88 -23.22 1.50
CA LEU D 78 18.61 -22.55 0.44
C LEU D 78 18.86 -21.09 0.83
N GLY D 79 17.85 -20.48 1.43
CA GLY D 79 17.95 -19.07 1.75
C GLY D 79 18.96 -18.82 2.86
N VAL D 80 19.04 -19.74 3.84
CA VAL D 80 20.05 -19.61 4.89
C VAL D 80 21.45 -19.78 4.31
N GLY D 81 21.64 -20.77 3.44
CA GLY D 81 22.94 -20.94 2.81
C GLY D 81 23.36 -19.70 2.03
N TYR D 82 22.43 -19.13 1.29
CA TYR D 82 22.70 -17.90 0.55
C TYR D 82 23.06 -16.75 1.49
N LEU D 83 22.28 -16.56 2.56
CA LEU D 83 22.52 -15.44 3.47
C LEU D 83 23.85 -15.61 4.20
N ALA D 84 24.12 -16.81 4.70
CA ALA D 84 25.41 -17.07 5.35
C ALA D 84 26.57 -16.72 4.42
N GLY D 85 26.47 -17.13 3.15
CA GLY D 85 27.51 -16.82 2.19
C GLY D 85 27.69 -15.32 1.95
N CYS D 86 26.57 -14.59 1.80
CA CYS D 86 26.66 -13.14 1.62
C CYS D 86 27.36 -12.47 2.81
N LEU D 87 26.95 -12.82 4.02
CA LEU D 87 27.47 -12.13 5.19
C LEU D 87 28.95 -12.44 5.38
N VAL D 88 29.33 -13.71 5.26
CA VAL D 88 30.74 -14.07 5.42
C VAL D 88 31.57 -13.46 4.29
N HIS D 89 31.04 -13.46 3.07
CA HIS D 89 31.79 -12.87 1.97
C HIS D 89 31.93 -11.36 2.14
N ALA D 90 30.89 -10.69 2.64
CA ALA D 90 30.97 -9.23 2.78
C ALA D 90 31.97 -8.84 3.87
N LEU D 91 32.01 -9.61 4.97
CA LEU D 91 33.00 -9.42 6.01
C LEU D 91 34.41 -9.58 5.45
N GLY D 92 34.61 -10.59 4.60
CA GLY D 92 35.93 -10.83 4.04
C GLY D 92 36.41 -9.73 3.13
N GLU D 93 35.48 -9.15 2.36
CA GLU D 93 35.86 -8.08 1.39
C GLU D 93 36.15 -6.77 2.13
N LYS D 94 35.33 -6.43 3.12
CA LYS D 94 35.52 -5.16 3.89
C LYS D 94 36.74 -5.30 4.80
N GLN D 95 36.95 -6.47 5.37
CA GLN D 95 38.10 -6.69 6.30
C GLN D 95 38.97 -7.84 5.82
N PRO D 96 39.98 -7.60 4.95
CA PRO D 96 40.87 -8.67 4.46
C PRO D 96 41.86 -9.19 5.52
N GLU D 97 42.02 -8.48 6.64
CA GLU D 97 42.92 -8.86 7.76
C GLU D 97 42.34 -10.05 8.53
N LEU D 98 41.03 -10.28 8.45
CA LEU D 98 40.38 -11.42 9.13
C LEU D 98 40.87 -12.74 8.51
N GLN D 99 41.43 -12.68 7.30
CA GLN D 99 41.93 -13.89 6.65
C GLN D 99 40.87 -14.94 6.42
N ILE D 100 39.70 -14.48 5.98
CA ILE D 100 38.64 -15.41 5.68
C ILE D 100 38.94 -15.96 4.31
N SER D 101 39.13 -17.28 4.25
CA SER D 101 39.43 -17.98 3.01
C SER D 101 38.16 -18.34 2.25
N GLU D 102 38.33 -18.66 0.96
CA GLU D 102 37.25 -19.23 0.18
C GLU D 102 36.86 -20.62 0.70
N ARG D 103 37.77 -21.26 1.42
CA ARG D 103 37.42 -22.48 2.14
C ARG D 103 36.45 -22.18 3.28
N ASP D 104 36.68 -21.08 4.02
CA ASP D 104 35.79 -20.69 5.11
C ASP D 104 34.41 -20.33 4.58
N VAL D 105 34.35 -19.60 3.46
CA VAL D 105 33.08 -19.19 2.90
C VAL D 105 32.21 -20.42 2.57
N LEU D 106 32.76 -21.36 1.80
CA LEU D 106 32.01 -22.57 1.46
C LEU D 106 31.52 -23.29 2.71
N CYS D 107 32.37 -23.43 3.73
CA CYS D 107 31.97 -24.15 4.94
C CYS D 107 30.83 -23.45 5.67
N VAL D 108 30.82 -22.11 5.63
CA VAL D 108 29.72 -21.39 6.26
C VAL D 108 28.44 -21.56 5.44
N GLN D 109 28.58 -21.54 4.10
CA GLN D 109 27.43 -21.81 3.24
C GLN D 109 26.88 -23.23 3.47
N ILE D 110 27.76 -24.22 3.61
CA ILE D 110 27.29 -25.59 3.84
C ILE D 110 26.52 -25.67 5.15
N ALA D 111 27.08 -25.07 6.22
CA ALA D 111 26.41 -25.05 7.51
C ALA D 111 25.03 -24.42 7.39
N GLY D 112 24.93 -23.30 6.68
CA GLY D 112 23.62 -22.68 6.52
C GLY D 112 22.66 -23.52 5.72
N LEU D 113 23.14 -24.08 4.59
CA LEU D 113 22.33 -25.01 3.81
C LEU D 113 21.85 -26.18 4.63
N CYS D 114 22.70 -26.70 5.53
CA CYS D 114 22.45 -27.98 6.18
C CYS D 114 22.00 -27.87 7.61
N HIS D 115 21.89 -26.65 8.16
CA HIS D 115 21.50 -26.49 9.57
C HIS D 115 20.15 -27.11 9.90
N ASP D 116 19.25 -27.26 8.93
CA ASP D 116 17.94 -27.81 9.24
C ASP D 116 17.73 -29.25 8.75
N LEU D 117 18.79 -29.94 8.30
CA LEU D 117 18.65 -31.31 7.82
C LEU D 117 17.95 -32.21 8.82
N GLY D 118 18.08 -31.91 10.12
CA GLY D 118 17.59 -32.76 11.17
C GLY D 118 16.12 -32.64 11.53
N HIS D 119 15.39 -31.70 10.92
CA HIS D 119 13.98 -31.56 11.25
C HIS D 119 13.20 -32.81 10.84
N GLY D 120 12.13 -33.09 11.57
CA GLY D 120 11.27 -34.21 11.27
C GLY D 120 9.92 -33.71 10.81
N PRO D 121 8.97 -34.64 10.62
CA PRO D 121 7.59 -34.26 10.24
C PRO D 121 7.07 -33.05 10.99
N PHE D 122 6.60 -32.04 10.24
CA PHE D 122 5.99 -30.85 10.82
C PHE D 122 6.95 -30.03 11.69
N SER D 123 8.25 -30.12 11.38
CA SER D 123 9.30 -29.25 11.93
C SER D 123 9.32 -29.33 13.45
N HIS D 124 9.08 -28.23 14.17
CA HIS D 124 9.31 -28.15 15.61
C HIS D 124 8.32 -29.00 16.40
N MET D 125 7.21 -29.38 15.78
CA MET D 125 6.29 -30.32 16.42
C MET D 125 6.99 -31.65 16.73
N PHE D 126 7.93 -32.06 15.88
CA PHE D 126 8.49 -33.41 16.00
C PHE D 126 9.47 -33.50 17.16
N ASP D 127 10.45 -32.59 17.22
CA ASP D 127 11.37 -32.62 18.33
C ASP D 127 10.85 -31.85 19.53
N GLY D 128 9.94 -30.90 19.32
CA GLY D 128 9.40 -30.15 20.45
C GLY D 128 8.32 -30.88 21.21
N ARG D 129 7.58 -31.77 20.55
CA ARG D 129 6.43 -32.39 21.19
C ARG D 129 6.36 -33.90 21.00
N PHE D 130 6.43 -34.38 19.75
CA PHE D 130 6.21 -35.80 19.49
C PHE D 130 7.27 -36.66 20.18
N ILE D 131 8.56 -36.43 19.88
CA ILE D 131 9.61 -37.26 20.46
C ILE D 131 9.59 -37.23 21.99
N PRO D 132 9.45 -36.08 22.66
CA PRO D 132 9.33 -36.11 24.14
C PRO D 132 8.14 -36.89 24.63
N LEU D 133 7.03 -36.91 23.89
CA LEU D 133 5.87 -37.67 24.33
C LEU D 133 6.02 -39.16 24.04
N ALA D 134 6.67 -39.54 22.92
CA ALA D 134 6.82 -40.96 22.61
C ALA D 134 7.96 -41.62 23.39
N ARG D 135 9.03 -40.89 23.65
CA ARG D 135 10.22 -41.43 24.30
C ARG D 135 10.76 -40.38 25.27
N PRO D 136 10.06 -40.16 26.38
CA PRO D 136 10.46 -39.08 27.32
C PRO D 136 11.89 -39.17 27.81
N GLU D 137 12.48 -40.35 27.82
CA GLU D 137 13.83 -40.57 28.37
C GLU D 137 14.94 -40.23 27.38
N VAL D 138 14.61 -40.01 26.10
CA VAL D 138 15.59 -39.75 25.06
C VAL D 138 15.78 -38.25 24.92
N LYS D 139 17.01 -37.82 24.66
CA LYS D 139 17.33 -36.42 24.42
C LYS D 139 17.57 -36.25 22.92
N TRP D 140 16.64 -35.62 22.24
CA TRP D 140 16.74 -35.43 20.79
C TRP D 140 16.50 -33.96 20.47
N THR D 141 17.34 -33.41 19.58
CA THR D 141 17.13 -32.08 19.01
C THR D 141 17.26 -32.18 17.49
N HIS D 142 16.59 -31.27 16.79
CA HIS D 142 16.76 -31.27 15.34
C HIS D 142 18.20 -30.97 14.96
N GLU D 143 18.86 -30.13 15.76
CA GLU D 143 20.26 -29.77 15.49
C GLU D 143 21.16 -31.00 15.53
N GLN D 144 21.07 -31.80 16.61
CA GLN D 144 21.77 -33.08 16.62
C GLN D 144 21.36 -33.93 15.42
N GLY D 145 20.06 -33.94 15.10
CA GLY D 145 19.61 -34.61 13.88
C GLY D 145 20.28 -34.09 12.62
N SER D 146 20.55 -32.77 12.55
CA SER D 146 21.19 -32.23 11.35
C SER D 146 22.64 -32.69 11.24
N VAL D 147 23.33 -32.79 12.36
CA VAL D 147 24.69 -33.32 12.35
C VAL D 147 24.70 -34.77 11.84
N MET D 148 23.79 -35.59 12.34
CA MET D 148 23.77 -37.00 11.93
C MET D 148 23.32 -37.15 10.49
N MET D 149 22.33 -36.36 10.07
CA MET D 149 21.91 -36.38 8.67
C MET D 149 23.01 -35.83 7.77
N PHE D 150 23.69 -34.76 8.19
CA PHE D 150 24.82 -34.26 7.40
C PHE D 150 25.90 -35.32 7.22
N GLU D 151 26.29 -35.99 8.31
CA GLU D 151 27.22 -37.12 8.21
C GLU D 151 26.69 -38.20 7.26
N HIS D 152 25.41 -38.55 7.39
CA HIS D 152 24.83 -39.55 6.49
C HIS D 152 24.82 -39.06 5.05
N LEU D 153 24.56 -37.76 4.84
CA LEU D 153 24.60 -37.22 3.49
C LEU D 153 26.01 -37.32 2.91
N ILE D 154 27.01 -36.89 3.69
CA ILE D 154 28.40 -36.92 3.22
C ILE D 154 28.78 -38.35 2.81
N ASN D 155 28.43 -39.31 3.65
CA ASN D 155 28.93 -40.68 3.49
C ASN D 155 28.20 -41.44 2.40
N SER D 156 26.92 -41.17 2.17
CA SER D 156 26.16 -41.88 1.14
C SER D 156 26.30 -41.26 -0.25
N ASN D 157 26.99 -40.13 -0.41
CA ASN D 157 27.04 -39.48 -1.72
C ASN D 157 28.46 -39.16 -2.17
N GLY D 158 29.47 -39.74 -1.52
CA GLY D 158 30.84 -39.50 -1.88
C GLY D 158 31.20 -38.03 -1.95
N ILE D 159 30.77 -37.26 -0.94
CA ILE D 159 30.99 -35.81 -0.90
C ILE D 159 32.42 -35.46 -0.52
N LYS D 160 33.06 -36.25 0.35
CA LYS D 160 34.44 -35.97 0.75
C LYS D 160 35.40 -35.79 -0.41
N PRO D 161 35.42 -36.64 -1.44
CA PRO D 161 36.28 -36.37 -2.59
C PRO D 161 35.98 -35.06 -3.30
N VAL D 162 34.71 -34.63 -3.34
CA VAL D 162 34.37 -33.37 -3.98
C VAL D 162 34.77 -32.18 -3.10
N MET D 163 34.72 -32.34 -1.78
CA MET D 163 35.29 -31.31 -0.91
C MET D 163 36.78 -31.13 -1.18
N GLU D 164 37.53 -32.25 -1.18
CA GLU D 164 38.96 -32.18 -1.44
C GLU D 164 39.25 -31.54 -2.80
N GLN D 165 38.44 -31.90 -3.81
CA GLN D 165 38.59 -31.32 -5.13
C GLN D 165 38.48 -29.80 -5.14
N TYR D 166 37.79 -29.21 -4.14
CA TYR D 166 37.55 -27.76 -4.17
C TYR D 166 38.27 -27.02 -3.04
N GLY D 167 39.30 -27.62 -2.46
CA GLY D 167 40.12 -26.92 -1.49
C GLY D 167 39.81 -27.24 -0.06
N LEU D 168 38.70 -27.92 0.20
CA LEU D 168 38.36 -28.22 1.58
C LEU D 168 39.24 -29.34 2.12
N ILE D 169 39.38 -29.36 3.44
CA ILE D 169 40.11 -30.40 4.12
C ILE D 169 39.09 -31.15 4.98
N PRO D 170 38.50 -32.23 4.44
CA PRO D 170 37.30 -32.85 5.04
C PRO D 170 37.25 -32.99 6.56
N GLU D 171 38.28 -33.57 7.18
CA GLU D 171 38.20 -33.84 8.61
C GLU D 171 38.05 -32.56 9.42
N GLU D 172 38.82 -31.53 9.08
CA GLU D 172 38.71 -30.24 9.77
C GLU D 172 37.43 -29.50 9.44
N ASP D 173 37.01 -29.52 8.18
CA ASP D 173 35.91 -28.67 7.77
C ASP D 173 34.55 -29.31 8.08
N ILE D 174 34.47 -30.64 8.02
CA ILE D 174 33.23 -31.32 8.42
C ILE D 174 32.93 -31.07 9.89
N CYS D 175 33.97 -31.13 10.73
CA CYS D 175 33.81 -30.75 12.14
C CYS D 175 33.41 -29.27 12.28
N PHE D 176 34.03 -28.39 11.52
CA PHE D 176 33.64 -26.98 11.55
C PHE D 176 32.16 -26.82 11.20
N ILE D 177 31.72 -27.50 10.13
CA ILE D 177 30.32 -27.39 9.73
C ILE D 177 29.40 -27.87 10.84
N LYS D 178 29.74 -29.01 11.46
CA LYS D 178 28.89 -29.56 12.51
C LYS D 178 28.83 -28.63 13.72
N GLU D 179 29.98 -28.07 14.13
CA GLU D 179 29.99 -27.15 15.26
C GLU D 179 29.16 -25.90 14.97
N GLN D 180 29.17 -25.44 13.71
CA GLN D 180 28.31 -24.31 13.36
C GLN D 180 26.83 -24.64 13.56
N ILE D 181 26.46 -25.90 13.39
CA ILE D 181 25.07 -26.30 13.48
C ILE D 181 24.67 -26.60 14.91
N VAL D 182 25.49 -27.36 15.63
CA VAL D 182 25.12 -27.86 16.94
C VAL D 182 25.87 -27.18 18.09
N GLY D 183 27.01 -26.56 17.82
CA GLY D 183 27.82 -26.00 18.87
C GLY D 183 28.93 -26.94 19.29
N PRO D 184 29.56 -26.67 20.42
CA PRO D 184 30.69 -27.50 20.88
C PRO D 184 30.19 -28.78 21.54
N LEU D 185 31.15 -29.61 21.95
CA LEU D 185 30.85 -30.86 22.67
C LEU D 185 31.17 -30.75 24.16
N LEU D 193 37.24 -20.84 28.09
CA LEU D 193 38.23 -21.56 27.28
C LEU D 193 37.60 -22.03 25.96
N TRP D 194 38.36 -21.89 24.86
CA TRP D 194 37.90 -22.09 23.50
C TRP D 194 37.47 -23.52 23.19
N PRO D 195 36.17 -23.79 23.09
CA PRO D 195 35.68 -25.17 22.98
C PRO D 195 35.50 -25.71 21.58
N TYR D 196 35.97 -25.03 20.53
CA TYR D 196 35.74 -25.47 19.17
C TYR D 196 37.02 -26.03 18.57
N LYS D 197 36.90 -27.07 17.74
CA LYS D 197 38.03 -27.70 17.08
C LYS D 197 38.10 -27.43 15.59
N GLY D 198 36.99 -27.03 14.95
CA GLY D 198 37.02 -26.82 13.51
C GLY D 198 37.77 -25.58 13.08
N ARG D 199 37.72 -24.52 13.88
CA ARG D 199 38.44 -23.29 13.57
C ARG D 199 39.06 -22.76 14.85
N PRO D 200 40.21 -22.08 14.75
CA PRO D 200 40.84 -21.50 15.94
C PRO D 200 40.08 -20.27 16.41
N GLU D 201 40.47 -19.78 17.59
CA GLU D 201 39.74 -18.69 18.24
C GLU D 201 39.87 -17.37 17.47
N ASN D 202 40.94 -17.18 16.69
CA ASN D 202 41.04 -15.95 15.90
C ASN D 202 39.97 -15.88 14.81
N LYS D 203 39.21 -16.95 14.60
CA LYS D 203 38.09 -16.94 13.68
C LYS D 203 36.77 -17.24 14.39
N SER D 204 36.69 -16.87 15.68
CA SER D 204 35.51 -17.12 16.50
C SER D 204 34.24 -16.48 15.92
N PHE D 205 34.39 -15.41 15.12
CA PHE D 205 33.23 -14.72 14.58
C PHE D 205 32.48 -15.56 13.54
N LEU D 206 33.19 -16.44 12.84
CA LEU D 206 32.54 -17.35 11.88
C LEU D 206 31.43 -18.17 12.53
N TYR D 207 31.56 -18.47 13.82
CA TYR D 207 30.54 -19.26 14.53
C TYR D 207 29.32 -18.45 14.90
N GLU D 208 29.30 -17.14 14.66
CA GLU D 208 28.12 -16.35 14.96
C GLU D 208 27.18 -16.19 13.77
N ILE D 209 27.55 -16.71 12.60
CA ILE D 209 26.80 -16.43 11.38
C ILE D 209 25.53 -17.29 11.31
N VAL D 210 25.68 -18.61 11.35
CA VAL D 210 24.54 -19.47 11.04
C VAL D 210 23.58 -19.56 12.22
N SER D 211 24.11 -19.77 13.42
CA SER D 211 23.29 -19.93 14.62
C SER D 211 23.99 -19.23 15.78
N ASN D 212 23.37 -18.15 16.26
CA ASN D 212 23.92 -17.33 17.34
C ASN D 212 23.30 -17.75 18.65
N ASN D 215 23.53 -14.03 20.88
CA ASN D 215 22.96 -12.77 20.47
C ASN D 215 21.52 -12.99 20.02
N GLY D 216 21.31 -14.12 19.36
CA GLY D 216 20.01 -14.46 18.82
C GLY D 216 19.77 -13.84 17.44
N ILE D 217 20.82 -13.24 16.87
CA ILE D 217 20.75 -12.61 15.57
C ILE D 217 21.67 -13.34 14.59
N ASP D 218 21.07 -14.25 13.83
CA ASP D 218 21.80 -15.03 12.83
C ASP D 218 21.04 -15.03 11.51
N VAL D 219 21.69 -15.55 10.48
CA VAL D 219 21.11 -15.51 9.14
C VAL D 219 19.92 -16.46 9.03
N ASP D 220 19.84 -17.46 9.91
CA ASP D 220 18.70 -18.37 9.92
C ASP D 220 17.42 -17.61 10.21
N LYS D 221 17.42 -16.81 11.27
CA LYS D 221 16.28 -15.96 11.60
C LYS D 221 15.99 -14.94 10.49
N TRP D 222 17.03 -14.39 9.88
CA TRP D 222 16.80 -13.46 8.78
C TRP D 222 15.98 -14.12 7.67
N ASP D 223 16.30 -15.37 7.34
CA ASP D 223 15.57 -15.99 6.25
C ASP D 223 14.14 -16.29 6.66
N TYR D 224 13.95 -16.94 7.81
CA TYR D 224 12.58 -17.35 8.12
C TYR D 224 11.68 -16.19 8.53
N PHE D 225 12.25 -15.14 9.15
CA PHE D 225 11.46 -13.92 9.34
C PHE D 225 10.93 -13.40 8.01
N ALA D 226 11.82 -13.15 7.05
CA ALA D 226 11.39 -12.64 5.75
C ALA D 226 10.48 -13.65 5.04
N ARG D 227 10.86 -14.92 5.02
CA ARG D 227 10.06 -15.89 4.28
C ARG D 227 8.69 -16.10 4.92
N ASP D 228 8.65 -16.24 6.25
CA ASP D 228 7.36 -16.42 6.91
C ASP D 228 6.43 -15.23 6.70
N CYS D 229 6.95 -13.98 6.81
CA CYS D 229 6.10 -12.82 6.55
C CYS D 229 5.53 -12.87 5.14
N HIS D 230 6.38 -13.22 4.18
CA HIS D 230 5.93 -13.29 2.79
C HIS D 230 4.79 -14.27 2.66
N HIS D 231 4.89 -15.43 3.33
CA HIS D 231 3.83 -16.43 3.23
C HIS D 231 2.62 -16.13 4.11
N LEU D 232 2.79 -15.34 5.17
CA LEU D 232 1.71 -15.01 6.08
C LEU D 232 1.05 -13.68 5.80
N GLY D 233 1.56 -12.89 4.86
CA GLY D 233 0.98 -11.60 4.57
C GLY D 233 1.33 -10.53 5.58
N ILE D 234 2.36 -10.73 6.38
CA ILE D 234 2.76 -9.79 7.43
C ILE D 234 3.85 -8.88 6.87
N GLN D 235 3.74 -7.58 7.15
CA GLN D 235 4.76 -6.65 6.69
C GLN D 235 6.05 -6.86 7.46
N ASN D 236 7.17 -6.86 6.76
CA ASN D 236 8.48 -7.02 7.36
C ASN D 236 9.34 -5.84 6.95
N ASN D 237 9.73 -5.03 7.93
CA ASN D 237 10.49 -3.82 7.67
C ASN D 237 11.96 -3.93 8.06
N PHE D 238 12.41 -5.13 8.47
CA PHE D 238 13.83 -5.36 8.67
C PHE D 238 14.48 -5.59 7.31
N ASP D 239 15.60 -4.91 7.05
CA ASP D 239 16.31 -4.99 5.78
C ASP D 239 17.64 -5.67 6.06
N TYR D 240 17.74 -6.95 5.67
CA TYR D 240 18.96 -7.70 5.94
C TYR D 240 20.13 -7.22 5.09
N LYS D 241 19.85 -6.78 3.86
CA LYS D 241 20.93 -6.30 2.99
C LYS D 241 21.60 -5.08 3.60
N ARG D 242 20.86 -4.30 4.38
CA ARG D 242 21.46 -3.12 5.00
C ARG D 242 22.30 -3.53 6.20
N PHE D 243 21.85 -4.51 6.97
CA PHE D 243 22.64 -5.01 8.10
C PHE D 243 23.95 -5.64 7.62
N ILE D 244 23.91 -6.34 6.49
CA ILE D 244 25.13 -6.92 5.92
C ILE D 244 26.11 -5.82 5.53
N LYS D 245 25.60 -4.79 4.84
CA LYS D 245 26.45 -3.71 4.36
C LYS D 245 27.26 -3.10 5.50
N PHE D 246 26.64 -2.97 6.67
CA PHE D 246 27.26 -2.32 7.81
C PHE D 246 27.73 -3.29 8.90
N ALA D 247 27.81 -4.59 8.58
CA ALA D 247 28.42 -5.53 9.52
C ALA D 247 29.95 -5.41 9.44
N ARG D 248 30.58 -5.46 10.61
CA ARG D 248 32.03 -5.57 10.70
C ARG D 248 32.37 -6.37 11.94
N VAL D 249 33.58 -6.93 11.95
CA VAL D 249 34.09 -7.67 13.09
C VAL D 249 34.96 -6.73 13.92
N CYS D 250 34.55 -6.52 15.17
CA CYS D 250 35.28 -5.74 16.16
C CYS D 250 35.63 -6.66 17.33
N GLU D 251 36.47 -6.17 18.22
CA GLU D 251 36.82 -6.93 19.42
C GLU D 251 36.06 -6.36 20.61
N VAL D 252 35.38 -7.23 21.35
CA VAL D 252 34.70 -6.86 22.58
C VAL D 252 35.13 -7.84 23.68
N ASP D 253 35.67 -7.32 24.78
CA ASP D 253 36.19 -8.13 25.89
C ASP D 253 37.19 -9.18 25.39
N ASN D 254 38.18 -8.71 24.63
CA ASN D 254 39.15 -9.56 23.93
C ASN D 254 38.49 -10.79 23.28
N GLU D 255 37.38 -10.53 22.60
CA GLU D 255 36.76 -11.53 21.75
C GLU D 255 36.20 -10.86 20.52
N LEU D 256 36.38 -11.52 19.37
CA LEU D 256 35.96 -11.00 18.08
C LEU D 256 34.49 -11.32 17.86
N ARG D 257 33.69 -10.29 17.65
CA ARG D 257 32.26 -10.45 17.45
C ARG D 257 31.83 -9.66 16.23
N ILE D 258 30.73 -10.09 15.63
CA ILE D 258 30.10 -9.31 14.57
C ILE D 258 29.20 -8.27 15.21
N CYS D 259 29.43 -7.00 14.87
CA CYS D 259 28.69 -5.87 15.41
C CYS D 259 28.13 -5.03 14.28
N ALA D 260 27.05 -4.31 14.57
CA ALA D 260 26.40 -3.44 13.59
C ALA D 260 26.80 -1.99 13.84
N ARG D 261 26.49 -1.12 12.90
CA ARG D 261 26.84 0.30 13.01
C ARG D 261 26.05 1.05 14.09
N ASP D 262 26.57 2.22 14.45
CA ASP D 262 25.99 3.07 15.49
C ASP D 262 24.51 3.37 15.40
N LYS D 263 24.16 4.14 14.36
CA LYS D 263 22.80 4.63 14.11
C LYS D 263 21.92 3.67 13.32
N GLU D 264 22.40 2.44 13.13
CA GLU D 264 21.67 1.42 12.39
C GLU D 264 20.78 0.55 13.29
N VAL D 265 20.65 0.97 14.54
CA VAL D 265 19.84 0.31 15.56
C VAL D 265 18.36 0.22 15.21
N GLY D 266 17.85 1.23 14.51
CA GLY D 266 16.45 1.25 14.14
C GLY D 266 16.05 0.06 13.28
N ASN D 267 16.92 -0.33 12.36
CA ASN D 267 16.65 -1.50 11.54
C ASN D 267 16.59 -2.70 12.47
N LEU D 268 17.47 -2.70 13.46
CA LEU D 268 17.56 -3.78 14.44
C LEU D 268 16.24 -3.94 15.19
N TYR D 269 15.69 -2.84 15.71
CA TYR D 269 14.43 -2.92 16.42
C TYR D 269 13.27 -3.34 15.52
N ASP D 270 13.37 -3.06 14.21
CA ASP D 270 12.38 -3.56 13.26
C ASP D 270 12.42 -5.07 13.14
N MET D 271 13.62 -5.66 13.28
CA MET D 271 13.74 -7.10 13.28
C MET D 271 13.10 -7.73 14.50
N PHE D 272 13.24 -7.07 15.67
CA PHE D 272 12.66 -7.60 16.89
C PHE D 272 11.14 -7.40 16.93
N HIS D 273 10.65 -6.34 16.29
CA HIS D 273 9.21 -6.15 16.13
C HIS D 273 8.62 -7.23 15.22
N THR D 274 9.34 -7.60 14.16
CA THR D 274 8.87 -8.67 13.29
C THR D 274 8.92 -10.01 14.00
N ARG D 275 9.96 -10.24 14.79
CA ARG D 275 10.03 -11.45 15.62
C ARG D 275 8.81 -11.57 16.53
N ASN D 276 8.43 -10.48 17.20
CA ASN D 276 7.30 -10.55 18.13
C ASN D 276 5.97 -10.69 17.40
N SER D 277 5.78 -9.91 16.32
CA SER D 277 4.59 -10.08 15.49
C SER D 277 4.43 -11.53 15.02
N LEU D 278 5.50 -12.11 14.46
CA LEU D 278 5.45 -13.49 14.00
C LEU D 278 5.14 -14.44 15.15
N HIS D 279 5.81 -14.27 16.29
CA HIS D 279 5.53 -15.12 17.44
C HIS D 279 4.09 -14.95 17.92
N ARG D 280 3.64 -13.70 18.01
CA ARG D 280 2.30 -13.42 18.51
C ARG D 280 1.22 -13.85 17.52
N ARG D 281 1.38 -13.52 16.24
CA ARG D 281 0.32 -13.78 15.28
C ARG D 281 0.36 -15.21 14.75
N ALA D 282 1.54 -15.81 14.61
CA ALA D 282 1.63 -17.09 13.91
C ALA D 282 2.14 -18.21 14.80
N TYR D 283 3.36 -18.11 15.32
CA TYR D 283 3.99 -19.25 15.97
C TYR D 283 3.21 -19.72 17.20
N GLN D 284 2.58 -18.79 17.91
CA GLN D 284 1.80 -19.13 19.09
C GLN D 284 0.30 -19.09 18.84
N HIS D 285 -0.11 -19.08 17.57
CA HIS D 285 -1.53 -19.04 17.24
C HIS D 285 -2.26 -20.18 17.93
N LYS D 286 -3.36 -19.83 18.62
CA LYS D 286 -4.03 -20.80 19.48
C LYS D 286 -4.53 -22.01 18.69
N VAL D 287 -5.11 -21.80 17.51
CA VAL D 287 -5.62 -22.93 16.73
C VAL D 287 -4.48 -23.67 16.06
N GLY D 288 -3.47 -22.95 15.57
CA GLY D 288 -2.28 -23.60 15.06
C GLY D 288 -1.70 -24.58 16.05
N ASN D 289 -1.51 -24.14 17.30
CA ASN D 289 -0.90 -25.01 18.31
C ASN D 289 -1.81 -26.17 18.67
N ILE D 290 -3.13 -25.97 18.68
CA ILE D 290 -4.04 -27.09 18.94
C ILE D 290 -3.86 -28.17 17.89
N ILE D 291 -3.88 -27.75 16.61
CA ILE D 291 -3.79 -28.71 15.51
C ILE D 291 -2.49 -29.51 15.58
N ASP D 292 -1.39 -28.87 15.99
CA ASP D 292 -0.14 -29.61 16.15
C ASP D 292 -0.26 -30.73 17.18
N THR D 293 -0.92 -30.45 18.31
CA THR D 293 -1.09 -31.50 19.31
C THR D 293 -2.03 -32.59 18.80
N MET D 294 -2.97 -32.26 17.91
CA MET D 294 -3.81 -33.30 17.34
C MET D 294 -2.99 -34.21 16.43
N ILE D 295 -2.20 -33.62 15.53
CA ILE D 295 -1.29 -34.39 14.70
C ILE D 295 -0.38 -35.26 15.55
N THR D 296 0.23 -34.67 16.60
CA THR D 296 1.07 -35.46 17.51
C THR D 296 0.27 -36.62 18.12
N ASP D 297 -0.95 -36.33 18.58
CA ASP D 297 -1.82 -37.38 19.13
C ASP D 297 -2.04 -38.50 18.12
N ALA D 298 -2.31 -38.15 16.85
CA ALA D 298 -2.46 -39.16 15.81
C ALA D 298 -1.16 -39.95 15.58
N PHE D 299 -0.01 -39.26 15.60
CA PHE D 299 1.26 -39.97 15.43
C PHE D 299 1.48 -40.97 16.57
N LEU D 300 1.10 -40.59 17.79
CA LEU D 300 1.28 -41.49 18.93
C LEU D 300 0.40 -42.72 18.81
N LYS D 301 -0.88 -42.53 18.45
CA LYS D 301 -1.75 -43.68 18.25
C LYS D 301 -1.35 -44.52 17.04
N ALA D 302 -0.44 -44.02 16.20
CA ALA D 302 0.00 -44.73 15.02
C ALA D 302 1.39 -45.32 15.20
N ASP D 303 2.12 -44.86 16.23
CA ASP D 303 3.53 -45.19 16.37
C ASP D 303 3.77 -46.69 16.49
N ASP D 304 2.78 -47.47 16.97
CA ASP D 304 2.97 -48.91 17.10
C ASP D 304 2.85 -49.66 15.78
N TYR D 305 2.24 -49.05 14.75
CA TYR D 305 1.86 -49.77 13.53
C TYR D 305 2.52 -49.29 12.24
N ILE D 306 2.93 -48.02 12.14
CA ILE D 306 3.67 -47.57 10.97
C ILE D 306 5.08 -48.17 11.01
N GLU D 307 5.54 -48.70 9.89
CA GLU D 307 6.87 -49.26 9.77
C GLU D 307 7.64 -48.51 8.70
N ILE D 308 8.88 -48.14 9.01
CA ILE D 308 9.75 -47.43 8.08
C ILE D 308 11.04 -48.23 8.00
N THR D 309 11.37 -48.72 6.81
CA THR D 309 12.55 -49.57 6.69
C THR D 309 13.81 -48.72 6.60
N GLY D 310 14.75 -48.99 7.50
CA GLY D 310 16.04 -48.33 7.48
C GLY D 310 17.20 -49.17 6.97
N ALA D 311 18.37 -48.96 7.55
CA ALA D 311 19.59 -49.57 7.05
C ALA D 311 19.56 -51.08 7.23
N GLY D 312 20.09 -51.81 6.25
CA GLY D 312 20.16 -53.26 6.29
C GLY D 312 18.82 -53.96 6.23
N GLY D 313 17.74 -53.22 6.11
CA GLY D 313 16.40 -53.78 6.07
C GLY D 313 15.64 -53.67 7.38
N LYS D 314 16.31 -53.28 8.46
CA LYS D 314 15.65 -53.21 9.76
C LYS D 314 14.45 -52.26 9.68
N LYS D 315 13.45 -52.52 10.52
CA LYS D 315 12.23 -51.73 10.54
C LYS D 315 12.23 -50.82 11.75
N TYR D 316 11.69 -49.62 11.56
CA TYR D 316 11.66 -48.62 12.60
C TYR D 316 10.26 -48.03 12.69
N ARG D 317 9.97 -47.44 13.84
CA ARG D 317 8.73 -46.71 14.03
C ARG D 317 8.98 -45.22 13.83
N ILE D 318 7.90 -44.45 13.76
CA ILE D 318 8.02 -43.00 13.72
C ILE D 318 8.96 -42.52 14.82
N SER D 319 8.83 -43.10 16.03
CA SER D 319 9.59 -42.61 17.18
C SER D 319 11.02 -43.12 17.22
N THR D 320 11.35 -44.18 16.48
CA THR D 320 12.71 -44.69 16.47
C THR D 320 13.45 -44.42 15.17
N ALA D 321 12.78 -43.95 14.11
CA ALA D 321 13.49 -43.53 12.90
C ALA D 321 14.63 -42.54 13.18
N ILE D 322 14.56 -41.80 14.29
CA ILE D 322 15.66 -40.92 14.63
C ILE D 322 16.94 -41.69 14.90
N ASP D 323 16.84 -43.00 15.14
CA ASP D 323 18.01 -43.81 15.45
C ASP D 323 18.72 -44.34 14.22
N ASP D 324 18.13 -44.17 13.04
CA ASP D 324 18.71 -44.68 11.81
C ASP D 324 18.49 -43.66 10.70
N MET D 325 19.58 -43.12 10.16
CA MET D 325 19.41 -42.03 9.21
C MET D 325 18.85 -42.51 7.88
N GLU D 326 19.02 -43.79 7.53
CA GLU D 326 18.35 -44.30 6.33
C GLU D 326 16.84 -44.29 6.51
N ALA D 327 16.36 -44.64 7.70
CA ALA D 327 14.92 -44.57 7.95
C ALA D 327 14.47 -43.12 8.09
N TYR D 328 15.22 -42.33 8.85
CA TYR D 328 14.88 -40.91 9.00
C TYR D 328 14.78 -40.20 7.65
N THR D 329 15.65 -40.56 6.70
CA THR D 329 15.57 -39.96 5.36
C THR D 329 14.17 -40.08 4.77
N LYS D 330 13.39 -41.07 5.19
CA LYS D 330 12.07 -41.34 4.64
C LYS D 330 10.94 -40.96 5.58
N LEU D 331 11.23 -40.17 6.61
CA LEU D 331 10.23 -39.76 7.61
C LEU D 331 9.96 -38.27 7.40
N THR D 332 8.83 -37.96 6.75
CA THR D 332 8.49 -36.58 6.44
C THR D 332 7.02 -36.38 6.71
N ASP D 333 6.49 -35.21 6.30
CA ASP D 333 5.06 -34.91 6.44
C ASP D 333 4.20 -35.97 5.75
N ASN D 334 4.77 -36.73 4.80
CA ASN D 334 4.01 -37.84 4.20
C ASN D 334 3.44 -38.81 5.22
N ILE D 335 3.98 -38.86 6.45
CA ILE D 335 3.45 -39.76 7.48
C ILE D 335 1.99 -39.40 7.79
N PHE D 336 1.69 -38.11 7.76
CA PHE D 336 0.32 -37.66 7.94
C PHE D 336 -0.61 -38.33 6.95
N LEU D 337 -0.22 -38.40 5.67
CA LEU D 337 -1.15 -38.91 4.68
C LEU D 337 -1.12 -40.44 4.65
N GLU D 338 -0.01 -41.04 5.06
CA GLU D 338 0.04 -42.49 5.20
C GLU D 338 -0.98 -42.96 6.24
N ILE D 339 -1.06 -42.23 7.35
CA ILE D 339 -2.10 -42.50 8.35
C ILE D 339 -3.48 -42.22 7.75
N LEU D 340 -3.66 -41.02 7.19
CA LEU D 340 -4.98 -40.61 6.70
C LEU D 340 -5.53 -41.53 5.62
N TYR D 341 -4.67 -42.07 4.76
CA TYR D 341 -5.13 -42.92 3.68
C TYR D 341 -5.12 -44.40 4.05
N SER D 342 -4.60 -44.74 5.22
CA SER D 342 -4.46 -46.14 5.57
C SER D 342 -5.83 -46.81 5.68
N THR D 343 -5.84 -48.15 5.56
CA THR D 343 -7.05 -48.93 5.83
C THR D 343 -6.88 -49.97 6.93
N ASP D 344 -5.64 -50.26 7.33
CA ASP D 344 -5.38 -51.15 8.46
C ASP D 344 -6.30 -50.79 9.63
N PRO D 345 -7.01 -51.77 10.22
CA PRO D 345 -7.89 -51.44 11.37
C PRO D 345 -7.12 -50.95 12.58
N LYS D 346 -5.87 -51.37 12.74
CA LYS D 346 -5.09 -50.88 13.88
C LYS D 346 -4.82 -49.38 13.81
N LEU D 347 -4.82 -48.78 12.61
CA LEU D 347 -4.62 -47.34 12.48
C LEU D 347 -5.93 -46.59 12.54
N LYS D 348 -7.03 -47.24 12.96
CA LYS D 348 -8.32 -46.56 12.98
C LYS D 348 -8.33 -45.38 13.96
N ASP D 349 -7.73 -45.54 15.14
CA ASP D 349 -7.77 -44.45 16.12
C ASP D 349 -6.99 -43.24 15.61
N ALA D 350 -5.74 -43.45 15.18
CA ALA D 350 -4.95 -42.37 14.60
C ALA D 350 -5.71 -41.70 13.47
N ARG D 351 -6.19 -42.50 12.52
CA ARG D 351 -6.93 -42.01 11.37
C ARG D 351 -8.08 -41.09 11.78
N GLU D 352 -8.81 -41.48 12.84
CA GLU D 352 -9.98 -40.72 13.26
C GLU D 352 -9.62 -39.33 13.77
N ILE D 353 -8.44 -39.17 14.36
CA ILE D 353 -8.02 -37.85 14.84
C ILE D 353 -7.70 -36.93 13.66
N LEU D 354 -6.93 -37.43 12.69
CA LEU D 354 -6.69 -36.65 11.47
C LEU D 354 -7.99 -36.28 10.79
N LYS D 355 -8.93 -37.24 10.68
CA LYS D 355 -10.25 -36.93 10.12
C LYS D 355 -10.93 -35.81 10.88
N GLN D 356 -10.76 -35.77 12.21
CA GLN D 356 -11.32 -34.66 12.98
C GLN D 356 -10.70 -33.32 12.60
N ILE D 357 -9.44 -33.32 12.17
CA ILE D 357 -8.84 -32.08 11.65
C ILE D 357 -9.56 -31.63 10.38
N GLU D 358 -9.74 -32.56 9.43
CA GLU D 358 -10.38 -32.23 8.16
C GLU D 358 -11.80 -31.70 8.34
N TYR D 359 -12.60 -32.33 9.23
CA TYR D 359 -13.94 -31.86 9.52
C TYR D 359 -13.93 -30.66 10.46
N ARG D 360 -12.74 -30.24 10.91
CA ARG D 360 -12.58 -29.07 11.77
C ARG D 360 -13.26 -29.25 13.13
N ASN D 361 -13.32 -30.48 13.63
CA ASN D 361 -13.75 -30.74 15.00
C ASN D 361 -12.49 -30.83 15.85
N LEU D 362 -12.01 -29.68 16.29
CA LEU D 362 -10.72 -29.63 16.96
C LEU D 362 -10.87 -29.80 18.47
N PHE D 363 -9.76 -30.17 19.13
CA PHE D 363 -9.69 -30.09 20.58
C PHE D 363 -10.08 -28.69 21.02
N LYS D 364 -10.69 -28.58 22.21
CA LYS D 364 -11.26 -27.32 22.66
C LYS D 364 -10.34 -26.63 23.66
N TYR D 365 -10.14 -25.33 23.47
CA TYR D 365 -9.26 -24.56 24.33
C TYR D 365 -9.84 -24.46 25.74
N VAL D 366 -9.03 -24.79 26.74
CA VAL D 366 -9.43 -24.68 28.15
C VAL D 366 -8.85 -23.44 28.81
N GLY D 367 -7.56 -23.18 28.62
CA GLY D 367 -6.95 -22.02 29.22
C GLY D 367 -5.44 -22.07 29.17
N GLU D 368 -4.84 -21.01 29.67
CA GLU D 368 -3.41 -20.76 29.55
C GLU D 368 -2.85 -20.35 30.91
N THR D 369 -1.64 -20.81 31.20
CA THR D 369 -0.94 -20.42 32.41
C THR D 369 0.55 -20.32 32.13
N GLN D 370 1.30 -19.82 33.12
CA GLN D 370 2.75 -19.66 33.01
C GLN D 370 3.34 -20.09 34.35
N PRO D 371 4.49 -20.75 34.35
CA PRO D 371 5.16 -21.05 35.63
C PRO D 371 5.80 -19.79 36.20
N THR D 372 5.61 -19.59 37.50
CA THR D 372 6.20 -18.44 38.17
C THR D 372 7.66 -18.73 38.52
N GLY D 373 8.43 -17.65 38.67
CA GLY D 373 9.86 -17.78 38.83
C GLY D 373 10.52 -17.91 37.48
N GLN D 374 11.68 -18.57 37.48
CA GLN D 374 12.32 -18.97 36.23
C GLN D 374 12.17 -20.46 35.99
N ILE D 375 11.15 -21.08 36.58
CA ILE D 375 10.95 -22.52 36.47
C ILE D 375 10.48 -22.87 35.07
N LYS D 376 11.12 -23.86 34.46
CA LYS D 376 10.76 -24.34 33.14
C LYS D 376 10.36 -25.79 33.26
N ILE D 377 9.17 -26.13 32.77
CA ILE D 377 8.83 -27.53 32.57
C ILE D 377 9.76 -28.09 31.52
N LYS D 378 10.38 -29.23 31.82
CA LYS D 378 11.33 -29.86 30.93
C LYS D 378 10.64 -30.88 30.02
N ARG D 379 11.18 -31.05 28.81
CA ARG D 379 10.60 -31.96 27.83
C ARG D 379 10.40 -33.36 28.42
N GLU D 380 11.39 -33.84 29.19
CA GLU D 380 11.31 -35.12 29.89
C GLU D 380 10.01 -35.30 30.64
N ASP D 381 9.42 -34.21 31.13
CA ASP D 381 8.25 -34.30 32.01
C ASP D 381 6.94 -34.00 31.30
N TYR D 382 6.94 -33.83 29.98
CA TYR D 382 5.72 -33.52 29.25
C TYR D 382 4.66 -34.59 29.45
N GLU D 383 5.06 -35.86 29.29
CA GLU D 383 4.08 -36.95 29.37
C GLU D 383 3.40 -37.01 30.73
N SER D 384 4.09 -36.61 31.81
CA SER D 384 3.48 -36.60 33.13
C SER D 384 2.40 -35.53 33.28
N LEU D 385 2.43 -34.49 32.44
CA LEU D 385 1.54 -33.35 32.65
C LEU D 385 0.05 -33.69 32.63
N PRO D 386 -0.49 -34.38 31.62
CA PRO D 386 -1.93 -34.68 31.65
C PRO D 386 -2.38 -35.39 32.92
N LYS D 387 -1.56 -36.31 33.46
CA LYS D 387 -1.93 -37.02 34.68
C LYS D 387 -2.08 -36.07 35.87
N GLU D 388 -1.14 -35.13 36.02
CA GLU D 388 -1.22 -34.14 37.09
C GLU D 388 -2.53 -33.37 37.02
N VAL D 389 -2.97 -33.02 35.81
CA VAL D 389 -4.20 -32.26 35.68
C VAL D 389 -5.39 -33.11 36.09
N ALA D 390 -5.43 -34.36 35.62
CA ALA D 390 -6.51 -35.28 35.98
C ALA D 390 -6.47 -35.67 37.46
N SER D 391 -5.31 -35.52 38.12
CA SER D 391 -5.15 -35.80 39.55
C SER D 391 -5.49 -34.61 40.44
N ALA D 392 -5.59 -33.41 39.88
CA ALA D 392 -6.07 -32.28 40.65
C ALA D 392 -7.42 -32.60 41.27
N LYS D 393 -7.66 -32.03 42.46
CA LYS D 393 -8.95 -32.16 43.13
C LYS D 393 -9.66 -30.82 43.13
N PRO D 394 -10.49 -30.54 42.12
CA PRO D 394 -11.29 -29.31 42.13
C PRO D 394 -12.17 -29.27 43.36
N LYS D 395 -12.19 -28.11 44.03
CA LYS D 395 -12.92 -27.98 45.30
C LYS D 395 -14.35 -28.46 45.18
N VAL D 396 -15.13 -27.81 44.32
CA VAL D 396 -16.50 -28.25 44.09
C VAL D 396 -16.37 -29.57 43.36
N LEU D 397 -17.26 -30.51 43.65
CA LEU D 397 -17.17 -31.78 42.94
C LEU D 397 -18.12 -31.71 41.76
N LEU D 398 -17.54 -31.73 40.56
CA LEU D 398 -18.31 -31.64 39.33
C LEU D 398 -19.03 -32.93 38.98
N ASP D 399 -20.09 -32.79 38.20
CA ASP D 399 -20.86 -33.93 37.73
C ASP D 399 -20.02 -34.83 36.84
N VAL D 400 -19.19 -34.22 36.01
CA VAL D 400 -18.36 -34.96 35.09
C VAL D 400 -16.92 -35.10 35.54
N LYS D 401 -16.43 -36.33 35.57
CA LYS D 401 -15.06 -36.62 35.93
C LYS D 401 -14.30 -37.08 34.69
N LEU D 402 -13.13 -36.47 34.46
CA LEU D 402 -12.37 -36.67 33.25
C LEU D 402 -11.08 -37.41 33.56
N LYS D 403 -10.60 -38.13 32.56
CA LYS D 403 -9.38 -38.92 32.67
C LYS D 403 -8.21 -38.17 32.02
N ALA D 404 -7.00 -38.58 32.38
CA ALA D 404 -5.80 -37.92 31.87
C ALA D 404 -5.72 -37.96 30.36
N GLU D 405 -6.35 -38.96 29.73
CA GLU D 405 -6.34 -39.06 28.28
C GLU D 405 -7.24 -38.02 27.63
N ASP D 406 -8.15 -37.39 28.38
CA ASP D 406 -8.99 -36.35 27.81
C ASP D 406 -8.33 -34.99 27.80
N PHE D 407 -7.14 -34.85 28.41
CA PHE D 407 -6.45 -33.58 28.51
C PHE D 407 -5.22 -33.58 27.60
N ILE D 408 -5.01 -32.45 26.93
CA ILE D 408 -3.73 -32.15 26.28
C ILE D 408 -3.10 -31.00 27.04
N VAL D 409 -1.81 -31.12 27.35
CA VAL D 409 -1.06 -30.02 27.94
C VAL D 409 0.02 -29.61 26.94
N ASP D 410 -0.04 -28.37 26.48
CA ASP D 410 0.80 -27.86 25.41
C ASP D 410 1.77 -26.87 26.05
N VAL D 411 3.04 -27.23 26.07
CA VAL D 411 4.08 -26.34 26.61
C VAL D 411 4.65 -25.57 25.42
N ILE D 412 4.49 -24.26 25.45
CA ILE D 412 4.92 -23.41 24.36
C ILE D 412 6.13 -22.61 24.84
N ASN D 413 7.29 -22.90 24.27
CA ASN D 413 8.52 -22.21 24.60
C ASN D 413 8.81 -21.15 23.55
N MET D 414 9.67 -20.21 23.90
CA MET D 414 10.00 -19.13 22.98
C MET D 414 11.43 -19.17 22.45
N ASP D 415 12.38 -19.76 23.17
CA ASP D 415 13.78 -19.73 22.77
C ASP D 415 14.52 -21.00 23.24
N ALA D 455 7.57 -13.33 27.80
CA ALA D 455 7.30 -14.52 28.61
C ALA D 455 7.89 -15.75 27.94
N GLU D 456 8.80 -16.44 28.66
CA GLU D 456 9.60 -17.48 28.03
C GLU D 456 8.94 -18.85 27.97
N GLN D 457 7.98 -19.15 28.85
CA GLN D 457 7.24 -20.40 28.74
C GLN D 457 5.77 -20.18 29.06
N LEU D 458 4.89 -20.69 28.21
CA LEU D 458 3.45 -20.64 28.39
C LEU D 458 2.94 -22.07 28.38
N ILE D 459 1.86 -22.31 29.13
CA ILE D 459 1.30 -23.64 29.26
C ILE D 459 -0.19 -23.55 28.96
N ARG D 460 -0.65 -24.30 27.96
CA ARG D 460 -2.04 -24.29 27.56
C ARG D 460 -2.60 -25.69 27.68
N VAL D 461 -3.87 -25.78 28.04
CA VAL D 461 -4.58 -27.04 28.20
C VAL D 461 -5.77 -27.06 27.27
N TYR D 462 -5.92 -28.14 26.54
CA TYR D 462 -7.04 -28.37 25.65
C TYR D 462 -7.74 -29.64 26.11
N CYS D 463 -9.02 -29.76 25.76
CA CYS D 463 -9.76 -30.97 26.11
C CYS D 463 -10.35 -31.61 24.85
N LYS D 464 -10.21 -32.95 24.78
CA LYS D 464 -10.76 -33.75 23.69
C LYS D 464 -12.27 -33.96 23.82
N LYS D 465 -12.83 -33.79 25.01
CA LYS D 465 -14.27 -33.90 25.16
C LYS D 465 -14.91 -32.56 24.84
N VAL D 466 -15.90 -32.59 23.95
CA VAL D 466 -16.50 -31.38 23.40
C VAL D 466 -17.70 -30.88 24.20
N ASP D 467 -18.38 -31.75 24.95
CA ASP D 467 -19.62 -31.39 25.59
C ASP D 467 -19.40 -30.26 26.60
N ARG D 468 -20.40 -29.37 26.70
CA ARG D 468 -20.29 -28.25 27.62
C ARG D 468 -20.01 -28.72 29.04
N LYS D 469 -20.53 -29.90 29.39
CA LYS D 469 -20.30 -30.48 30.72
C LYS D 469 -18.83 -30.83 30.94
N SER D 470 -18.23 -31.59 30.01
CA SER D 470 -16.82 -31.93 30.15
C SER D 470 -15.94 -30.69 30.11
N LEU D 471 -16.31 -29.72 29.28
CA LEU D 471 -15.50 -28.51 29.14
C LEU D 471 -15.51 -27.70 30.42
N TYR D 472 -16.66 -27.60 31.08
CA TYR D 472 -16.72 -26.91 32.36
C TYR D 472 -15.88 -27.64 33.40
N ALA D 473 -15.95 -28.97 33.43
CA ALA D 473 -15.13 -29.76 34.33
C ALA D 473 -13.65 -29.62 34.00
N ALA D 474 -13.30 -29.70 32.72
CA ALA D 474 -11.90 -29.55 32.31
C ALA D 474 -11.31 -28.24 32.81
N ARG D 475 -12.09 -27.15 32.78
CA ARG D 475 -11.57 -25.91 33.35
C ARG D 475 -11.33 -26.04 34.85
N GLN D 476 -12.18 -26.81 35.56
CA GLN D 476 -12.02 -26.97 37.00
C GLN D 476 -10.71 -27.68 37.34
N TYR D 477 -10.46 -28.83 36.70
CA TYR D 477 -9.18 -29.50 36.90
C TYR D 477 -8.01 -28.58 36.56
N PHE D 478 -8.15 -27.78 35.49
CA PHE D 478 -7.03 -26.95 35.04
C PHE D 478 -6.72 -25.87 36.07
N VAL D 479 -7.76 -25.14 36.52
CA VAL D 479 -7.58 -24.11 37.51
C VAL D 479 -6.91 -24.66 38.77
N GLN D 480 -7.44 -25.75 39.32
CA GLN D 480 -6.84 -26.30 40.54
C GLN D 480 -5.39 -26.71 40.31
N TRP D 481 -5.11 -27.31 39.15
CA TRP D 481 -3.77 -27.80 38.86
C TRP D 481 -2.75 -26.68 38.89
N CYS D 482 -3.13 -25.48 38.42
CA CYS D 482 -2.22 -24.35 38.52
C CYS D 482 -1.91 -23.98 39.97
N ALA D 483 -2.93 -23.98 40.83
CA ALA D 483 -2.67 -23.70 42.26
C ALA D 483 -1.75 -24.75 42.85
N ASP D 484 -2.03 -26.03 42.59
CA ASP D 484 -1.19 -27.11 43.09
C ASP D 484 0.28 -26.86 42.78
N ARG D 485 0.58 -26.37 41.57
CA ARG D 485 1.96 -26.07 41.19
C ARG D 485 2.29 -24.59 41.35
N ASN D 486 1.39 -23.80 41.94
CA ASN D 486 1.58 -22.36 42.10
C ASN D 486 2.00 -21.72 40.77
N PHE D 487 1.28 -22.08 39.71
CA PHE D 487 1.37 -21.36 38.46
C PHE D 487 0.43 -20.16 38.52
N THR D 488 0.69 -19.18 37.64
CA THR D 488 -0.20 -18.04 37.53
C THR D 488 -1.64 -18.52 37.29
N LYS D 489 -2.59 -17.82 37.88
CA LYS D 489 -3.96 -18.29 37.89
C LYS D 489 -4.62 -17.98 36.55
N PRO D 490 -5.29 -18.94 35.90
CA PRO D 490 -5.92 -18.69 34.60
C PRO D 490 -6.91 -17.53 34.63
N GLN D 491 -6.88 -16.72 33.57
CA GLN D 491 -7.75 -15.56 33.45
C GLN D 491 -8.88 -15.84 32.48
#